data_5C3M
#
_entry.id   5C3M
#
_cell.length_a   185.324
_cell.length_b   83.198
_cell.length_c   151.372
_cell.angle_alpha   90.00
_cell.angle_beta   113.61
_cell.angle_gamma   90.00
#
_symmetry.space_group_name_H-M   'C 1 2 1'
#
loop_
_entity.id
_entity.type
_entity.pdbx_description
1 polymer 'Putative 6-phospho-beta-glucosidase'
2 non-polymer 'MANGANESE (II) ION'
3 water water
#
_entity_poly.entity_id   1
_entity_poly.type   'polypeptide(L)'
_entity_poly.pdbx_seq_one_letter_code
;MGKRLKMATIGGGSSYTPELVEGLIKRYHELPVGELWLVDIPEGKEKLEIVGALAKRMVEKAGVPIEIHLTLDRRRALEG
ADFVTTQFRVGGLEARAKDERIPLKYGVIGQETNGPGGLFKGLRTIPVILDIIRDMEELCPDAWLINFTNPAGMVTEAVL
RYTKQEKVVGLCNVPIGMRMGVAKLLGVDADRVHIDFAGLNHMVFGLHVYLDGVEVTEKVIDLVAHPDRSGVTMKNIVDL
GWEPDFLKGLKVLPCPYHRYYYQTDKMLAEELEAAKTKGTRAEVVQQLEKELFELYKDPNLAIKPPQLEQRGGAYYSDAA
CSLISSIYNDKRDIQPVNTRNNGAIASIPPESAVEVNCVITKDGPKPIAVGDLPVAVRGLVQQIKSFERVAAEAAVTGDY
QTALVAMTINPLVPSDTIAKQMLDEMLEAHKEHLPQFFKQAKTVAGN
;
_entity_poly.pdbx_strand_id   A,B,C,D
#
# COMPACT_ATOMS: atom_id res chain seq x y z
N LEU A 5 33.80 4.52 46.44
CA LEU A 5 33.85 4.09 45.04
C LEU A 5 32.68 3.15 44.70
N LYS A 6 31.76 3.64 43.88
CA LYS A 6 30.51 2.92 43.59
C LYS A 6 30.47 2.35 42.18
N MET A 7 30.75 1.06 42.05
CA MET A 7 30.54 0.35 40.80
C MET A 7 29.04 0.26 40.52
N ALA A 8 28.69 -0.03 39.27
CA ALA A 8 27.29 -0.22 38.89
C ALA A 8 27.26 -1.17 37.68
N THR A 9 26.30 -2.08 37.64
CA THR A 9 26.33 -3.14 36.63
C THR A 9 24.98 -3.37 35.98
N ILE A 10 24.94 -3.29 34.65
CA ILE A 10 23.70 -3.46 33.91
C ILE A 10 23.59 -4.86 33.32
N GLY A 11 22.52 -5.54 33.69
CA GLY A 11 22.38 -6.95 33.41
C GLY A 11 22.87 -7.70 34.63
N GLY A 12 22.35 -7.30 35.78
CA GLY A 12 22.74 -7.92 37.03
C GLY A 12 22.34 -9.38 37.09
N GLY A 13 21.21 -9.71 36.48
CA GLY A 13 20.67 -11.05 36.55
C GLY A 13 21.37 -12.05 35.66
N SER A 14 22.47 -11.64 35.05
CA SER A 14 23.17 -12.53 34.13
C SER A 14 23.66 -13.79 34.80
N SER A 15 23.78 -14.84 34.00
CA SER A 15 24.33 -16.11 34.43
C SER A 15 25.77 -16.00 34.92
N TYR A 16 26.41 -14.88 34.60
CA TYR A 16 27.85 -14.76 34.80
C TYR A 16 28.27 -13.94 36.02
N THR A 17 27.30 -13.34 36.72
CA THR A 17 27.61 -12.51 37.89
C THR A 17 28.47 -13.21 38.95
N PRO A 18 28.31 -14.53 39.13
CA PRO A 18 29.34 -15.26 39.84
C PRO A 18 30.75 -14.89 39.36
N GLU A 19 31.05 -15.19 38.11
CA GLU A 19 32.36 -14.89 37.53
C GLU A 19 32.75 -13.44 37.75
N LEU A 20 31.77 -12.58 37.99
CA LEU A 20 32.06 -11.17 38.20
C LEU A 20 32.48 -10.91 39.63
N VAL A 21 31.60 -11.17 40.59
CA VAL A 21 31.90 -10.87 41.97
C VAL A 21 32.87 -11.88 42.56
N GLU A 22 33.34 -12.81 41.74
CA GLU A 22 34.43 -13.69 42.17
C GLU A 22 35.75 -13.05 41.74
N GLY A 23 35.69 -12.25 40.69
CA GLY A 23 36.86 -11.52 40.27
C GLY A 23 37.25 -10.54 41.36
N LEU A 24 36.27 -9.75 41.81
CA LEU A 24 36.53 -8.66 42.75
C LEU A 24 37.12 -9.13 44.07
N ILE A 25 36.68 -10.28 44.55
CA ILE A 25 37.18 -10.79 45.82
C ILE A 25 38.69 -10.98 45.72
N LYS A 26 39.16 -11.44 44.57
CA LYS A 26 40.60 -11.55 44.38
C LYS A 26 41.25 -10.21 44.03
N ARG A 27 40.54 -9.10 44.24
CA ARG A 27 41.09 -7.79 43.92
C ARG A 27 40.45 -6.64 44.71
N TYR A 28 39.99 -6.94 45.93
CA TYR A 28 39.55 -5.89 46.85
C TYR A 28 40.81 -5.20 47.37
N HIS A 29 41.92 -5.92 47.27
CA HIS A 29 43.27 -5.41 47.55
C HIS A 29 43.55 -4.01 47.06
N GLU A 30 42.99 -3.69 45.89
CA GLU A 30 43.19 -2.40 45.26
C GLU A 30 41.88 -1.72 44.86
N LEU A 31 40.75 -2.41 44.93
CA LEU A 31 39.50 -1.79 44.52
C LEU A 31 38.55 -1.47 45.66
N PRO A 32 38.60 -0.22 46.14
CA PRO A 32 37.77 0.21 47.28
C PRO A 32 36.32 0.39 46.93
N VAL A 33 35.66 -0.68 46.48
CA VAL A 33 34.27 -0.60 46.08
C VAL A 33 33.37 -0.67 47.29
N GLY A 34 32.77 0.47 47.63
CA GLY A 34 31.84 0.51 48.73
C GLY A 34 30.56 -0.09 48.26
N GLU A 35 29.72 0.73 47.66
CA GLU A 35 28.42 0.29 47.21
C GLU A 35 28.44 -0.21 45.77
N LEU A 36 28.29 -1.52 45.60
CA LEU A 36 28.07 -2.10 44.27
C LEU A 36 26.57 -2.22 44.00
N TRP A 37 26.16 -2.03 42.76
CA TRP A 37 24.76 -2.20 42.39
C TRP A 37 24.60 -3.19 41.23
N LEU A 38 23.50 -3.92 41.22
CA LEU A 38 23.16 -4.86 40.14
C LEU A 38 21.77 -4.55 39.58
N VAL A 39 21.68 -4.19 38.31
CA VAL A 39 20.38 -3.85 37.74
C VAL A 39 19.96 -4.77 36.60
N ASP A 40 18.66 -4.69 36.29
CA ASP A 40 18.05 -5.46 35.23
C ASP A 40 16.67 -4.88 34.94
N ILE A 41 16.03 -5.40 33.89
CA ILE A 41 14.67 -4.99 33.57
C ILE A 41 13.68 -5.86 34.31
N PRO A 42 12.51 -5.33 34.62
CA PRO A 42 11.48 -6.04 35.39
C PRO A 42 11.16 -7.43 34.83
N GLU A 43 11.52 -7.69 33.59
CA GLU A 43 11.31 -8.99 32.96
C GLU A 43 12.33 -10.02 33.41
N GLY A 44 13.32 -9.58 34.19
CA GLY A 44 14.30 -10.49 34.73
C GLY A 44 14.42 -10.32 36.23
N LYS A 45 13.45 -9.63 36.81
CA LYS A 45 13.44 -9.31 38.22
C LYS A 45 13.76 -10.51 39.09
N GLU A 46 13.14 -11.64 38.78
CA GLU A 46 13.34 -12.82 39.58
C GLU A 46 14.76 -13.37 39.45
N LYS A 47 15.18 -13.67 38.23
CA LYS A 47 16.52 -14.20 38.01
C LYS A 47 17.60 -13.28 38.60
N LEU A 48 17.26 -12.02 38.77
CA LEU A 48 18.17 -11.09 39.41
C LEU A 48 18.35 -11.48 40.85
N GLU A 49 17.25 -11.68 41.55
CA GLU A 49 17.29 -11.89 42.99
C GLU A 49 17.79 -13.27 43.37
N ILE A 50 17.68 -14.22 42.45
CA ILE A 50 18.21 -15.57 42.69
C ILE A 50 19.72 -15.51 42.86
N VAL A 51 20.36 -14.53 42.22
CA VAL A 51 21.82 -14.38 42.34
C VAL A 51 22.21 -13.24 43.26
N GLY A 52 21.33 -12.26 43.43
CA GLY A 52 21.58 -11.15 44.32
C GLY A 52 21.87 -11.65 45.72
N ALA A 53 21.05 -12.57 46.19
CA ALA A 53 21.26 -13.17 47.50
C ALA A 53 22.53 -14.02 47.52
N LEU A 54 22.99 -14.45 46.35
CA LEU A 54 24.20 -15.26 46.27
C LEU A 54 25.43 -14.34 46.30
N ALA A 55 25.21 -13.07 46.00
CA ALA A 55 26.27 -12.09 46.11
C ALA A 55 26.56 -11.86 47.57
N LYS A 56 25.53 -11.45 48.30
CA LYS A 56 25.64 -11.13 49.71
C LYS A 56 26.20 -12.30 50.51
N ARG A 57 26.21 -13.48 49.89
CA ARG A 57 26.75 -14.67 50.53
C ARG A 57 28.27 -14.66 50.57
N MET A 58 28.87 -14.52 49.40
CA MET A 58 30.31 -14.67 49.27
C MET A 58 31.07 -13.44 49.72
N VAL A 59 30.38 -12.30 49.82
CA VAL A 59 30.99 -11.13 50.42
C VAL A 59 30.80 -11.22 51.93
N GLU A 60 30.18 -12.31 52.35
CA GLU A 60 30.06 -12.64 53.76
C GLU A 60 30.98 -13.80 54.09
N LYS A 61 31.24 -14.64 53.10
CA LYS A 61 32.09 -15.82 53.28
C LYS A 61 33.56 -15.48 53.09
N ALA A 62 33.84 -14.24 52.69
CA ALA A 62 35.21 -13.79 52.48
C ALA A 62 35.48 -12.51 53.27
N GLY A 63 34.42 -12.00 53.89
CA GLY A 63 34.54 -10.85 54.77
C GLY A 63 34.92 -9.59 54.01
N VAL A 64 33.98 -9.10 53.22
CA VAL A 64 34.18 -7.94 52.36
C VAL A 64 33.04 -6.94 52.52
N PRO A 65 33.34 -5.69 52.86
CA PRO A 65 32.34 -4.66 53.19
C PRO A 65 31.63 -4.06 51.97
N ILE A 66 31.28 -4.90 51.00
CA ILE A 66 30.66 -4.45 49.76
C ILE A 66 29.14 -4.53 49.78
N GLU A 67 28.49 -3.37 49.77
CA GLU A 67 27.04 -3.32 49.87
C GLU A 67 26.32 -3.77 48.60
N ILE A 68 25.84 -5.01 48.58
CA ILE A 68 25.07 -5.50 47.44
C ILE A 68 23.67 -4.89 47.40
N HIS A 69 23.46 -3.98 46.45
CA HIS A 69 22.13 -3.40 46.25
C HIS A 69 21.52 -3.88 44.95
N LEU A 70 20.21 -4.05 44.92
CA LEU A 70 19.54 -4.47 43.71
C LEU A 70 18.44 -3.49 43.38
N THR A 71 18.18 -3.30 42.09
CA THR A 71 17.22 -2.30 41.63
C THR A 71 16.85 -2.51 40.16
N LEU A 72 15.64 -2.09 39.80
CA LEU A 72 15.20 -2.01 38.41
C LEU A 72 15.38 -0.59 37.89
N ASP A 73 14.94 0.37 38.72
CA ASP A 73 15.20 1.80 38.51
C ASP A 73 16.68 2.04 38.25
N ARG A 74 17.09 1.95 36.99
CA ARG A 74 18.49 2.03 36.61
C ARG A 74 19.20 3.29 37.10
N ARG A 75 18.52 4.42 37.03
CA ARG A 75 19.18 5.70 37.21
C ARG A 75 19.71 5.91 38.62
N ARG A 76 18.98 5.39 39.60
CA ARG A 76 19.43 5.48 40.99
C ARG A 76 20.71 4.69 41.20
N ALA A 77 20.99 3.76 40.29
CA ALA A 77 22.22 2.99 40.34
C ALA A 77 23.36 3.75 39.68
N LEU A 78 23.01 4.83 39.00
CA LEU A 78 24.00 5.71 38.41
C LEU A 78 24.11 6.95 39.26
N GLU A 79 23.52 6.89 40.44
CA GLU A 79 23.65 7.98 41.40
C GLU A 79 25.11 8.06 41.83
N GLY A 80 25.84 8.98 41.23
CA GLY A 80 27.24 9.18 41.56
C GLY A 80 28.11 7.97 41.28
N ALA A 81 27.67 7.11 40.36
CA ALA A 81 28.43 5.92 40.02
C ALA A 81 29.81 6.29 39.47
N ASP A 82 30.78 5.42 39.66
CA ASP A 82 32.14 5.68 39.21
C ASP A 82 32.55 4.76 38.10
N PHE A 83 32.08 3.52 38.15
CA PHE A 83 32.27 2.60 37.05
C PHE A 83 30.93 2.02 36.63
N VAL A 84 30.77 1.78 35.33
CA VAL A 84 29.54 1.23 34.80
C VAL A 84 29.91 0.11 33.86
N THR A 85 29.27 -1.04 34.00
CA THR A 85 29.57 -2.16 33.13
C THR A 85 28.30 -2.79 32.52
N THR A 86 28.48 -3.61 31.50
CA THR A 86 27.37 -4.11 30.71
C THR A 86 27.54 -5.55 30.22
N GLN A 87 26.68 -6.43 30.70
CA GLN A 87 26.69 -7.84 30.30
C GLN A 87 25.30 -8.29 29.88
N PHE A 88 24.34 -7.37 29.93
CA PHE A 88 22.95 -7.69 29.60
C PHE A 88 22.76 -8.17 28.16
N ARG A 89 21.61 -8.82 27.92
CA ARG A 89 21.24 -9.27 26.58
C ARG A 89 19.88 -8.69 26.23
N VAL A 90 19.81 -8.02 25.10
CA VAL A 90 18.56 -7.39 24.71
C VAL A 90 17.66 -8.41 24.05
N GLY A 91 16.46 -8.58 24.58
CA GLY A 91 15.54 -9.56 24.04
C GLY A 91 15.51 -10.86 24.80
N GLY A 92 16.30 -10.94 25.85
CA GLY A 92 16.52 -12.20 26.54
C GLY A 92 17.30 -13.12 25.64
N LEU A 93 17.43 -14.36 26.08
CA LEU A 93 18.17 -15.36 25.34
C LEU A 93 17.22 -16.03 24.36
N GLU A 94 15.95 -15.63 24.46
CA GLU A 94 14.94 -16.03 23.48
C GLU A 94 15.14 -15.28 22.17
N ALA A 95 15.62 -14.05 22.27
CA ALA A 95 15.98 -13.30 21.08
C ALA A 95 17.15 -13.95 20.35
N ARG A 96 18.17 -14.38 21.09
CA ARG A 96 19.30 -15.08 20.49
C ARG A 96 18.82 -16.36 19.79
N ALA A 97 17.71 -16.91 20.26
CA ALA A 97 17.16 -18.11 19.69
C ALA A 97 16.76 -17.89 18.24
N LYS A 98 16.00 -16.83 17.98
CA LYS A 98 15.59 -16.51 16.61
C LYS A 98 16.79 -16.27 15.69
N ASP A 99 17.81 -15.58 16.19
CA ASP A 99 18.93 -15.20 15.35
C ASP A 99 19.79 -16.39 14.95
N GLU A 100 19.58 -17.54 15.59
CA GLU A 100 20.38 -18.72 15.26
C GLU A 100 19.60 -19.69 14.40
N ARG A 101 18.29 -19.47 14.29
CA ARG A 101 17.41 -20.39 13.57
C ARG A 101 16.92 -19.84 12.23
N ILE A 102 16.48 -18.58 12.23
CA ILE A 102 16.07 -17.92 10.99
C ILE A 102 17.13 -18.01 9.89
N PRO A 103 18.41 -17.79 10.21
CA PRO A 103 19.38 -18.03 9.13
C PRO A 103 19.46 -19.47 8.67
N LEU A 104 19.20 -20.42 9.55
CA LEU A 104 19.35 -21.83 9.19
C LEU A 104 18.49 -22.20 7.99
N LYS A 105 17.34 -21.54 7.86
CA LYS A 105 16.45 -21.74 6.74
C LYS A 105 17.17 -21.55 5.42
N TYR A 106 18.05 -20.55 5.37
CA TYR A 106 18.60 -20.07 4.13
C TYR A 106 19.99 -20.59 3.84
N GLY A 107 20.56 -21.34 4.76
CA GLY A 107 21.92 -21.84 4.62
C GLY A 107 22.95 -20.88 5.20
N VAL A 108 22.45 -19.81 5.80
CA VAL A 108 23.31 -18.75 6.30
C VAL A 108 23.59 -18.97 7.79
N ILE A 109 24.80 -18.61 8.20
CA ILE A 109 25.25 -18.81 9.56
C ILE A 109 24.32 -18.20 10.60
N GLY A 110 23.95 -19.00 11.58
CA GLY A 110 23.09 -18.55 12.65
C GLY A 110 23.87 -18.49 13.93
N GLN A 111 24.81 -17.56 13.97
CA GLN A 111 25.66 -17.33 15.12
C GLN A 111 25.13 -16.08 15.80
N GLU A 112 25.61 -15.75 16.99
CA GLU A 112 25.03 -14.64 17.72
C GLU A 112 25.72 -13.32 17.43
N THR A 113 26.99 -13.36 17.03
CA THR A 113 27.70 -12.13 16.69
C THR A 113 28.43 -12.22 15.37
N ASN A 114 28.00 -13.12 14.50
CA ASN A 114 28.58 -13.19 13.17
C ASN A 114 27.49 -13.34 12.13
N GLY A 115 27.68 -12.76 10.96
CA GLY A 115 26.67 -12.78 9.93
C GLY A 115 25.39 -12.10 10.36
N PRO A 116 24.26 -12.53 9.81
CA PRO A 116 22.94 -11.96 10.05
C PRO A 116 22.60 -11.74 11.51
N GLY A 117 22.93 -12.70 12.35
CA GLY A 117 22.62 -12.61 13.76
C GLY A 117 23.35 -11.44 14.38
N GLY A 118 24.66 -11.41 14.14
CA GLY A 118 25.51 -10.32 14.56
C GLY A 118 24.95 -8.96 14.20
N LEU A 119 24.49 -8.81 12.96
CA LEU A 119 23.85 -7.58 12.56
C LEU A 119 22.68 -7.28 13.47
N PHE A 120 21.87 -8.28 13.74
CA PHE A 120 20.65 -8.02 14.47
C PHE A 120 20.90 -7.94 15.97
N LYS A 121 21.85 -8.72 16.46
CA LYS A 121 22.20 -8.60 17.87
C LYS A 121 22.60 -7.16 18.11
N GLY A 122 23.44 -6.62 17.23
CA GLY A 122 23.77 -5.21 17.25
C GLY A 122 22.56 -4.31 17.16
N LEU A 123 21.84 -4.37 16.03
CA LEU A 123 20.67 -3.54 15.77
C LEU A 123 19.73 -3.36 16.95
N ARG A 124 19.78 -4.30 17.90
CA ARG A 124 18.98 -4.24 19.11
C ARG A 124 19.69 -3.57 20.26
N THR A 125 20.99 -3.86 20.40
CA THR A 125 21.76 -3.43 21.56
C THR A 125 22.13 -1.96 21.48
N ILE A 126 22.83 -1.59 20.41
CA ILE A 126 23.38 -0.26 20.23
C ILE A 126 22.45 0.87 20.66
N PRO A 127 21.19 0.87 20.22
CA PRO A 127 20.40 2.03 20.64
C PRO A 127 20.19 2.09 22.14
N VAL A 128 20.31 0.95 22.81
CA VAL A 128 20.14 0.93 24.26
C VAL A 128 21.40 1.43 24.97
N ILE A 129 22.56 0.94 24.54
CA ILE A 129 23.82 1.45 25.04
C ILE A 129 23.86 2.98 24.95
N LEU A 130 23.41 3.51 23.83
CA LEU A 130 23.39 4.94 23.66
C LEU A 130 22.45 5.60 24.66
N ASP A 131 21.45 4.86 25.11
CA ASP A 131 20.50 5.41 26.06
C ASP A 131 21.08 5.42 27.46
N ILE A 132 21.76 4.35 27.81
CA ILE A 132 22.46 4.24 29.07
C ILE A 132 23.46 5.39 29.22
N ILE A 133 24.16 5.71 28.14
CA ILE A 133 25.09 6.83 28.12
C ILE A 133 24.37 8.16 28.22
N ARG A 134 23.29 8.28 27.45
CA ARG A 134 22.51 9.51 27.41
C ARG A 134 22.22 10.04 28.80
N ASP A 135 22.05 9.12 29.76
CA ASP A 135 21.91 9.55 31.15
C ASP A 135 23.06 9.08 32.01
N MET A 136 24.08 8.53 31.40
CA MET A 136 25.29 8.29 32.13
C MET A 136 25.99 9.61 32.24
N GLU A 137 25.83 10.41 31.20
CA GLU A 137 26.33 11.77 31.18
C GLU A 137 25.56 12.62 32.19
N GLU A 138 24.31 12.19 32.43
CA GLU A 138 23.40 12.79 33.41
C GLU A 138 23.98 12.69 34.82
N LEU A 139 24.31 11.48 35.22
CA LEU A 139 24.54 11.17 36.63
C LEU A 139 25.98 10.72 36.89
N CYS A 140 26.72 10.42 35.83
CA CYS A 140 28.11 9.97 36.01
C CYS A 140 29.00 10.42 34.87
N PRO A 141 29.01 11.72 34.57
CA PRO A 141 29.78 12.13 33.39
C PRO A 141 31.27 11.89 33.58
N ASP A 142 31.67 11.62 34.81
CA ASP A 142 33.07 11.35 35.12
C ASP A 142 33.37 9.87 35.07
N ALA A 143 32.32 9.05 35.07
CA ALA A 143 32.48 7.61 35.23
C ALA A 143 32.92 6.90 33.98
N TRP A 144 33.59 5.77 34.15
CA TRP A 144 33.99 4.93 33.03
C TRP A 144 32.86 4.03 32.55
N LEU A 145 33.04 3.47 31.36
CA LEU A 145 32.13 2.50 30.79
C LEU A 145 32.90 1.29 30.26
N ILE A 146 32.68 0.12 30.86
CA ILE A 146 33.38 -1.07 30.41
C ILE A 146 32.36 -2.08 29.91
N ASN A 147 32.54 -2.58 28.69
CA ASN A 147 31.48 -3.36 28.05
C ASN A 147 31.83 -4.73 27.47
N PHE A 148 30.90 -5.67 27.70
CA PHE A 148 30.98 -7.01 27.14
C PHE A 148 29.83 -7.21 26.16
N THR A 149 28.67 -6.71 26.58
CA THR A 149 27.40 -6.88 25.87
C THR A 149 27.59 -6.91 24.38
N ASN A 150 27.82 -8.10 23.84
CA ASN A 150 28.14 -8.27 22.43
C ASN A 150 27.14 -7.66 21.43
N PRO A 151 27.57 -7.49 20.16
CA PRO A 151 28.91 -7.73 19.61
C PRO A 151 29.87 -6.64 20.04
N ALA A 152 30.91 -7.00 20.78
CA ALA A 152 31.76 -6.00 21.41
C ALA A 152 32.36 -5.08 20.35
N GLY A 153 32.80 -5.68 19.26
CA GLY A 153 33.36 -4.96 18.13
C GLY A 153 32.55 -3.77 17.65
N MET A 154 31.30 -4.00 17.28
CA MET A 154 30.50 -2.90 16.73
C MET A 154 29.78 -2.14 17.81
N VAL A 155 29.90 -2.59 19.06
CA VAL A 155 29.34 -1.80 20.16
C VAL A 155 30.29 -0.65 20.48
N THR A 156 31.59 -0.95 20.58
CA THR A 156 32.60 0.08 20.81
C THR A 156 32.55 1.13 19.70
N GLU A 157 32.75 0.67 18.47
CA GLU A 157 32.64 1.48 17.26
C GLU A 157 31.50 2.45 17.25
N ALA A 158 30.30 1.96 17.53
CA ALA A 158 29.12 2.79 17.51
C ALA A 158 29.21 3.89 18.55
N VAL A 159 29.84 3.59 19.68
CA VAL A 159 29.91 4.51 20.81
C VAL A 159 30.82 5.69 20.51
N LEU A 160 31.94 5.42 19.84
CA LEU A 160 32.80 6.49 19.37
C LEU A 160 32.12 7.37 18.33
N ARG A 161 31.51 6.77 17.31
CA ARG A 161 30.94 7.57 16.24
C ARG A 161 29.66 8.34 16.59
N TYR A 162 28.92 7.92 17.60
CA TYR A 162 27.63 8.57 17.85
C TYR A 162 27.45 9.06 19.28
N THR A 163 28.54 9.11 20.03
CA THR A 163 28.51 9.71 21.36
C THR A 163 29.80 10.48 21.66
N LYS A 164 29.75 11.33 22.68
CA LYS A 164 30.92 12.10 23.08
C LYS A 164 31.63 11.45 24.27
N GLN A 165 31.19 10.27 24.66
CA GLN A 165 31.86 9.52 25.70
C GLN A 165 33.21 9.05 25.23
N GLU A 166 34.28 9.54 25.85
CA GLU A 166 35.62 9.08 25.52
C GLU A 166 36.00 7.90 26.40
N LYS A 167 35.29 7.75 27.52
CA LYS A 167 35.60 6.71 28.51
C LYS A 167 34.91 5.38 28.21
N VAL A 168 35.51 4.58 27.34
CA VAL A 168 34.94 3.30 26.90
C VAL A 168 36.01 2.24 26.67
N VAL A 169 35.76 1.01 27.11
CA VAL A 169 36.62 -0.13 26.79
C VAL A 169 35.76 -1.34 26.45
N GLY A 170 36.29 -2.29 25.71
CA GLY A 170 35.55 -3.49 25.36
C GLY A 170 36.35 -4.75 25.60
N LEU A 171 35.70 -5.81 26.08
CA LEU A 171 36.40 -7.06 26.39
C LEU A 171 35.78 -8.30 25.77
N CYS A 172 36.60 -9.24 25.35
CA CYS A 172 36.14 -10.56 24.97
C CYS A 172 37.19 -11.57 25.38
N ASN A 173 36.77 -12.81 25.59
CA ASN A 173 37.65 -13.84 26.13
C ASN A 173 38.47 -14.53 25.06
N VAL A 174 38.27 -14.13 23.81
CA VAL A 174 39.00 -14.73 22.71
C VAL A 174 40.52 -14.63 22.85
N PRO A 175 41.04 -13.47 23.29
CA PRO A 175 42.50 -13.42 23.38
C PRO A 175 43.01 -14.16 24.60
N ILE A 176 42.44 -13.88 25.76
CA ILE A 176 42.86 -14.55 26.99
C ILE A 176 42.76 -16.04 26.80
N GLY A 177 41.72 -16.49 26.12
CA GLY A 177 41.59 -17.88 25.80
C GLY A 177 42.82 -18.28 25.03
N MET A 178 43.00 -17.63 23.88
CA MET A 178 44.11 -17.95 22.98
C MET A 178 45.44 -17.90 23.69
N ARG A 179 45.51 -17.14 24.77
CA ARG A 179 46.74 -17.07 25.52
C ARG A 179 46.99 -18.39 26.20
N MET A 180 46.21 -18.68 27.22
CA MET A 180 46.40 -19.92 27.95
C MET A 180 46.29 -21.08 26.99
N GLY A 181 45.35 -20.95 26.04
CA GLY A 181 45.25 -21.90 24.97
C GLY A 181 46.61 -22.20 24.36
N VAL A 182 47.32 -21.15 23.94
CA VAL A 182 48.60 -21.36 23.31
C VAL A 182 49.63 -21.62 24.40
N ALA A 183 49.37 -21.09 25.58
CA ALA A 183 50.29 -21.27 26.68
C ALA A 183 50.40 -22.75 27.00
N LYS A 184 49.23 -23.34 27.24
CA LYS A 184 49.14 -24.76 27.53
C LYS A 184 50.01 -25.56 26.57
N LEU A 185 49.69 -25.45 25.29
CA LEU A 185 50.41 -26.11 24.21
C LEU A 185 51.87 -26.43 24.51
N LEU A 186 52.71 -25.40 24.51
CA LEU A 186 54.12 -25.61 24.73
C LEU A 186 54.34 -26.30 26.06
N GLY A 187 53.62 -25.87 27.09
CA GLY A 187 53.74 -26.47 28.40
C GLY A 187 54.48 -25.61 29.41
N VAL A 188 54.18 -24.32 29.42
CA VAL A 188 54.78 -23.43 30.40
C VAL A 188 53.70 -22.61 31.08
N ASP A 189 54.08 -21.86 32.11
CA ASP A 189 53.11 -21.02 32.77
C ASP A 189 52.68 -19.92 31.85
N ALA A 190 51.43 -19.48 31.99
CA ALA A 190 50.91 -18.37 31.20
C ALA A 190 51.73 -17.13 31.44
N ASP A 191 52.28 -17.02 32.63
CA ASP A 191 53.14 -15.90 32.98
C ASP A 191 54.33 -15.81 32.03
N ARG A 192 54.58 -16.89 31.30
CA ARG A 192 55.80 -17.01 30.50
C ARG A 192 55.51 -16.92 29.00
N VAL A 193 54.30 -16.52 28.66
CA VAL A 193 53.88 -16.47 27.27
C VAL A 193 53.09 -15.21 26.95
N HIS A 194 53.48 -14.52 25.90
CA HIS A 194 52.75 -13.33 25.51
C HIS A 194 52.58 -13.27 24.01
N ILE A 195 51.47 -12.69 23.57
CA ILE A 195 51.11 -12.62 22.16
C ILE A 195 50.76 -11.20 21.76
N ASP A 196 51.03 -10.85 20.50
CA ASP A 196 50.62 -9.55 19.97
C ASP A 196 49.26 -9.64 19.28
N PHE A 197 48.25 -9.01 19.86
CA PHE A 197 46.90 -9.07 19.26
C PHE A 197 46.54 -7.81 18.49
N ALA A 198 46.19 -8.01 17.22
CA ALA A 198 45.70 -6.95 16.34
C ALA A 198 44.46 -7.40 15.57
N GLY A 199 43.42 -6.58 15.57
CA GLY A 199 42.25 -6.93 14.80
C GLY A 199 41.02 -6.24 15.32
N LEU A 200 39.87 -6.89 15.23
CA LEU A 200 38.67 -6.37 15.84
C LEU A 200 38.13 -7.43 16.74
N ASN A 201 37.04 -7.15 17.43
CA ASN A 201 36.42 -8.14 18.30
C ASN A 201 35.97 -9.31 17.50
N HIS A 202 36.17 -10.52 18.03
CA HIS A 202 35.94 -11.78 17.33
C HIS A 202 36.54 -11.75 15.96
N MET A 203 37.70 -11.12 15.88
CA MET A 203 38.39 -10.91 14.63
C MET A 203 39.77 -10.41 15.01
N VAL A 204 40.46 -11.23 15.79
CA VAL A 204 41.67 -10.83 16.47
C VAL A 204 42.74 -11.88 16.25
N PHE A 205 43.98 -11.45 16.09
CA PHE A 205 45.00 -12.35 15.62
C PHE A 205 46.16 -12.45 16.55
N GLY A 206 46.76 -13.62 16.58
CA GLY A 206 48.02 -13.76 17.25
C GLY A 206 49.05 -13.41 16.21
N LEU A 207 49.49 -12.16 16.21
CA LEU A 207 50.43 -11.73 15.20
C LEU A 207 51.78 -12.34 15.44
N HIS A 208 52.23 -12.29 16.68
CA HIS A 208 53.44 -12.99 17.12
C HIS A 208 53.26 -13.53 18.51
N VAL A 209 53.89 -14.67 18.76
CA VAL A 209 53.81 -15.34 20.05
C VAL A 209 55.16 -15.36 20.73
N TYR A 210 55.20 -14.85 21.96
CA TYR A 210 56.44 -14.78 22.72
C TYR A 210 56.46 -15.76 23.85
N LEU A 211 57.60 -16.41 24.02
CA LEU A 211 57.90 -17.26 25.17
C LEU A 211 59.07 -16.66 25.94
N ASP A 212 58.75 -15.90 27.00
CA ASP A 212 59.70 -15.10 27.77
C ASP A 212 60.16 -13.84 27.05
N GLY A 213 59.51 -13.51 25.95
CA GLY A 213 59.93 -12.35 25.19
C GLY A 213 60.81 -12.76 24.04
N VAL A 214 60.96 -14.06 23.87
CA VAL A 214 61.53 -14.59 22.64
C VAL A 214 60.40 -15.10 21.75
N GLU A 215 60.44 -14.71 20.48
CA GLU A 215 59.35 -15.00 19.56
C GLU A 215 59.46 -16.39 19.00
N VAL A 216 58.45 -17.21 19.27
CA VAL A 216 58.47 -18.61 18.90
C VAL A 216 57.35 -18.97 17.92
N THR A 217 56.71 -17.93 17.39
CA THR A 217 55.50 -18.07 16.57
C THR A 217 55.54 -19.15 15.49
N GLU A 218 56.65 -19.30 14.80
CA GLU A 218 56.75 -20.36 13.79
C GLU A 218 56.63 -21.72 14.42
N LYS A 219 57.29 -21.93 15.55
CA LYS A 219 57.16 -23.16 16.31
C LYS A 219 55.70 -23.38 16.72
N VAL A 220 55.19 -22.49 17.56
CA VAL A 220 53.80 -22.55 18.02
C VAL A 220 52.79 -22.88 16.92
N ILE A 221 52.93 -22.25 15.76
CA ILE A 221 51.99 -22.54 14.71
C ILE A 221 52.16 -23.99 14.30
N ASP A 222 53.39 -24.38 14.06
CA ASP A 222 53.65 -25.75 13.62
C ASP A 222 53.12 -26.78 14.60
N LEU A 223 52.90 -26.38 15.85
CA LEU A 223 52.31 -27.28 16.83
C LEU A 223 50.79 -27.33 16.70
N VAL A 224 50.18 -26.16 16.56
CA VAL A 224 48.73 -26.07 16.40
C VAL A 224 48.30 -26.82 15.17
N ALA A 225 49.06 -26.64 14.11
CA ALA A 225 48.78 -27.29 12.83
C ALA A 225 49.03 -28.79 12.88
N HIS A 226 49.91 -29.21 13.79
CA HIS A 226 50.25 -30.62 13.94
C HIS A 226 50.43 -30.98 15.42
N PRO A 227 49.31 -31.30 16.09
CA PRO A 227 49.35 -31.69 17.51
C PRO A 227 49.98 -33.07 17.72
N LEU A 240 39.60 -27.51 17.52
CA LEU A 240 39.63 -26.79 16.26
C LEU A 240 39.99 -27.73 15.11
N GLY A 241 40.71 -27.19 14.14
CA GLY A 241 41.11 -27.96 12.98
C GLY A 241 41.45 -27.02 11.84
N TRP A 242 42.73 -26.74 11.66
CA TRP A 242 43.16 -25.83 10.61
C TRP A 242 44.03 -26.56 9.63
N GLU A 243 43.89 -26.25 8.36
CA GLU A 243 44.77 -26.81 7.36
C GLU A 243 46.19 -26.46 7.73
N PRO A 244 47.11 -27.42 7.64
CA PRO A 244 48.51 -27.17 7.96
C PRO A 244 49.08 -26.03 7.14
N ASP A 245 49.31 -26.27 5.86
CA ASP A 245 49.98 -25.33 5.00
C ASP A 245 49.28 -23.97 4.95
N PHE A 246 47.97 -23.97 5.09
CA PHE A 246 47.28 -22.70 5.16
C PHE A 246 47.76 -21.93 6.35
N LEU A 247 47.65 -22.55 7.52
CA LEU A 247 48.04 -21.91 8.77
C LEU A 247 49.50 -21.50 8.79
N LYS A 248 50.37 -22.31 8.20
CA LYS A 248 51.79 -21.98 8.16
C LYS A 248 52.10 -20.80 7.24
N GLY A 249 51.33 -20.67 6.18
CA GLY A 249 51.59 -19.66 5.17
C GLY A 249 50.96 -18.33 5.53
N LEU A 250 49.95 -18.36 6.38
CA LEU A 250 49.34 -17.14 6.89
C LEU A 250 50.25 -16.57 7.94
N LYS A 251 51.18 -17.40 8.41
CA LYS A 251 52.19 -17.05 9.41
C LYS A 251 51.70 -16.26 10.63
N VAL A 252 50.40 -16.22 10.86
CA VAL A 252 49.87 -15.68 12.11
C VAL A 252 48.82 -16.62 12.68
N LEU A 253 48.12 -16.20 13.73
CA LEU A 253 47.35 -17.13 14.55
C LEU A 253 45.91 -16.74 14.75
N PRO A 254 45.01 -17.30 13.95
CA PRO A 254 43.59 -16.96 13.88
C PRO A 254 42.83 -17.06 15.17
N CYS A 255 41.88 -16.14 15.31
CA CYS A 255 40.84 -16.23 16.32
C CYS A 255 39.98 -17.48 16.13
N PRO A 256 39.35 -17.97 17.19
CA PRO A 256 38.41 -19.09 17.00
C PRO A 256 37.13 -18.71 16.26
N TYR A 257 37.02 -17.46 15.82
CA TYR A 257 35.86 -17.01 15.05
C TYR A 257 36.23 -16.94 13.59
N HIS A 258 37.40 -17.42 13.26
CA HIS A 258 37.87 -17.35 11.89
C HIS A 258 37.52 -18.59 11.14
N ARG A 259 36.76 -19.45 11.79
CA ARG A 259 36.31 -20.66 11.13
C ARG A 259 35.06 -20.31 10.36
N TYR A 260 34.25 -19.42 10.92
CA TYR A 260 33.08 -18.93 10.23
C TYR A 260 33.43 -18.32 8.88
N TYR A 261 34.71 -18.03 8.68
CA TYR A 261 35.19 -17.29 7.54
C TYR A 261 36.16 -18.10 6.71
N TYR A 262 37.14 -18.72 7.37
CA TYR A 262 38.06 -19.62 6.69
C TYR A 262 37.59 -21.07 6.65
N GLN A 263 36.48 -21.37 7.31
CA GLN A 263 35.93 -22.72 7.29
C GLN A 263 34.42 -22.72 7.21
N THR A 264 33.85 -21.78 6.48
CA THR A 264 32.40 -21.54 6.52
C THR A 264 31.52 -22.77 6.31
N ASP A 265 32.03 -23.74 5.57
CA ASP A 265 31.20 -24.87 5.19
C ASP A 265 31.02 -25.80 6.37
N LYS A 266 32.14 -26.27 6.89
CA LYS A 266 32.18 -27.09 8.08
C LYS A 266 31.36 -26.45 9.19
N MET A 267 31.47 -25.14 9.32
CA MET A 267 30.78 -24.46 10.39
C MET A 267 29.27 -24.48 10.22
N LEU A 268 28.75 -24.67 9.02
CA LEU A 268 27.28 -24.71 8.98
C LEU A 268 26.80 -26.15 8.86
N ALA A 269 27.67 -27.06 8.46
CA ALA A 269 27.37 -28.46 8.65
C ALA A 269 27.07 -28.66 10.13
N GLU A 270 27.94 -28.12 10.97
CA GLU A 270 27.80 -28.21 12.42
C GLU A 270 26.60 -27.50 13.01
N GLU A 271 26.21 -26.36 12.46
CA GLU A 271 25.09 -25.63 13.03
C GLU A 271 23.78 -26.36 12.70
N LEU A 272 23.81 -27.29 11.75
CA LEU A 272 22.57 -27.92 11.33
C LEU A 272 22.32 -29.18 12.13
N GLU A 273 23.28 -30.10 12.16
CA GLU A 273 23.08 -31.30 12.94
C GLU A 273 22.91 -30.97 14.39
N ALA A 274 23.63 -29.96 14.85
CA ALA A 274 23.44 -29.53 16.21
C ALA A 274 22.05 -28.92 16.38
N ALA A 275 21.37 -28.62 15.29
CA ALA A 275 20.04 -28.04 15.40
C ALA A 275 18.98 -29.14 15.43
N LYS A 276 19.21 -30.18 14.62
CA LYS A 276 18.40 -31.39 14.67
C LYS A 276 18.53 -32.01 16.03
N THR A 277 19.76 -32.45 16.32
CA THR A 277 20.07 -33.14 17.55
C THR A 277 19.75 -32.29 18.77
N LYS A 278 20.73 -31.54 19.23
CA LYS A 278 20.68 -30.98 20.58
C LYS A 278 19.98 -29.63 20.66
N GLY A 279 19.76 -29.00 19.50
CA GLY A 279 19.21 -27.66 19.46
C GLY A 279 20.31 -26.63 19.28
N THR A 280 19.95 -25.39 18.99
CA THR A 280 20.99 -24.40 18.79
C THR A 280 21.52 -24.02 20.15
N ARG A 281 22.72 -23.44 20.20
CA ARG A 281 23.35 -23.18 21.48
C ARG A 281 22.49 -22.26 22.30
N ALA A 282 21.78 -21.37 21.64
CA ALA A 282 20.82 -20.52 22.35
C ALA A 282 19.91 -21.40 23.18
N GLU A 283 19.50 -22.51 22.58
CA GLU A 283 18.62 -23.46 23.22
C GLU A 283 19.35 -24.35 24.20
N VAL A 284 20.49 -24.89 23.78
CA VAL A 284 21.34 -25.67 24.66
C VAL A 284 21.71 -24.86 25.89
N VAL A 285 21.93 -23.56 25.70
CA VAL A 285 22.27 -22.69 26.81
C VAL A 285 21.03 -22.38 27.63
N GLN A 286 19.91 -22.12 26.96
CA GLN A 286 18.66 -21.74 27.61
C GLN A 286 18.27 -22.67 28.78
N GLN A 287 18.52 -23.96 28.61
CA GLN A 287 18.26 -24.94 29.67
C GLN A 287 19.41 -24.95 30.66
N LEU A 288 20.61 -25.24 30.17
CA LEU A 288 21.81 -25.25 31.02
C LEU A 288 21.93 -23.99 31.88
N GLU A 289 21.36 -22.89 31.40
CA GLU A 289 21.32 -21.67 32.19
C GLU A 289 20.14 -21.67 33.15
N LYS A 290 19.00 -22.18 32.69
CA LYS A 290 17.81 -22.23 33.54
C LYS A 290 17.98 -23.26 34.66
N GLU A 291 19.03 -24.06 34.55
CA GLU A 291 19.35 -25.05 35.56
C GLU A 291 20.53 -24.61 36.42
N LEU A 292 21.25 -23.59 35.98
CA LEU A 292 22.37 -23.09 36.77
C LEU A 292 21.83 -22.19 37.87
N PHE A 293 20.63 -21.67 37.68
CA PHE A 293 19.98 -20.87 38.71
C PHE A 293 19.43 -21.79 39.78
N GLU A 294 19.37 -23.08 39.47
CA GLU A 294 18.99 -24.09 40.44
C GLU A 294 19.97 -24.08 41.58
N LEU A 295 21.25 -24.20 41.26
CA LEU A 295 22.29 -24.25 42.27
C LEU A 295 22.35 -22.97 43.09
N TYR A 296 21.83 -21.89 42.54
CA TYR A 296 21.95 -20.59 43.18
C TYR A 296 20.90 -20.37 44.23
N LYS A 297 20.73 -21.33 45.15
CA LYS A 297 19.69 -21.18 46.16
C LYS A 297 20.11 -21.47 47.61
N ASP A 298 21.06 -22.40 47.83
CA ASP A 298 21.82 -22.47 49.07
C ASP A 298 22.82 -23.61 49.11
N PRO A 299 23.97 -23.40 49.79
CA PRO A 299 24.96 -24.45 50.02
C PRO A 299 24.89 -25.03 51.44
N GLY A 312 31.36 -22.93 32.48
CA GLY A 312 31.45 -23.03 31.04
C GLY A 312 30.76 -21.88 30.34
N GLY A 313 31.42 -21.32 29.34
CA GLY A 313 30.84 -20.25 28.55
C GLY A 313 31.76 -19.07 28.25
N ALA A 314 32.54 -18.66 29.25
CA ALA A 314 33.34 -17.43 29.13
C ALA A 314 34.37 -17.21 30.25
N TYR A 315 35.30 -16.31 29.99
CA TYR A 315 36.09 -15.61 31.01
C TYR A 315 35.69 -14.15 31.04
N TYR A 316 34.63 -13.84 30.29
CA TYR A 316 34.31 -12.51 29.78
C TYR A 316 34.49 -11.36 30.77
N SER A 317 34.77 -11.67 32.03
CA SER A 317 34.95 -10.59 32.98
C SER A 317 35.86 -10.97 34.17
N ASP A 318 36.55 -12.11 34.16
CA ASP A 318 37.73 -12.22 35.05
C ASP A 318 38.84 -11.45 34.42
N ALA A 319 38.98 -11.65 33.12
CA ALA A 319 39.94 -10.93 32.29
C ALA A 319 39.57 -9.45 32.18
N ALA A 320 38.32 -9.15 32.48
CA ALA A 320 37.85 -7.77 32.47
C ALA A 320 37.73 -7.20 33.85
N CYS A 321 38.45 -7.83 34.77
CA CYS A 321 38.69 -7.30 36.09
C CYS A 321 40.13 -6.88 36.15
N SER A 322 40.95 -7.67 35.48
CA SER A 322 42.36 -7.36 35.38
C SER A 322 42.49 -5.94 34.85
N LEU A 323 41.59 -5.58 33.96
CA LEU A 323 41.56 -4.25 33.41
C LEU A 323 41.24 -3.24 34.49
N ILE A 324 39.98 -3.17 34.89
CA ILE A 324 39.51 -2.20 35.88
C ILE A 324 40.48 -1.95 37.02
N SER A 325 41.19 -2.99 37.45
CA SER A 325 42.22 -2.83 38.48
C SER A 325 43.33 -1.92 37.96
N SER A 326 43.92 -2.32 36.82
CA SER A 326 44.98 -1.54 36.18
C SER A 326 44.56 -0.12 35.90
N ILE A 327 43.31 0.09 35.55
CA ILE A 327 42.84 1.44 35.31
C ILE A 327 42.88 2.28 36.57
N TYR A 328 42.58 1.71 37.73
CA TYR A 328 42.52 2.54 38.92
C TYR A 328 43.91 2.81 39.51
N ASN A 329 44.74 1.79 39.58
CA ASN A 329 46.06 1.93 40.19
C ASN A 329 47.15 2.30 39.18
N ASP A 330 46.76 2.56 37.93
CA ASP A 330 47.71 2.90 36.89
C ASP A 330 48.85 1.90 36.92
N LYS A 331 48.57 0.68 36.54
CA LYS A 331 49.59 -0.35 36.67
C LYS A 331 50.42 -0.51 35.41
N ARG A 332 49.88 -0.02 34.30
CA ARG A 332 50.56 -0.02 33.01
C ARG A 332 51.05 -1.38 32.56
N ASP A 333 50.20 -2.40 32.72
CA ASP A 333 50.53 -3.71 32.18
C ASP A 333 50.04 -3.80 30.74
N ILE A 334 50.10 -4.99 30.15
CA ILE A 334 49.73 -5.16 28.76
C ILE A 334 48.55 -6.12 28.56
N GLN A 335 47.35 -5.56 28.44
CA GLN A 335 46.14 -6.33 28.16
C GLN A 335 45.48 -5.99 26.80
N PRO A 336 45.00 -7.00 26.06
CA PRO A 336 44.28 -6.84 24.79
C PRO A 336 42.90 -6.29 24.97
N VAL A 337 42.58 -5.09 24.48
CA VAL A 337 41.21 -4.58 24.58
C VAL A 337 40.69 -3.88 23.31
N ASN A 338 39.46 -3.37 23.39
CA ASN A 338 38.86 -2.64 22.29
C ASN A 338 38.78 -1.14 22.56
N THR A 339 39.57 -0.36 21.83
CA THR A 339 39.62 1.10 21.96
C THR A 339 39.79 1.80 20.63
N ARG A 340 39.50 3.10 20.60
CA ARG A 340 39.69 3.93 19.43
C ARG A 340 41.03 3.64 18.78
N ASN A 341 41.04 3.44 17.47
CA ASN A 341 42.23 2.95 16.77
C ASN A 341 43.38 3.88 16.94
N ASN A 342 43.11 5.15 16.74
CA ASN A 342 44.13 6.17 16.85
C ASN A 342 45.37 5.85 16.01
N GLY A 343 45.17 5.09 14.95
CA GLY A 343 46.20 4.90 13.94
C GLY A 343 47.10 3.72 14.18
N ALA A 344 46.85 2.99 15.25
CA ALA A 344 47.65 1.82 15.56
C ALA A 344 47.56 0.75 14.48
N ILE A 345 46.33 0.48 14.04
CA ILE A 345 46.14 -0.31 12.82
C ILE A 345 45.92 0.60 11.63
N ALA A 346 46.93 0.67 10.77
CA ALA A 346 46.97 1.62 9.67
C ALA A 346 45.70 1.65 8.82
N SER A 347 45.19 0.46 8.49
CA SER A 347 44.07 0.34 7.59
C SER A 347 42.73 0.67 8.22
N ILE A 348 42.64 0.64 9.54
CA ILE A 348 41.41 1.02 10.21
C ILE A 348 41.46 2.50 10.39
N PRO A 349 40.34 3.22 10.20
CA PRO A 349 40.41 4.65 10.49
C PRO A 349 40.79 4.93 11.93
N PRO A 350 41.49 6.03 12.16
CA PRO A 350 41.89 6.31 13.54
C PRO A 350 40.69 6.54 14.45
N GLU A 351 39.56 6.96 13.88
CA GLU A 351 38.39 7.30 14.70
C GLU A 351 37.55 6.09 15.05
N SER A 352 37.95 4.93 14.56
CA SER A 352 37.20 3.71 14.76
C SER A 352 37.80 2.83 15.83
N ALA A 353 37.16 1.71 16.10
CA ALA A 353 37.53 0.83 17.20
C ALA A 353 38.24 -0.41 16.72
N VAL A 354 39.26 -0.83 17.44
CA VAL A 354 40.00 -2.04 17.10
C VAL A 354 40.18 -2.90 18.33
N GLU A 355 40.54 -4.18 18.15
CA GLU A 355 40.92 -5.01 19.28
C GLU A 355 42.42 -5.22 19.21
N VAL A 356 43.14 -4.50 20.07
CA VAL A 356 44.59 -4.50 20.09
C VAL A 356 45.15 -4.61 21.51
N ASN A 357 46.42 -4.97 21.64
CA ASN A 357 47.11 -4.90 22.93
C ASN A 357 47.22 -3.46 23.37
N CYS A 358 47.13 -3.21 24.67
CA CYS A 358 47.19 -1.84 25.16
C CYS A 358 47.94 -1.70 26.50
N VAL A 359 48.55 -0.54 26.71
CA VAL A 359 49.01 -0.14 28.03
C VAL A 359 47.84 0.42 28.79
N ILE A 360 47.62 -0.05 30.01
CA ILE A 360 46.47 0.40 30.78
C ILE A 360 46.85 1.51 31.76
N THR A 361 46.06 2.57 31.80
CA THR A 361 46.48 3.81 32.42
C THR A 361 45.29 4.49 33.05
N LYS A 362 45.52 5.20 34.14
CA LYS A 362 44.44 5.83 34.88
C LYS A 362 43.66 6.81 34.00
N ASP A 363 44.27 7.24 32.89
CA ASP A 363 43.61 8.12 31.94
C ASP A 363 42.92 7.33 30.82
N GLY A 364 43.35 6.08 30.65
CA GLY A 364 42.73 5.20 29.68
C GLY A 364 43.69 4.19 29.10
N PRO A 365 43.20 3.30 28.23
CA PRO A 365 44.14 2.42 27.53
C PRO A 365 44.85 3.13 26.40
N LYS A 366 46.11 2.76 26.18
CA LYS A 366 46.93 3.39 25.16
C LYS A 366 47.49 2.34 24.23
N PRO A 367 46.89 2.19 23.03
CA PRO A 367 47.34 1.15 22.11
C PRO A 367 48.80 1.26 21.72
N ILE A 368 49.52 0.14 21.78
CA ILE A 368 50.82 0.01 21.15
C ILE A 368 50.59 0.07 19.65
N ALA A 369 51.61 0.33 18.86
CA ALA A 369 51.40 0.44 17.44
C ALA A 369 51.63 -0.88 16.79
N VAL A 370 50.72 -1.26 15.91
CA VAL A 370 50.82 -2.50 15.18
C VAL A 370 51.48 -2.30 13.83
N GLY A 371 51.33 -1.13 13.25
CA GLY A 371 51.68 -0.92 11.87
C GLY A 371 50.41 -1.19 11.11
N ASP A 372 50.43 -2.14 10.19
CA ASP A 372 49.18 -2.60 9.62
C ASP A 372 49.07 -4.11 9.70
N LEU A 373 47.88 -4.63 9.42
CA LEU A 373 47.62 -6.06 9.47
C LEU A 373 48.41 -6.74 8.38
N PRO A 374 48.71 -8.03 8.54
CA PRO A 374 49.40 -8.66 7.41
C PRO A 374 48.51 -8.67 6.20
N VAL A 375 49.09 -8.68 5.01
CA VAL A 375 48.34 -8.48 3.79
C VAL A 375 47.19 -9.46 3.65
N ALA A 376 47.47 -10.74 3.91
CA ALA A 376 46.50 -11.79 3.67
C ALA A 376 45.24 -11.63 4.51
N VAL A 377 45.35 -10.98 5.64
CA VAL A 377 44.23 -10.88 6.53
C VAL A 377 43.65 -9.47 6.51
N ARG A 378 44.21 -8.58 5.70
CA ARG A 378 43.81 -7.18 5.82
C ARG A 378 42.44 -6.93 5.24
N GLY A 379 42.16 -7.49 4.07
CA GLY A 379 40.85 -7.34 3.46
C GLY A 379 39.70 -7.88 4.29
N LEU A 380 39.89 -9.07 4.84
CA LEU A 380 38.87 -9.65 5.69
C LEU A 380 38.46 -8.69 6.80
N VAL A 381 39.37 -8.31 7.69
CA VAL A 381 38.96 -7.46 8.79
C VAL A 381 38.52 -6.08 8.31
N GLN A 382 38.96 -5.66 7.12
CA GLN A 382 38.46 -4.42 6.56
C GLN A 382 36.97 -4.58 6.25
N GLN A 383 36.57 -5.77 5.83
CA GLN A 383 35.14 -6.03 5.63
C GLN A 383 34.37 -5.94 6.92
N ILE A 384 34.88 -6.61 7.95
CA ILE A 384 34.21 -6.63 9.24
C ILE A 384 34.05 -5.22 9.78
N LYS A 385 35.05 -4.38 9.56
CA LYS A 385 34.96 -2.97 9.91
C LYS A 385 33.82 -2.32 9.16
N SER A 386 33.72 -2.62 7.88
CA SER A 386 32.69 -2.05 7.05
C SER A 386 31.34 -2.53 7.52
N PHE A 387 31.26 -3.81 7.84
CA PHE A 387 30.03 -4.37 8.34
C PHE A 387 29.61 -3.69 9.63
N GLU A 388 30.55 -3.57 10.55
CA GLU A 388 30.27 -2.98 11.86
C GLU A 388 29.76 -1.59 11.68
N ARG A 389 30.41 -0.86 10.78
CA ARG A 389 30.12 0.54 10.61
C ARG A 389 28.73 0.74 10.06
N VAL A 390 28.36 -0.01 9.03
CA VAL A 390 27.04 0.11 8.44
C VAL A 390 25.95 -0.32 9.42
N ALA A 391 26.19 -1.45 10.09
CA ALA A 391 25.24 -1.95 11.04
C ALA A 391 25.03 -0.94 12.15
N ALA A 392 26.07 -0.17 12.45
CA ALA A 392 25.93 0.85 13.46
C ALA A 392 24.96 1.92 13.01
N GLU A 393 25.14 2.44 11.80
CA GLU A 393 24.36 3.58 11.34
C GLU A 393 22.91 3.21 11.20
N ALA A 394 22.66 2.00 10.72
CA ALA A 394 21.30 1.47 10.62
C ALA A 394 20.62 1.39 11.99
N ALA A 395 21.35 0.94 13.00
CA ALA A 395 20.82 0.79 14.35
C ALA A 395 20.41 2.11 14.96
N VAL A 396 21.07 3.18 14.55
CA VAL A 396 20.84 4.50 15.12
C VAL A 396 19.79 5.26 14.32
N THR A 397 19.96 5.26 13.01
CA THR A 397 19.01 5.91 12.11
C THR A 397 17.73 5.11 12.03
N GLY A 398 17.86 3.82 11.81
CA GLY A 398 16.69 2.96 11.67
C GLY A 398 16.35 2.83 10.21
N ASP A 399 17.31 3.05 9.34
CA ASP A 399 17.05 3.03 7.91
C ASP A 399 17.00 1.61 7.35
N TYR A 400 15.99 1.35 6.54
CA TYR A 400 15.87 0.02 5.97
C TYR A 400 16.95 -0.21 4.94
N GLN A 401 17.23 0.80 4.14
CA GLN A 401 18.18 0.65 3.06
C GLN A 401 19.58 0.44 3.60
N THR A 402 19.89 1.11 4.71
CA THR A 402 21.19 1.01 5.34
C THR A 402 21.30 -0.37 5.97
N ALA A 403 20.18 -0.85 6.51
CA ALA A 403 20.13 -2.19 7.09
C ALA A 403 20.38 -3.27 6.06
N LEU A 404 19.75 -3.17 4.90
CA LEU A 404 19.94 -4.19 3.88
C LEU A 404 21.36 -4.18 3.36
N VAL A 405 21.93 -2.99 3.25
CA VAL A 405 23.31 -2.90 2.81
C VAL A 405 24.19 -3.62 3.82
N ALA A 406 23.82 -3.56 5.09
CA ALA A 406 24.58 -4.22 6.15
C ALA A 406 24.54 -5.72 6.00
N MET A 407 23.37 -6.23 5.67
CA MET A 407 23.18 -7.66 5.55
C MET A 407 23.78 -8.18 4.25
N THR A 408 23.75 -7.39 3.20
CA THR A 408 24.25 -7.87 1.92
C THR A 408 25.77 -7.92 1.89
N ILE A 409 26.42 -6.91 2.43
CA ILE A 409 27.86 -6.79 2.25
C ILE A 409 28.60 -7.73 3.20
N ASN A 410 27.91 -8.17 4.25
CA ASN A 410 28.50 -9.14 5.17
C ASN A 410 28.96 -10.35 4.41
N PRO A 411 30.19 -10.80 4.68
CA PRO A 411 30.77 -11.91 3.93
C PRO A 411 30.16 -13.28 4.21
N LEU A 412 29.05 -13.35 4.94
CA LEU A 412 28.39 -14.62 5.17
C LEU A 412 27.04 -14.73 4.43
N VAL A 413 26.64 -13.65 3.78
CA VAL A 413 25.35 -13.58 3.10
C VAL A 413 25.54 -13.71 1.59
N PRO A 414 24.85 -14.67 0.95
CA PRO A 414 25.13 -15.03 -0.44
C PRO A 414 24.47 -14.13 -1.49
N SER A 415 23.37 -13.48 -1.15
CA SER A 415 22.70 -12.65 -2.13
C SER A 415 22.03 -11.44 -1.52
N ASP A 416 21.73 -10.45 -2.34
CA ASP A 416 20.90 -9.35 -1.91
C ASP A 416 19.56 -9.90 -1.58
N THR A 417 19.18 -10.90 -2.36
CA THR A 417 17.86 -11.50 -2.31
C THR A 417 17.66 -12.35 -1.06
N ILE A 418 18.66 -13.16 -0.74
CA ILE A 418 18.62 -13.89 0.50
C ILE A 418 18.58 -12.90 1.65
N ALA A 419 19.49 -11.91 1.58
CA ALA A 419 19.62 -10.87 2.59
C ALA A 419 18.33 -10.09 2.76
N LYS A 420 17.66 -9.84 1.64
CA LYS A 420 16.39 -9.13 1.63
C LYS A 420 15.37 -9.88 2.45
N GLN A 421 15.41 -11.22 2.33
CA GLN A 421 14.41 -12.07 2.95
C GLN A 421 14.68 -12.22 4.43
N MET A 422 15.92 -12.59 4.76
CA MET A 422 16.32 -12.72 6.16
C MET A 422 16.06 -11.44 6.91
N LEU A 423 16.38 -10.31 6.30
CA LEU A 423 16.24 -9.03 6.94
C LEU A 423 14.81 -8.76 7.33
N ASP A 424 13.87 -9.08 6.46
CA ASP A 424 12.47 -8.81 6.73
C ASP A 424 11.94 -9.78 7.77
N GLU A 425 12.40 -11.02 7.69
CA GLU A 425 11.98 -12.03 8.62
C GLU A 425 12.47 -11.72 10.04
N MET A 426 13.66 -11.14 10.14
CA MET A 426 14.24 -10.90 11.46
C MET A 426 13.81 -9.56 12.02
N LEU A 427 13.49 -8.62 11.13
CA LEU A 427 12.94 -7.35 11.57
C LEU A 427 11.63 -7.62 12.23
N GLU A 428 10.81 -8.41 11.54
CA GLU A 428 9.50 -8.81 12.03
C GLU A 428 9.67 -9.66 13.27
N ALA A 429 10.70 -10.48 13.29
CA ALA A 429 10.92 -11.36 14.42
C ALA A 429 11.17 -10.56 15.69
N HIS A 430 11.64 -9.32 15.54
CA HIS A 430 12.04 -8.53 16.69
C HIS A 430 11.36 -7.18 16.75
N LYS A 431 10.14 -7.07 16.21
CA LYS A 431 9.42 -5.80 16.21
C LYS A 431 9.46 -5.12 17.57
N GLU A 432 9.52 -5.92 18.61
CA GLU A 432 9.41 -5.31 19.90
C GLU A 432 10.61 -4.47 20.20
N HIS A 433 11.82 -4.92 19.86
CA HIS A 433 12.91 -4.17 20.43
C HIS A 433 13.77 -3.70 19.27
N LEU A 434 13.05 -3.26 18.25
CA LEU A 434 13.57 -2.37 17.23
C LEU A 434 12.63 -1.17 17.02
N PRO A 435 12.29 -0.43 18.08
CA PRO A 435 11.26 0.60 17.94
C PRO A 435 11.69 1.80 17.11
N GLN A 436 12.88 1.78 16.53
CA GLN A 436 13.34 2.90 15.72
C GLN A 436 13.07 2.65 14.25
N PHE A 437 12.67 1.42 13.92
CA PHE A 437 12.24 1.08 12.58
C PHE A 437 10.75 1.32 12.43
N PHE A 438 10.01 1.03 13.48
CA PHE A 438 8.56 1.15 13.47
C PHE A 438 8.10 2.44 14.13
N LEU B 5 -18.17 -27.56 17.42
CA LEU B 5 -18.62 -26.39 16.66
C LEU B 5 -17.51 -25.35 16.48
N LYS B 6 -16.84 -25.40 15.32
CA LYS B 6 -15.73 -24.50 15.00
C LYS B 6 -16.17 -23.18 14.40
N MET B 7 -16.12 -22.13 15.19
CA MET B 7 -16.39 -20.78 14.68
C MET B 7 -15.12 -20.10 14.20
N ALA B 8 -15.23 -19.36 13.09
CA ALA B 8 -14.09 -18.63 12.52
C ALA B 8 -14.47 -17.17 12.33
N THR B 9 -13.55 -16.26 12.60
CA THR B 9 -13.86 -14.85 12.42
C THR B 9 -12.87 -14.17 11.51
N ILE B 10 -13.36 -13.62 10.40
CA ILE B 10 -12.51 -12.87 9.50
C ILE B 10 -12.48 -11.41 9.89
N GLY B 11 -11.27 -10.90 10.12
CA GLY B 11 -11.08 -9.58 10.67
C GLY B 11 -10.82 -9.74 12.13
N GLY B 12 -10.07 -10.79 12.46
CA GLY B 12 -9.74 -11.11 13.84
C GLY B 12 -9.13 -9.95 14.56
N GLY B 13 -8.31 -9.19 13.86
CA GLY B 13 -7.56 -8.09 14.44
C GLY B 13 -8.39 -6.94 14.96
N SER B 14 -9.69 -6.99 14.71
CA SER B 14 -10.57 -5.88 15.09
C SER B 14 -10.53 -5.59 16.58
N SER B 15 -10.51 -4.31 16.92
CA SER B 15 -10.56 -3.88 18.30
C SER B 15 -11.98 -3.95 18.84
N TYR B 16 -12.76 -4.88 18.29
CA TYR B 16 -14.10 -5.16 18.81
C TYR B 16 -14.13 -6.61 19.27
N THR B 17 -13.14 -7.37 18.84
CA THR B 17 -12.97 -8.78 19.24
C THR B 17 -13.19 -9.04 20.72
N PRO B 18 -12.69 -8.15 21.60
CA PRO B 18 -13.00 -8.38 23.00
C PRO B 18 -14.49 -8.46 23.31
N GLU B 19 -15.32 -7.58 22.77
CA GLU B 19 -16.73 -7.62 23.11
C GLU B 19 -17.34 -8.91 22.58
N LEU B 20 -16.73 -9.49 21.56
CA LEU B 20 -17.23 -10.74 21.00
C LEU B 20 -16.90 -11.92 21.89
N VAL B 21 -15.63 -12.08 22.23
CA VAL B 21 -15.20 -13.19 23.04
C VAL B 21 -15.81 -13.10 24.43
N GLU B 22 -16.06 -11.88 24.88
CA GLU B 22 -16.76 -11.70 26.14
C GLU B 22 -18.20 -12.15 25.97
N GLY B 23 -18.70 -12.07 24.75
CA GLY B 23 -20.03 -12.54 24.46
C GLY B 23 -20.15 -14.06 24.56
N LEU B 24 -19.29 -14.77 23.85
CA LEU B 24 -19.32 -16.23 23.82
C LEU B 24 -19.06 -16.81 25.20
N ILE B 25 -18.29 -16.08 26.00
CA ILE B 25 -18.09 -16.43 27.39
C ILE B 25 -19.46 -16.53 28.06
N LYS B 26 -20.16 -15.40 28.13
CA LYS B 26 -21.46 -15.34 28.81
C LYS B 26 -22.46 -16.37 28.30
N ARG B 27 -22.26 -16.85 27.08
CA ARG B 27 -23.17 -17.85 26.53
C ARG B 27 -22.45 -19.13 26.13
N TYR B 28 -21.63 -19.65 27.02
CA TYR B 28 -20.95 -20.92 26.75
C TYR B 28 -21.79 -22.11 27.18
N HIS B 29 -22.80 -21.86 28.00
CA HIS B 29 -23.64 -22.97 28.42
C HIS B 29 -24.43 -23.51 27.23
N GLU B 30 -24.65 -22.65 26.23
CA GLU B 30 -25.40 -23.04 25.05
C GLU B 30 -24.54 -23.12 23.77
N LEU B 31 -23.29 -22.67 23.83
CA LEU B 31 -22.46 -22.59 22.63
C LEU B 31 -21.17 -23.39 22.66
N PRO B 32 -21.24 -24.68 22.35
CA PRO B 32 -20.08 -25.58 22.31
C PRO B 32 -18.96 -25.19 21.35
N VAL B 33 -18.46 -23.95 21.47
CA VAL B 33 -17.41 -23.48 20.57
C VAL B 33 -16.10 -24.21 20.76
N GLY B 34 -15.91 -25.27 19.99
CA GLY B 34 -14.68 -26.03 20.05
C GLY B 34 -13.47 -25.17 19.75
N GLU B 35 -13.17 -25.05 18.47
CA GLU B 35 -12.08 -24.23 17.98
C GLU B 35 -12.61 -22.88 17.54
N LEU B 36 -12.04 -21.79 18.03
CA LEU B 36 -12.29 -20.48 17.44
C LEU B 36 -11.10 -20.12 16.58
N TRP B 37 -11.31 -19.35 15.52
CA TRP B 37 -10.18 -18.92 14.70
C TRP B 37 -10.27 -17.44 14.33
N LEU B 38 -9.44 -16.62 14.95
CA LEU B 38 -9.36 -15.22 14.58
C LEU B 38 -8.36 -15.03 13.43
N VAL B 39 -8.84 -14.53 12.31
CA VAL B 39 -7.99 -14.35 11.13
C VAL B 39 -8.07 -12.90 10.64
N ASP B 40 -6.96 -12.41 10.11
CA ASP B 40 -6.89 -11.05 9.61
C ASP B 40 -5.80 -11.05 8.54
N ILE B 41 -5.57 -9.93 7.88
CA ILE B 41 -4.57 -9.86 6.80
C ILE B 41 -3.20 -9.48 7.37
N PRO B 42 -2.11 -9.72 6.62
CA PRO B 42 -0.77 -9.29 7.04
C PRO B 42 -0.67 -7.82 7.45
N GLU B 43 -1.39 -6.94 6.77
CA GLU B 43 -1.42 -5.53 7.12
C GLU B 43 -1.99 -5.29 8.50
N GLY B 44 -2.46 -6.36 9.14
CA GLY B 44 -2.99 -6.30 10.48
C GLY B 44 -2.39 -7.40 11.34
N LYS B 45 -1.45 -8.15 10.78
CA LYS B 45 -0.71 -9.18 11.51
C LYS B 45 -0.20 -8.65 12.84
N GLU B 46 0.12 -7.37 12.86
CA GLU B 46 0.41 -6.67 14.10
C GLU B 46 -0.81 -6.75 14.99
N LYS B 47 -1.66 -5.73 14.92
CA LYS B 47 -2.86 -5.63 15.75
C LYS B 47 -3.65 -6.94 15.91
N LEU B 48 -3.35 -7.95 15.12
CA LEU B 48 -3.94 -9.27 15.31
C LEU B 48 -3.39 -9.90 16.59
N GLU B 49 -2.19 -10.48 16.50
CA GLU B 49 -1.58 -11.22 17.62
C GLU B 49 -1.67 -10.47 18.91
N ILE B 50 -1.85 -9.16 18.78
CA ILE B 50 -1.83 -8.27 19.91
C ILE B 50 -3.16 -8.38 20.67
N VAL B 51 -4.21 -8.88 20.01
CA VAL B 51 -5.49 -9.18 20.71
C VAL B 51 -5.77 -10.66 20.84
N GLY B 52 -5.17 -11.45 19.96
CA GLY B 52 -5.38 -12.88 19.94
C GLY B 52 -4.99 -13.53 21.25
N ALA B 53 -4.05 -12.91 21.94
CA ALA B 53 -3.56 -13.45 23.20
C ALA B 53 -4.24 -12.81 24.41
N LEU B 54 -5.01 -11.74 24.18
CA LEU B 54 -5.91 -11.24 25.22
C LEU B 54 -7.16 -12.11 25.23
N ALA B 55 -7.51 -12.58 24.04
CA ALA B 55 -8.64 -13.48 23.86
C ALA B 55 -8.53 -14.61 24.87
N LYS B 56 -7.43 -15.33 24.78
CA LYS B 56 -7.07 -16.39 25.74
C LYS B 56 -7.18 -15.94 27.19
N ARG B 57 -6.24 -15.12 27.66
CA ARG B 57 -6.28 -14.51 29.00
C ARG B 57 -7.62 -14.52 29.75
N MET B 58 -8.70 -14.22 29.03
CA MET B 58 -10.01 -14.23 29.65
C MET B 58 -10.75 -15.56 29.48
N VAL B 59 -10.24 -16.46 28.64
CA VAL B 59 -10.82 -17.80 28.66
C VAL B 59 -10.39 -18.53 29.94
N GLU B 60 -9.15 -18.36 30.41
CA GLU B 60 -8.73 -19.00 31.68
C GLU B 60 -9.30 -18.28 32.86
N LYS B 61 -9.27 -16.94 32.84
CA LYS B 61 -9.81 -16.16 33.94
C LYS B 61 -11.31 -16.44 34.14
N ALA B 62 -11.90 -17.01 33.10
CA ALA B 62 -13.26 -17.49 33.17
C ALA B 62 -13.32 -19.01 33.00
N GLY B 63 -12.20 -19.63 32.68
CA GLY B 63 -12.11 -21.08 32.66
C GLY B 63 -13.13 -21.75 31.75
N VAL B 64 -12.97 -21.51 30.45
CA VAL B 64 -13.79 -22.15 29.42
C VAL B 64 -12.88 -22.74 28.35
N PRO B 65 -13.06 -24.03 28.06
CA PRO B 65 -12.11 -24.81 27.25
C PRO B 65 -12.06 -24.45 25.77
N ILE B 66 -12.11 -23.16 25.46
CA ILE B 66 -12.11 -22.70 24.08
C ILE B 66 -10.73 -22.33 23.56
N GLU B 67 -10.26 -23.08 22.58
CA GLU B 67 -8.90 -22.92 22.05
C GLU B 67 -8.81 -21.81 21.01
N ILE B 68 -8.22 -20.67 21.38
CA ILE B 68 -8.03 -19.58 20.44
C ILE B 68 -6.90 -19.89 19.45
N HIS B 69 -7.27 -20.05 18.18
CA HIS B 69 -6.29 -20.19 17.12
C HIS B 69 -6.13 -18.85 16.42
N LEU B 70 -4.90 -18.54 16.00
CA LEU B 70 -4.62 -17.33 15.25
C LEU B 70 -3.96 -17.68 13.93
N THR B 71 -4.34 -16.98 12.86
CA THR B 71 -3.77 -17.22 11.54
C THR B 71 -4.04 -16.12 10.53
N LEU B 72 -3.33 -16.18 9.42
CA LEU B 72 -3.54 -15.26 8.31
C LEU B 72 -4.03 -16.03 7.09
N ASP B 73 -3.95 -17.35 7.21
CA ASP B 73 -4.52 -18.27 6.22
C ASP B 73 -5.94 -18.55 6.65
N ARG B 74 -6.92 -18.12 5.85
CA ARG B 74 -8.31 -18.34 6.21
C ARG B 74 -8.80 -19.70 5.74
N ARG B 75 -8.04 -20.34 4.85
CA ARG B 75 -8.41 -21.66 4.39
C ARG B 75 -8.39 -22.62 5.56
N ARG B 76 -7.29 -22.60 6.31
CA ARG B 76 -7.17 -23.45 7.48
C ARG B 76 -8.21 -23.04 8.52
N ALA B 77 -8.60 -21.76 8.49
CA ALA B 77 -9.53 -21.23 9.46
C ALA B 77 -10.97 -21.46 9.04
N LEU B 78 -11.17 -21.82 7.78
CA LEU B 78 -12.52 -22.10 7.31
C LEU B 78 -12.78 -23.59 7.30
N GLU B 79 -11.71 -24.38 7.16
CA GLU B 79 -11.78 -25.83 7.02
C GLU B 79 -12.81 -26.45 7.95
N GLY B 80 -14.04 -26.51 7.45
CA GLY B 80 -15.13 -27.10 8.21
C GLY B 80 -15.54 -26.21 9.35
N ALA B 81 -15.69 -24.92 9.10
CA ALA B 81 -16.32 -24.08 10.09
C ALA B 81 -17.80 -24.38 10.08
N ASP B 82 -18.47 -24.14 11.19
CA ASP B 82 -19.89 -24.38 11.24
C ASP B 82 -20.61 -23.06 11.35
N PHE B 83 -19.85 -22.04 11.72
CA PHE B 83 -20.30 -20.65 11.67
C PHE B 83 -19.12 -19.80 11.22
N VAL B 84 -19.40 -18.69 10.54
CA VAL B 84 -18.35 -17.77 10.08
C VAL B 84 -18.82 -16.34 10.22
N THR B 85 -17.96 -15.47 10.72
CA THR B 85 -18.31 -14.07 10.87
C THR B 85 -17.35 -13.11 10.17
N THR B 86 -17.81 -11.89 9.97
CA THR B 86 -17.03 -10.89 9.25
C THR B 86 -17.16 -9.52 9.88
N GLN B 87 -16.06 -9.03 10.42
CA GLN B 87 -16.02 -7.73 11.06
C GLN B 87 -14.94 -6.84 10.45
N PHE B 88 -14.21 -7.37 9.48
CA PHE B 88 -13.05 -6.68 8.92
C PHE B 88 -13.38 -5.32 8.33
N ARG B 89 -12.34 -4.61 7.96
CA ARG B 89 -12.46 -3.36 7.22
C ARG B 89 -11.49 -3.48 6.07
N VAL B 90 -11.89 -2.97 4.91
CA VAL B 90 -11.07 -3.11 3.73
C VAL B 90 -10.41 -1.77 3.47
N GLY B 91 -9.09 -1.79 3.38
CA GLY B 91 -8.31 -0.58 3.26
C GLY B 91 -8.03 0.02 4.60
N GLY B 92 -8.39 -0.70 5.66
CA GLY B 92 -8.28 -0.21 7.01
C GLY B 92 -9.04 1.09 7.20
N LEU B 93 -8.81 1.74 8.32
CA LEU B 93 -9.56 2.93 8.64
C LEU B 93 -8.90 4.12 7.94
N GLU B 94 -7.68 3.87 7.48
CA GLU B 94 -7.02 4.78 6.57
C GLU B 94 -8.00 5.12 5.44
N ALA B 95 -8.46 4.07 4.78
CA ALA B 95 -9.54 4.19 3.81
C ALA B 95 -10.75 4.95 4.35
N ARG B 96 -11.30 4.53 5.49
CA ARG B 96 -12.46 5.21 6.07
C ARG B 96 -12.23 6.71 6.23
N ALA B 97 -10.99 7.10 6.43
CA ALA B 97 -10.66 8.50 6.62
C ALA B 97 -10.84 9.28 5.33
N LYS B 98 -10.49 8.67 4.22
CA LYS B 98 -10.70 9.29 2.91
C LYS B 98 -12.19 9.45 2.61
N ASP B 99 -12.98 8.44 2.92
CA ASP B 99 -14.40 8.46 2.63
C ASP B 99 -15.14 9.56 3.35
N GLU B 100 -14.55 10.13 4.39
CA GLU B 100 -15.25 11.12 5.18
C GLU B 100 -14.71 12.51 4.93
N ARG B 101 -13.57 12.61 4.26
CA ARG B 101 -12.99 13.91 3.97
C ARG B 101 -13.28 14.35 2.55
N ILE B 102 -12.92 13.51 1.59
CA ILE B 102 -13.19 13.80 0.18
C ILE B 102 -14.60 14.39 -0.05
N PRO B 103 -15.66 13.77 0.51
CA PRO B 103 -16.97 14.39 0.34
C PRO B 103 -17.14 15.74 1.02
N LEU B 104 -16.28 16.08 1.97
CA LEU B 104 -16.44 17.33 2.70
C LEU B 104 -16.15 18.50 1.78
N LYS B 105 -15.22 18.26 0.86
CA LYS B 105 -14.76 19.28 -0.07
C LYS B 105 -15.87 19.80 -0.98
N TYR B 106 -16.95 19.04 -1.11
CA TYR B 106 -18.04 19.41 -2.01
C TYR B 106 -19.32 19.75 -1.27
N GLY B 107 -19.31 19.54 0.04
CA GLY B 107 -20.49 19.80 0.84
C GLY B 107 -21.42 18.60 0.91
N VAL B 108 -20.84 17.42 0.84
CA VAL B 108 -21.63 16.20 0.80
C VAL B 108 -21.25 15.30 1.95
N ILE B 109 -22.24 14.65 2.55
CA ILE B 109 -22.02 13.83 3.72
C ILE B 109 -20.86 12.86 3.55
N GLY B 110 -19.84 13.05 4.38
CA GLY B 110 -18.75 12.11 4.48
C GLY B 110 -19.10 11.23 5.66
N GLN B 111 -19.29 9.95 5.40
CA GLN B 111 -19.76 9.01 6.39
C GLN B 111 -19.32 7.67 5.88
N GLU B 112 -19.17 6.70 6.77
CA GLU B 112 -18.61 5.41 6.37
C GLU B 112 -19.63 4.53 5.68
N THR B 113 -20.91 4.77 5.92
CA THR B 113 -21.96 3.96 5.31
C THR B 113 -23.14 4.74 4.79
N ASN B 114 -22.94 5.99 4.41
CA ASN B 114 -24.04 6.80 3.92
C ASN B 114 -23.55 7.81 2.91
N GLY B 115 -24.29 7.96 1.81
CA GLY B 115 -23.84 8.80 0.73
C GLY B 115 -22.65 8.18 0.02
N PRO B 116 -21.83 9.00 -0.62
CA PRO B 116 -20.66 8.55 -1.38
C PRO B 116 -19.72 7.73 -0.53
N GLY B 117 -19.66 8.05 0.74
CA GLY B 117 -18.82 7.30 1.65
C GLY B 117 -19.28 5.87 1.72
N GLY B 118 -20.59 5.69 1.86
CA GLY B 118 -21.20 4.37 1.88
C GLY B 118 -21.00 3.63 0.58
N LEU B 119 -21.22 4.31 -0.55
CA LEU B 119 -20.97 3.71 -1.85
C LEU B 119 -19.61 3.08 -1.90
N PHE B 120 -18.58 3.87 -1.61
CA PHE B 120 -17.24 3.38 -1.84
C PHE B 120 -16.82 2.33 -0.83
N LYS B 121 -17.48 2.31 0.32
CA LYS B 121 -17.21 1.20 1.22
C LYS B 121 -17.66 -0.08 0.53
N GLY B 122 -18.81 -0.02 -0.11
CA GLY B 122 -19.33 -1.15 -0.83
C GLY B 122 -18.36 -1.65 -1.88
N LEU B 123 -17.95 -0.75 -2.76
CA LEU B 123 -17.13 -1.11 -3.91
C LEU B 123 -15.83 -1.79 -3.51
N ARG B 124 -15.31 -1.48 -2.32
CA ARG B 124 -14.09 -2.13 -1.81
C ARG B 124 -14.36 -3.51 -1.25
N THR B 125 -15.40 -3.59 -0.43
CA THR B 125 -15.74 -4.73 0.40
C THR B 125 -16.22 -5.97 -0.33
N ILE B 126 -17.31 -5.84 -1.08
CA ILE B 126 -17.98 -7.01 -1.62
C ILE B 126 -17.17 -7.84 -2.62
N PRO B 127 -16.10 -7.29 -3.23
CA PRO B 127 -15.32 -8.32 -3.90
C PRO B 127 -14.76 -9.31 -2.91
N VAL B 128 -14.46 -8.85 -1.71
CA VAL B 128 -13.91 -9.72 -0.68
C VAL B 128 -14.92 -10.75 -0.18
N ILE B 129 -16.07 -10.27 0.30
CA ILE B 129 -17.14 -11.16 0.77
C ILE B 129 -17.46 -12.26 -0.24
N LEU B 130 -17.66 -11.88 -1.49
CA LEU B 130 -17.95 -12.85 -2.52
C LEU B 130 -16.77 -13.75 -2.75
N ASP B 131 -15.57 -13.26 -2.45
CA ASP B 131 -14.39 -14.10 -2.58
C ASP B 131 -14.35 -15.09 -1.44
N ILE B 132 -14.67 -14.62 -0.24
CA ILE B 132 -14.69 -15.48 0.94
C ILE B 132 -15.78 -16.52 0.78
N ILE B 133 -16.96 -16.07 0.36
CA ILE B 133 -18.07 -16.98 0.11
C ILE B 133 -17.64 -17.99 -0.92
N ARG B 134 -17.04 -17.53 -2.01
CA ARG B 134 -16.52 -18.42 -3.05
C ARG B 134 -15.54 -19.44 -2.49
N ASP B 135 -15.11 -19.26 -1.26
CA ASP B 135 -14.20 -20.20 -0.64
C ASP B 135 -14.93 -21.18 0.26
N MET B 136 -16.19 -20.89 0.56
CA MET B 136 -16.83 -21.58 1.65
C MET B 136 -18.30 -22.06 1.55
N GLU B 137 -18.92 -22.35 0.40
CA GLU B 137 -18.40 -22.95 -0.84
C GLU B 137 -17.44 -24.09 -0.60
N GLU B 138 -16.16 -23.87 -0.80
CA GLU B 138 -15.25 -25.00 -0.95
C GLU B 138 -14.93 -25.69 0.35
N LEU B 139 -14.79 -24.91 1.42
CA LEU B 139 -14.25 -25.46 2.66
C LEU B 139 -15.30 -25.71 3.74
N CYS B 140 -16.47 -25.11 3.62
CA CYS B 140 -17.52 -25.39 4.58
C CYS B 140 -18.90 -25.03 4.08
N PRO B 141 -19.37 -25.72 3.03
CA PRO B 141 -20.58 -25.39 2.29
C PRO B 141 -21.85 -25.52 3.11
N ASP B 142 -21.75 -25.91 4.37
CA ASP B 142 -22.93 -25.98 5.20
C ASP B 142 -22.85 -24.94 6.29
N ALA B 143 -21.71 -24.25 6.38
CA ALA B 143 -21.48 -23.26 7.42
C ALA B 143 -22.32 -22.03 7.26
N TRP B 144 -22.83 -21.51 8.36
CA TRP B 144 -23.53 -20.24 8.32
C TRP B 144 -22.56 -19.09 8.09
N LEU B 145 -23.11 -17.94 7.71
CA LEU B 145 -22.32 -16.72 7.52
C LEU B 145 -22.99 -15.56 8.24
N ILE B 146 -22.35 -15.09 9.30
CA ILE B 146 -22.90 -14.00 10.09
C ILE B 146 -22.07 -12.74 9.90
N ASN B 147 -22.61 -11.73 9.19
CA ASN B 147 -21.81 -10.59 8.78
C ASN B 147 -22.12 -9.24 9.45
N PHE B 148 -21.08 -8.54 9.90
CA PHE B 148 -21.23 -7.17 10.41
C PHE B 148 -20.68 -6.17 9.43
N THR B 149 -19.61 -6.58 8.74
CA THR B 149 -18.88 -5.70 7.84
C THR B 149 -19.84 -4.85 7.05
N ASN B 150 -19.75 -3.54 7.21
CA ASN B 150 -20.70 -2.62 6.59
C ASN B 150 -20.38 -2.27 5.14
N PRO B 151 -21.32 -1.63 4.43
CA PRO B 151 -22.72 -1.31 4.75
C PRO B 151 -23.56 -2.58 4.80
N ALA B 152 -23.94 -3.00 5.99
CA ALA B 152 -24.55 -4.32 6.19
C ALA B 152 -25.69 -4.60 5.21
N GLY B 153 -26.59 -3.64 5.09
CA GLY B 153 -27.71 -3.79 4.19
C GLY B 153 -27.34 -3.99 2.73
N MET B 154 -26.37 -3.21 2.26
CA MET B 154 -25.88 -3.36 0.91
C MET B 154 -25.09 -4.65 0.76
N VAL B 155 -24.53 -5.13 1.85
CA VAL B 155 -23.73 -6.35 1.80
C VAL B 155 -24.63 -7.56 1.70
N THR B 156 -25.62 -7.64 2.59
CA THR B 156 -26.56 -8.76 2.62
C THR B 156 -27.18 -8.94 1.26
N GLU B 157 -27.69 -7.85 0.70
CA GLU B 157 -28.26 -7.84 -0.65
C GLU B 157 -27.40 -8.56 -1.65
N ALA B 158 -26.25 -7.99 -1.98
CA ALA B 158 -25.34 -8.56 -2.95
C ALA B 158 -25.09 -10.06 -2.78
N VAL B 159 -25.16 -10.55 -1.55
CA VAL B 159 -24.94 -11.97 -1.28
C VAL B 159 -26.14 -12.78 -1.77
N LEU B 160 -27.31 -12.15 -1.71
CA LEU B 160 -28.51 -12.72 -2.26
C LEU B 160 -28.52 -12.64 -3.79
N ARG B 161 -28.16 -11.49 -4.34
CA ARG B 161 -28.19 -11.28 -5.78
C ARG B 161 -27.05 -11.95 -6.56
N TYR B 162 -25.88 -12.18 -5.95
CA TYR B 162 -24.76 -12.70 -6.73
C TYR B 162 -24.14 -13.99 -6.20
N THR B 163 -24.77 -14.59 -5.20
CA THR B 163 -24.32 -15.88 -4.67
C THR B 163 -25.48 -16.82 -4.33
N LYS B 164 -25.25 -18.11 -4.52
CA LYS B 164 -26.24 -19.11 -4.22
C LYS B 164 -26.31 -19.45 -2.72
N GLN B 165 -25.39 -18.90 -1.94
CA GLN B 165 -25.40 -19.05 -0.49
C GLN B 165 -26.72 -18.57 0.08
N GLU B 166 -27.48 -19.47 0.69
CA GLU B 166 -28.75 -19.12 1.32
C GLU B 166 -28.57 -18.76 2.79
N LYS B 167 -27.50 -19.28 3.38
CA LYS B 167 -27.23 -19.14 4.82
C LYS B 167 -26.46 -17.87 5.14
N VAL B 168 -27.19 -16.78 5.27
CA VAL B 168 -26.62 -15.45 5.40
C VAL B 168 -27.43 -14.64 6.40
N VAL B 169 -26.77 -13.97 7.32
CA VAL B 169 -27.45 -13.00 8.18
C VAL B 169 -26.57 -11.78 8.29
N GLY B 170 -27.15 -10.63 8.60
CA GLY B 170 -26.37 -9.43 8.80
C GLY B 170 -26.86 -8.74 10.05
N LEU B 171 -25.96 -8.13 10.82
CA LEU B 171 -26.32 -7.54 12.11
C LEU B 171 -25.98 -6.06 12.22
N CYS B 172 -26.63 -5.38 13.15
CA CYS B 172 -26.30 -3.99 13.50
C CYS B 172 -26.76 -3.71 14.95
N ASN B 173 -26.30 -2.61 15.53
CA ASN B 173 -26.69 -2.26 16.89
C ASN B 173 -27.75 -1.19 16.92
N VAL B 174 -28.09 -0.65 15.76
CA VAL B 174 -29.13 0.37 15.68
C VAL B 174 -30.40 -0.14 16.34
N PRO B 175 -30.79 -1.39 16.07
CA PRO B 175 -32.05 -1.76 16.69
C PRO B 175 -31.91 -1.93 18.20
N ILE B 176 -30.94 -2.72 18.64
CA ILE B 176 -30.79 -2.93 20.08
C ILE B 176 -30.51 -1.61 20.77
N GLY B 177 -29.85 -0.70 20.08
CA GLY B 177 -29.59 0.60 20.65
C GLY B 177 -30.91 1.31 20.82
N MET B 178 -31.79 1.11 19.87
CA MET B 178 -33.03 1.86 19.88
C MET B 178 -33.93 1.33 20.94
N ARG B 179 -33.87 0.02 21.16
CA ARG B 179 -34.71 -0.56 22.19
C ARG B 179 -34.16 -0.19 23.56
N MET B 180 -32.85 -0.32 23.73
CA MET B 180 -32.20 0.10 24.96
C MET B 180 -32.63 1.53 25.26
N GLY B 181 -32.32 2.44 24.35
CA GLY B 181 -32.68 3.83 24.52
C GLY B 181 -34.16 4.12 24.67
N VAL B 182 -35.00 3.10 24.57
CA VAL B 182 -36.44 3.28 24.74
C VAL B 182 -36.88 2.66 26.06
N ALA B 183 -36.24 1.56 26.45
CA ALA B 183 -36.49 1.00 27.77
C ALA B 183 -36.08 2.06 28.77
N LYS B 184 -34.87 2.56 28.58
CA LYS B 184 -34.37 3.68 29.34
C LYS B 184 -35.38 4.82 29.29
N LEU B 185 -35.50 5.46 28.14
CA LEU B 185 -36.41 6.59 27.97
C LEU B 185 -37.77 6.37 28.64
N LEU B 186 -38.22 5.13 28.72
CA LEU B 186 -39.50 4.83 29.35
C LEU B 186 -39.31 4.62 30.85
N GLY B 187 -38.06 4.51 31.27
CA GLY B 187 -37.76 4.23 32.66
C GLY B 187 -38.25 2.85 33.08
N VAL B 188 -37.81 1.84 32.35
CA VAL B 188 -38.28 0.48 32.58
C VAL B 188 -37.15 -0.51 32.29
N ASP B 189 -37.22 -1.69 32.89
CA ASP B 189 -36.33 -2.77 32.55
C ASP B 189 -36.54 -3.09 31.07
N ALA B 190 -35.56 -3.72 30.43
CA ALA B 190 -35.56 -3.91 28.98
C ALA B 190 -36.51 -4.99 28.50
N ASP B 191 -36.75 -5.98 29.34
CA ASP B 191 -37.59 -7.09 28.95
C ASP B 191 -39.06 -6.70 28.98
N ARG B 192 -39.34 -5.43 29.23
CA ARG B 192 -40.71 -4.95 29.29
C ARG B 192 -41.03 -4.08 28.08
N VAL B 193 -40.12 -4.06 27.11
CA VAL B 193 -40.27 -3.21 25.94
C VAL B 193 -39.98 -3.97 24.66
N HIS B 194 -40.93 -3.94 23.73
CA HIS B 194 -40.74 -4.59 22.45
C HIS B 194 -41.18 -3.68 21.32
N ILE B 195 -40.47 -3.81 20.20
CA ILE B 195 -40.56 -2.86 19.12
C ILE B 195 -40.66 -3.58 17.78
N ASP B 196 -41.53 -3.08 16.91
CA ASP B 196 -41.65 -3.61 15.55
C ASP B 196 -40.70 -2.93 14.58
N PHE B 197 -39.51 -3.50 14.43
CA PHE B 197 -38.56 -2.98 13.46
C PHE B 197 -38.98 -3.37 12.06
N ALA B 198 -38.86 -2.42 11.14
CA ALA B 198 -39.17 -2.63 9.72
C ALA B 198 -38.38 -1.64 8.88
N GLY B 199 -37.75 -2.11 7.82
CA GLY B 199 -36.99 -1.24 6.96
C GLY B 199 -35.68 -1.87 6.57
N LEU B 200 -34.75 -1.07 6.10
CA LEU B 200 -33.45 -1.59 5.71
C LEU B 200 -32.39 -1.26 6.75
N ASN B 201 -31.24 -1.91 6.60
CA ASN B 201 -30.12 -1.67 7.46
C ASN B 201 -29.72 -0.22 7.45
N HIS B 202 -29.30 0.29 8.59
CA HIS B 202 -29.05 1.71 8.82
C HIS B 202 -30.15 2.57 8.23
N MET B 203 -31.39 2.11 8.37
CA MET B 203 -32.53 2.71 7.73
C MET B 203 -33.79 2.10 8.30
N VAL B 204 -33.61 1.37 9.40
CA VAL B 204 -34.69 0.69 10.09
C VAL B 204 -35.62 1.68 10.82
N PHE B 205 -36.87 1.29 11.04
CA PHE B 205 -37.82 2.13 11.75
C PHE B 205 -38.39 1.38 12.91
N GLY B 206 -39.00 2.08 13.83
CA GLY B 206 -39.68 1.43 14.93
C GLY B 206 -41.15 1.63 14.72
N LEU B 207 -41.79 0.64 14.11
CA LEU B 207 -43.16 0.82 13.66
C LEU B 207 -44.12 0.91 14.81
N HIS B 208 -43.90 0.07 15.81
CA HIS B 208 -44.73 0.06 17.00
C HIS B 208 -43.93 -0.23 18.21
N VAL B 209 -44.32 0.40 19.31
CA VAL B 209 -43.61 0.23 20.57
C VAL B 209 -44.49 -0.36 21.66
N TYR B 210 -44.18 -1.57 22.08
CA TYR B 210 -44.98 -2.24 23.08
C TYR B 210 -44.34 -2.17 24.45
N LEU B 211 -45.06 -1.58 25.40
CA LEU B 211 -44.70 -1.72 26.81
C LEU B 211 -45.26 -3.04 27.32
N ASP B 212 -44.37 -4.01 27.49
CA ASP B 212 -44.76 -5.39 27.77
C ASP B 212 -45.62 -5.93 26.63
N GLY B 213 -46.91 -5.63 26.68
CA GLY B 213 -47.82 -6.17 25.69
C GLY B 213 -48.66 -5.11 25.03
N VAL B 214 -48.93 -4.03 25.76
CA VAL B 214 -49.73 -2.94 25.24
C VAL B 214 -48.90 -1.88 24.51
N GLU B 215 -49.25 -1.63 23.24
CA GLU B 215 -48.53 -0.66 22.43
C GLU B 215 -48.58 0.70 23.07
N VAL B 216 -47.43 1.33 23.17
CA VAL B 216 -47.32 2.63 23.81
C VAL B 216 -46.50 3.54 22.92
N THR B 217 -46.53 3.23 21.62
CA THR B 217 -45.83 3.98 20.59
C THR B 217 -46.11 5.47 20.66
N GLU B 218 -47.38 5.84 20.71
CA GLU B 218 -47.73 7.25 20.75
C GLU B 218 -47.19 7.89 22.02
N LYS B 219 -47.07 7.09 23.07
CA LYS B 219 -46.48 7.57 24.32
C LYS B 219 -45.01 7.85 24.09
N VAL B 220 -44.25 6.81 23.80
CA VAL B 220 -42.82 6.94 23.56
C VAL B 220 -42.48 8.08 22.63
N ILE B 221 -43.23 8.20 21.55
CA ILE B 221 -42.99 9.26 20.58
C ILE B 221 -43.19 10.64 21.21
N ASP B 222 -44.09 10.73 22.18
CA ASP B 222 -44.28 12.01 22.84
C ASP B 222 -43.28 12.20 23.97
N LEU B 223 -42.42 11.22 24.16
CA LEU B 223 -41.36 11.34 25.15
C LEU B 223 -40.04 11.74 24.50
N VAL B 224 -39.71 11.05 23.42
CA VAL B 224 -38.53 11.37 22.61
C VAL B 224 -38.65 12.77 22.02
N ALA B 225 -39.87 13.19 21.75
CA ALA B 225 -40.11 14.51 21.21
C ALA B 225 -39.95 15.57 22.27
N HIS B 226 -40.18 15.17 23.52
CA HIS B 226 -40.10 16.09 24.64
C HIS B 226 -39.31 15.50 25.80
N PRO B 227 -37.98 15.69 25.80
CA PRO B 227 -37.13 15.25 26.89
C PRO B 227 -37.25 16.22 28.07
N LEU B 240 -30.08 13.59 19.78
CA LEU B 240 -31.06 13.68 18.71
C LEU B 240 -32.18 14.64 19.06
N GLY B 241 -32.38 15.66 18.23
CA GLY B 241 -33.42 16.63 18.47
C GLY B 241 -34.42 16.70 17.34
N TRP B 242 -35.34 15.76 17.33
CA TRP B 242 -36.36 15.74 16.29
C TRP B 242 -37.36 16.84 16.53
N GLU B 243 -37.90 17.39 15.45
CA GLU B 243 -38.99 18.32 15.56
C GLU B 243 -40.21 17.56 16.02
N PRO B 244 -40.95 18.09 16.99
CA PRO B 244 -42.13 17.40 17.52
C PRO B 244 -43.14 17.07 16.44
N ASP B 245 -43.96 18.05 16.07
CA ASP B 245 -45.07 17.83 15.16
C ASP B 245 -44.73 17.06 13.87
N PHE B 246 -43.45 16.89 13.58
CA PHE B 246 -43.03 15.98 12.53
C PHE B 246 -43.10 14.57 13.07
N LEU B 247 -42.31 14.32 14.10
CA LEU B 247 -42.22 13.00 14.72
C LEU B 247 -43.56 12.46 15.16
N LYS B 248 -44.43 13.34 15.64
CA LYS B 248 -45.76 12.89 16.06
C LYS B 248 -46.59 12.55 14.83
N GLY B 249 -46.53 13.40 13.81
CA GLY B 249 -47.30 13.23 12.61
C GLY B 249 -46.77 12.09 11.77
N LEU B 250 -45.55 11.66 12.04
CA LEU B 250 -44.98 10.53 11.33
C LEU B 250 -45.42 9.24 11.97
N LYS B 251 -45.76 9.34 13.25
CA LYS B 251 -46.27 8.22 14.04
C LYS B 251 -45.41 6.97 14.06
N VAL B 252 -44.14 7.07 13.66
CA VAL B 252 -43.19 5.99 13.87
C VAL B 252 -41.86 6.49 14.44
N LEU B 253 -40.86 5.63 14.50
CA LEU B 253 -39.68 5.91 15.29
C LEU B 253 -38.39 5.77 14.55
N PRO B 254 -37.87 6.86 14.02
CA PRO B 254 -36.68 6.96 13.19
C PRO B 254 -35.43 6.40 13.80
N CYS B 255 -34.78 5.55 13.04
CA CYS B 255 -33.39 5.20 13.22
C CYS B 255 -32.51 6.42 13.52
N PRO B 256 -31.39 6.23 14.25
CA PRO B 256 -30.43 7.32 14.40
C PRO B 256 -29.87 7.80 13.06
N TYR B 257 -29.74 6.91 12.09
CA TYR B 257 -29.17 7.25 10.80
C TYR B 257 -30.15 7.98 9.89
N HIS B 258 -31.32 8.34 10.42
CA HIS B 258 -32.26 9.12 9.63
C HIS B 258 -32.02 10.57 9.80
N ARG B 259 -30.96 10.91 10.51
CA ARG B 259 -30.64 12.30 10.74
C ARG B 259 -30.03 12.82 9.44
N TYR B 260 -29.28 11.95 8.76
CA TYR B 260 -28.65 12.34 7.51
C TYR B 260 -29.64 12.74 6.44
N TYR B 261 -30.87 12.25 6.57
CA TYR B 261 -31.85 12.48 5.53
C TYR B 261 -32.92 13.46 5.95
N TYR B 262 -33.33 13.38 7.21
CA TYR B 262 -34.35 14.29 7.71
C TYR B 262 -33.75 15.53 8.36
N GLN B 263 -32.46 15.48 8.65
CA GLN B 263 -31.79 16.62 9.26
C GLN B 263 -30.46 16.87 8.57
N THR B 264 -30.46 16.82 7.24
CA THR B 264 -29.23 16.69 6.48
C THR B 264 -28.25 17.81 6.77
N ASP B 265 -28.75 19.03 6.73
CA ASP B 265 -27.90 20.20 6.84
C ASP B 265 -27.21 20.25 8.19
N LYS B 266 -27.98 20.04 9.24
CA LYS B 266 -27.44 20.04 10.59
C LYS B 266 -26.31 19.02 10.69
N MET B 267 -26.39 17.95 9.91
CA MET B 267 -25.42 16.87 10.02
C MET B 267 -24.14 17.16 9.24
N LEU B 268 -24.20 18.11 8.31
CA LEU B 268 -23.01 18.52 7.57
C LEU B 268 -22.29 19.60 8.35
N ALA B 269 -23.08 20.38 9.08
CA ALA B 269 -22.54 21.33 10.02
C ALA B 269 -21.64 20.63 11.03
N GLU B 270 -22.14 19.56 11.65
CA GLU B 270 -21.38 18.84 12.64
C GLU B 270 -20.16 18.18 12.03
N GLU B 271 -20.34 17.63 10.84
CA GLU B 271 -19.25 16.98 10.15
C GLU B 271 -18.24 18.01 9.62
N LEU B 272 -18.56 19.29 9.78
CA LEU B 272 -17.68 20.38 9.37
C LEU B 272 -16.84 20.83 10.56
N GLU B 273 -17.52 21.36 11.58
CA GLU B 273 -16.90 21.66 12.87
C GLU B 273 -15.94 20.56 13.27
N ALA B 274 -16.46 19.36 13.45
CA ALA B 274 -15.65 18.21 13.83
C ALA B 274 -14.38 18.09 12.99
N ALA B 275 -14.44 18.49 11.73
CA ALA B 275 -13.31 18.27 10.84
C ALA B 275 -12.16 19.20 11.14
N LYS B 276 -12.50 20.44 11.48
CA LYS B 276 -11.51 21.46 11.86
C LYS B 276 -10.91 21.17 13.23
N THR B 277 -11.76 20.74 14.15
CA THR B 277 -11.38 20.60 15.54
C THR B 277 -10.87 19.20 15.83
N LYS B 278 -11.66 18.44 16.57
CA LYS B 278 -11.26 17.12 17.05
C LYS B 278 -10.81 16.18 15.94
N GLY B 279 -11.19 16.50 14.72
CA GLY B 279 -10.86 15.65 13.59
C GLY B 279 -12.06 14.96 12.99
N THR B 280 -11.82 14.22 11.92
CA THR B 280 -12.85 13.46 11.23
C THR B 280 -13.32 12.29 12.09
N ARG B 281 -14.58 11.89 11.97
CA ARG B 281 -15.13 10.76 12.74
C ARG B 281 -14.21 9.58 12.66
N ALA B 282 -13.74 9.33 11.46
CA ALA B 282 -12.77 8.29 11.21
C ALA B 282 -11.56 8.56 12.05
N GLU B 283 -11.05 9.78 11.95
CA GLU B 283 -9.80 10.21 12.58
C GLU B 283 -9.83 10.17 14.11
N VAL B 284 -10.87 10.76 14.71
CA VAL B 284 -11.05 10.71 16.15
C VAL B 284 -10.97 9.28 16.63
N VAL B 285 -11.55 8.39 15.85
CA VAL B 285 -11.59 6.98 16.20
C VAL B 285 -10.20 6.35 16.14
N GLN B 286 -9.34 6.76 15.21
CA GLN B 286 -8.04 6.10 15.14
C GLN B 286 -7.14 6.50 16.31
N GLN B 287 -7.30 7.73 16.80
CA GLN B 287 -6.54 8.14 17.97
C GLN B 287 -6.96 7.25 19.14
N LEU B 288 -8.26 6.99 19.24
CA LEU B 288 -8.76 6.05 20.24
C LEU B 288 -8.38 4.62 19.92
N GLU B 289 -8.04 4.34 18.67
CA GLU B 289 -7.78 2.97 18.25
C GLU B 289 -6.55 2.39 18.95
N LYS B 290 -5.46 3.15 19.01
CA LYS B 290 -4.21 2.62 19.54
C LYS B 290 -4.16 2.81 21.04
N GLU B 291 -4.68 3.93 21.49
CA GLU B 291 -4.59 4.29 22.90
C GLU B 291 -5.29 3.27 23.77
N LEU B 292 -6.35 2.66 23.22
CA LEU B 292 -7.07 1.62 23.92
C LEU B 292 -6.50 0.29 23.50
N PHE B 293 -5.80 0.29 22.38
CA PHE B 293 -5.21 -0.96 21.94
C PHE B 293 -3.98 -1.24 22.77
N GLU B 294 -3.19 -0.23 23.06
CA GLU B 294 -2.04 -0.46 23.92
C GLU B 294 -2.55 -0.75 25.33
N LEU B 295 -3.66 -0.12 25.69
CA LEU B 295 -4.29 -0.36 26.98
C LEU B 295 -4.68 -1.83 27.17
N TYR B 296 -4.75 -2.55 26.07
CA TYR B 296 -5.17 -3.95 26.06
C TYR B 296 -4.10 -4.89 26.55
N LYS B 297 -2.95 -4.35 26.98
CA LYS B 297 -1.73 -5.16 26.87
C LYS B 297 -1.18 -5.88 28.11
N ASP B 298 -1.88 -5.81 29.25
CA ASP B 298 -1.73 -6.73 30.39
C ASP B 298 -2.39 -6.14 31.62
N PRO B 299 -3.03 -7.01 32.43
CA PRO B 299 -3.82 -6.60 33.60
C PRO B 299 -3.10 -5.60 34.51
N ARG B 311 -15.05 0.33 24.31
CA ARG B 311 -16.15 0.61 25.22
C ARG B 311 -17.09 1.67 24.67
N GLY B 312 -16.91 2.04 23.41
CA GLY B 312 -17.77 3.00 22.77
C GLY B 312 -17.89 2.75 21.28
N GLY B 313 -19.06 3.03 20.72
CA GLY B 313 -19.27 2.94 19.28
C GLY B 313 -20.17 1.80 18.80
N ALA B 314 -20.18 0.68 19.53
CA ALA B 314 -20.92 -0.48 19.06
C ALA B 314 -21.40 -1.43 20.16
N TYR B 315 -22.52 -2.11 19.86
CA TYR B 315 -23.02 -3.24 20.62
C TYR B 315 -23.19 -4.40 19.64
N TYR B 316 -22.57 -4.26 18.48
CA TYR B 316 -22.72 -5.19 17.37
C TYR B 316 -22.51 -6.58 17.86
N SER B 317 -21.42 -6.80 18.58
CA SER B 317 -21.05 -8.15 18.95
C SER B 317 -21.97 -8.76 20.02
N ASP B 318 -22.69 -7.94 20.77
CA ASP B 318 -23.61 -8.49 21.78
C ASP B 318 -24.85 -9.15 21.21
N ALA B 319 -25.46 -8.51 20.22
CA ALA B 319 -26.68 -9.00 19.60
C ALA B 319 -26.32 -10.01 18.54
N ALA B 320 -25.04 -10.23 18.39
CA ALA B 320 -24.52 -11.08 17.35
C ALA B 320 -24.43 -12.49 17.81
N CYS B 321 -24.25 -12.67 19.10
CA CYS B 321 -24.16 -14.03 19.60
C CYS B 321 -25.51 -14.52 20.08
N SER B 322 -26.41 -13.59 20.40
CA SER B 322 -27.79 -13.95 20.68
C SER B 322 -28.24 -14.82 19.52
N LEU B 323 -28.07 -14.29 18.32
CA LEU B 323 -28.42 -14.95 17.09
C LEU B 323 -27.85 -16.35 16.99
N ILE B 324 -26.52 -16.47 16.92
CA ILE B 324 -25.86 -17.77 16.85
C ILE B 324 -26.31 -18.73 17.94
N SER B 325 -26.55 -18.17 19.12
CA SER B 325 -27.06 -18.97 20.22
C SER B 325 -28.35 -19.55 19.73
N SER B 326 -29.28 -18.65 19.42
CA SER B 326 -30.61 -19.02 18.94
C SER B 326 -30.61 -19.94 17.72
N ILE B 327 -29.77 -19.66 16.73
CA ILE B 327 -29.71 -20.48 15.51
C ILE B 327 -29.24 -21.90 15.77
N TYR B 328 -28.36 -22.06 16.74
CA TYR B 328 -27.76 -23.37 16.97
C TYR B 328 -28.74 -24.30 17.63
N ASN B 329 -29.46 -23.79 18.61
CA ASN B 329 -30.36 -24.65 19.37
C ASN B 329 -31.85 -24.41 19.06
N ASP B 330 -32.14 -23.60 18.03
CA ASP B 330 -33.50 -23.43 17.54
C ASP B 330 -34.43 -22.78 18.58
N LYS B 331 -33.99 -21.70 19.20
CA LYS B 331 -34.75 -21.19 20.34
C LYS B 331 -36.06 -20.50 19.94
N ARG B 332 -36.05 -19.84 18.79
CA ARG B 332 -37.23 -19.24 18.16
C ARG B 332 -37.75 -18.05 18.93
N ASP B 333 -36.86 -17.10 19.19
CA ASP B 333 -37.26 -15.81 19.74
C ASP B 333 -37.21 -14.77 18.63
N ILE B 334 -37.72 -13.58 18.93
CA ILE B 334 -37.75 -12.49 17.94
C ILE B 334 -36.57 -11.52 18.01
N GLN B 335 -35.65 -11.65 17.07
CA GLN B 335 -34.57 -10.67 16.92
C GLN B 335 -34.64 -10.00 15.53
N PRO B 336 -34.32 -8.69 15.45
CA PRO B 336 -34.32 -7.95 14.19
C PRO B 336 -33.02 -8.06 13.42
N VAL B 337 -33.01 -8.76 12.30
CA VAL B 337 -31.78 -8.91 11.55
C VAL B 337 -31.94 -8.64 10.06
N ASN B 338 -30.89 -8.94 9.30
CA ASN B 338 -30.90 -8.71 7.87
C ASN B 338 -30.94 -10.01 7.08
N THR B 339 -32.07 -10.24 6.43
CA THR B 339 -32.33 -11.49 5.73
C THR B 339 -33.23 -11.26 4.52
N ARG B 340 -33.23 -12.19 3.57
CA ARG B 340 -34.08 -12.09 2.37
C ARG B 340 -35.49 -11.63 2.70
N ASN B 341 -36.19 -11.04 1.75
CA ASN B 341 -37.42 -10.35 2.10
C ASN B 341 -38.62 -11.26 2.10
N ASN B 342 -38.71 -12.12 1.09
CA ASN B 342 -39.88 -12.96 0.90
C ASN B 342 -41.16 -12.18 1.09
N GLY B 343 -41.18 -10.96 0.61
CA GLY B 343 -42.41 -10.18 0.58
C GLY B 343 -42.89 -9.78 1.94
N ALA B 344 -42.07 -9.98 2.96
CA ALA B 344 -42.39 -9.50 4.30
C ALA B 344 -42.73 -8.03 4.27
N ILE B 345 -41.81 -7.23 3.76
CA ILE B 345 -42.13 -5.84 3.43
C ILE B 345 -42.56 -5.77 1.97
N ALA B 346 -43.84 -5.49 1.74
CA ALA B 346 -44.42 -5.53 0.41
C ALA B 346 -43.63 -4.74 -0.63
N SER B 347 -43.27 -3.52 -0.29
CA SER B 347 -42.69 -2.61 -1.24
C SER B 347 -41.23 -2.90 -1.60
N ILE B 348 -40.65 -3.94 -1.05
CA ILE B 348 -39.28 -4.31 -1.39
C ILE B 348 -39.33 -5.66 -2.09
N PRO B 349 -38.56 -5.85 -3.16
CA PRO B 349 -38.50 -7.14 -3.83
C PRO B 349 -38.37 -8.31 -2.87
N PRO B 350 -39.02 -9.43 -3.18
CA PRO B 350 -38.76 -10.58 -2.34
C PRO B 350 -37.29 -11.01 -2.34
N GLU B 351 -36.61 -10.92 -3.48
CA GLU B 351 -35.25 -11.44 -3.57
C GLU B 351 -34.26 -10.63 -2.78
N SER B 352 -34.69 -9.48 -2.28
CA SER B 352 -33.77 -8.52 -1.69
C SER B 352 -33.71 -8.61 -0.19
N ALA B 353 -32.73 -7.94 0.40
CA ALA B 353 -32.49 -8.01 1.84
C ALA B 353 -33.18 -6.88 2.56
N VAL B 354 -33.77 -7.18 3.71
CA VAL B 354 -34.38 -6.17 4.55
C VAL B 354 -33.89 -6.36 5.97
N GLU B 355 -34.20 -5.39 6.82
CA GLU B 355 -33.93 -5.52 8.24
C GLU B 355 -35.23 -5.44 9.01
N VAL B 356 -35.69 -6.62 9.42
CA VAL B 356 -37.00 -6.81 10.03
C VAL B 356 -36.88 -7.71 11.24
N ASN B 357 -37.89 -7.74 12.09
CA ASN B 357 -37.88 -8.69 13.18
C ASN B 357 -37.99 -10.10 12.61
N CYS B 358 -37.43 -11.08 13.30
CA CYS B 358 -37.39 -12.45 12.78
C CYS B 358 -37.43 -13.50 13.89
N VAL B 359 -38.15 -14.58 13.64
CA VAL B 359 -38.04 -15.82 14.39
C VAL B 359 -36.75 -16.50 14.03
N ILE B 360 -35.96 -16.90 15.00
CA ILE B 360 -34.68 -17.51 14.69
C ILE B 360 -34.77 -19.02 14.77
N THR B 361 -34.76 -19.69 13.64
CA THR B 361 -34.93 -21.14 13.64
C THR B 361 -33.60 -21.79 13.40
N LYS B 362 -33.57 -23.10 13.50
CA LYS B 362 -32.34 -23.83 13.28
C LYS B 362 -32.07 -23.87 11.79
N ASP B 363 -33.10 -23.58 11.01
CA ASP B 363 -32.94 -23.52 9.55
C ASP B 363 -32.61 -22.12 9.13
N GLY B 364 -32.70 -21.20 10.09
CA GLY B 364 -32.29 -19.85 9.82
C GLY B 364 -33.25 -18.85 10.38
N PRO B 365 -33.19 -17.62 9.91
CA PRO B 365 -34.18 -16.63 10.33
C PRO B 365 -35.42 -16.69 9.47
N LYS B 366 -36.53 -16.23 10.02
CA LYS B 366 -37.79 -16.30 9.36
C LYS B 366 -38.50 -14.97 9.57
N PRO B 367 -38.57 -14.13 8.53
CA PRO B 367 -39.16 -12.80 8.68
C PRO B 367 -40.59 -12.85 9.15
N ILE B 368 -41.06 -11.82 9.84
CA ILE B 368 -42.46 -11.69 10.18
C ILE B 368 -43.09 -10.69 9.23
N ALA B 369 -44.29 -10.96 8.74
CA ALA B 369 -44.93 -10.07 7.81
C ALA B 369 -45.09 -8.68 8.40
N VAL B 370 -44.76 -7.66 7.63
CA VAL B 370 -44.96 -6.27 8.05
C VAL B 370 -46.17 -5.67 7.36
N GLY B 371 -46.48 -6.20 6.19
CA GLY B 371 -47.47 -5.59 5.33
C GLY B 371 -46.69 -4.72 4.39
N ASP B 372 -46.68 -3.43 4.66
CA ASP B 372 -45.84 -2.52 3.93
C ASP B 372 -45.37 -1.42 4.84
N LEU B 373 -44.26 -0.78 4.49
CA LEU B 373 -43.80 0.41 5.20
C LEU B 373 -44.86 1.47 5.15
N PRO B 374 -45.00 2.23 6.24
CA PRO B 374 -45.92 3.35 6.27
C PRO B 374 -45.63 4.29 5.12
N VAL B 375 -46.68 4.87 4.54
CA VAL B 375 -46.57 5.62 3.30
C VAL B 375 -45.41 6.62 3.32
N ALA B 376 -45.52 7.64 4.15
CA ALA B 376 -44.56 8.75 4.17
C ALA B 376 -43.09 8.35 4.14
N VAL B 377 -42.77 7.14 4.56
CA VAL B 377 -41.40 6.72 4.62
C VAL B 377 -41.12 5.69 3.54
N ARG B 378 -42.14 5.35 2.76
CA ARG B 378 -42.01 4.25 1.82
C ARG B 378 -40.97 4.57 0.79
N GLY B 379 -41.09 5.74 0.16
CA GLY B 379 -40.23 6.14 -0.94
C GLY B 379 -38.76 6.30 -0.61
N LEU B 380 -38.49 6.92 0.53
CA LEU B 380 -37.13 7.01 1.02
C LEU B 380 -36.43 5.65 1.04
N VAL B 381 -37.04 4.66 1.71
CA VAL B 381 -36.44 3.34 1.80
C VAL B 381 -36.33 2.71 0.42
N GLN B 382 -37.29 3.02 -0.43
CA GLN B 382 -37.27 2.56 -1.79
C GLN B 382 -36.11 3.19 -2.52
N GLN B 383 -35.65 4.36 -2.04
CA GLN B 383 -34.48 4.98 -2.64
C GLN B 383 -33.19 4.32 -2.19
N ILE B 384 -33.12 3.93 -0.92
CA ILE B 384 -31.91 3.28 -0.44
C ILE B 384 -31.74 1.91 -1.07
N LYS B 385 -32.84 1.24 -1.35
CA LYS B 385 -32.75 -0.05 -2.02
C LYS B 385 -32.19 0.17 -3.41
N SER B 386 -32.68 1.20 -4.10
CA SER B 386 -32.19 1.57 -5.41
C SER B 386 -30.71 1.86 -5.37
N PHE B 387 -30.28 2.56 -4.32
CA PHE B 387 -28.86 2.79 -4.14
C PHE B 387 -28.13 1.52 -3.77
N GLU B 388 -28.72 0.72 -2.90
CA GLU B 388 -28.03 -0.49 -2.46
C GLU B 388 -27.82 -1.36 -3.67
N ARG B 389 -28.85 -1.47 -4.49
CA ARG B 389 -28.81 -2.39 -5.62
C ARG B 389 -27.82 -1.94 -6.67
N VAL B 390 -27.91 -0.69 -7.10
CA VAL B 390 -27.06 -0.22 -8.19
C VAL B 390 -25.58 -0.23 -7.78
N ALA B 391 -25.32 0.19 -6.55
CA ALA B 391 -23.96 0.17 -6.02
C ALA B 391 -23.41 -1.24 -6.00
N ALA B 392 -24.26 -2.20 -5.71
CA ALA B 392 -23.82 -3.57 -5.65
C ALA B 392 -23.39 -4.06 -7.02
N GLU B 393 -24.13 -3.69 -8.05
CA GLU B 393 -23.82 -4.13 -9.41
C GLU B 393 -22.51 -3.52 -9.87
N ALA B 394 -22.35 -2.23 -9.65
CA ALA B 394 -21.13 -1.54 -10.04
C ALA B 394 -19.92 -2.22 -9.43
N ALA B 395 -20.08 -2.66 -8.19
CA ALA B 395 -19.01 -3.30 -7.45
C ALA B 395 -18.55 -4.61 -8.03
N VAL B 396 -19.49 -5.38 -8.57
CA VAL B 396 -19.17 -6.71 -9.10
C VAL B 396 -18.67 -6.62 -10.54
N THR B 397 -19.12 -5.59 -11.25
CA THR B 397 -18.79 -5.43 -12.65
C THR B 397 -17.76 -4.34 -12.91
N GLY B 398 -17.44 -3.56 -11.89
CA GLY B 398 -16.49 -2.48 -12.05
C GLY B 398 -16.82 -1.54 -13.20
N ASP B 399 -18.10 -1.35 -13.45
CA ASP B 399 -18.55 -0.46 -14.51
C ASP B 399 -18.67 0.96 -14.00
N TYR B 400 -17.97 1.87 -14.68
CA TYR B 400 -17.98 3.27 -14.32
C TYR B 400 -19.35 3.90 -14.39
N GLN B 401 -20.13 3.56 -15.40
CA GLN B 401 -21.42 4.19 -15.58
C GLN B 401 -22.35 3.83 -14.44
N THR B 402 -22.38 2.55 -14.09
CA THR B 402 -23.24 2.05 -13.02
C THR B 402 -22.87 2.70 -11.71
N ALA B 403 -21.58 2.79 -11.44
CA ALA B 403 -21.09 3.46 -10.24
C ALA B 403 -21.52 4.91 -10.20
N LEU B 404 -21.55 5.55 -11.36
CA LEU B 404 -21.95 6.94 -11.39
C LEU B 404 -23.44 7.05 -11.21
N VAL B 405 -24.17 6.11 -11.79
CA VAL B 405 -25.62 6.11 -11.66
C VAL B 405 -25.93 5.97 -10.19
N ALA B 406 -25.05 5.26 -9.48
CA ALA B 406 -25.23 5.00 -8.05
C ALA B 406 -25.05 6.26 -7.21
N MET B 407 -23.98 6.97 -7.46
CA MET B 407 -23.71 8.18 -6.73
C MET B 407 -24.79 9.22 -6.92
N THR B 408 -25.39 9.27 -8.10
CA THR B 408 -26.27 10.38 -8.44
C THR B 408 -27.71 10.20 -7.94
N ILE B 409 -28.23 8.98 -8.03
CA ILE B 409 -29.61 8.75 -7.63
C ILE B 409 -29.70 8.84 -6.14
N ASN B 410 -28.55 8.69 -5.49
CA ASN B 410 -28.44 8.80 -4.05
C ASN B 410 -28.95 10.14 -3.59
N PRO B 411 -29.68 10.18 -2.45
CA PRO B 411 -30.28 11.40 -1.92
C PRO B 411 -29.29 12.41 -1.36
N LEU B 412 -28.11 11.95 -0.96
CA LEU B 412 -27.14 12.82 -0.32
C LEU B 412 -26.21 13.48 -1.32
N VAL B 413 -26.28 13.06 -2.59
CA VAL B 413 -25.49 13.68 -3.64
C VAL B 413 -26.35 14.65 -4.45
N PRO B 414 -25.88 15.89 -4.66
CA PRO B 414 -26.73 16.93 -5.25
C PRO B 414 -26.84 16.89 -6.76
N SER B 415 -25.72 16.72 -7.46
CA SER B 415 -25.74 16.76 -8.92
C SER B 415 -25.05 15.58 -9.57
N ASP B 416 -25.34 15.39 -10.87
CA ASP B 416 -24.62 14.44 -11.69
C ASP B 416 -23.21 14.85 -11.81
N THR B 417 -23.05 16.16 -11.86
CA THR B 417 -21.77 16.79 -12.07
C THR B 417 -20.88 16.64 -10.86
N ILE B 418 -21.39 16.98 -9.69
CA ILE B 418 -20.64 16.81 -8.47
C ILE B 418 -20.35 15.36 -8.25
N ALA B 419 -21.37 14.53 -8.49
CA ALA B 419 -21.23 13.08 -8.43
C ALA B 419 -20.03 12.58 -9.19
N LYS B 420 -19.87 13.07 -10.42
CA LYS B 420 -18.76 12.64 -11.25
C LYS B 420 -17.43 13.05 -10.65
N GLN B 421 -17.38 14.24 -10.07
CA GLN B 421 -16.15 14.73 -9.48
C GLN B 421 -15.75 13.87 -8.29
N MET B 422 -16.70 13.59 -7.40
CA MET B 422 -16.42 12.78 -6.23
C MET B 422 -16.05 11.36 -6.62
N LEU B 423 -16.82 10.81 -7.55
CA LEU B 423 -16.57 9.48 -8.03
C LEU B 423 -15.16 9.34 -8.56
N ASP B 424 -14.77 10.29 -9.41
CA ASP B 424 -13.46 10.24 -10.05
C ASP B 424 -12.33 10.43 -9.06
N GLU B 425 -12.62 11.07 -7.93
CA GLU B 425 -11.60 11.36 -6.93
C GLU B 425 -11.37 10.18 -5.98
N MET B 426 -12.42 9.42 -5.70
CA MET B 426 -12.32 8.33 -4.75
C MET B 426 -11.92 7.02 -5.42
N LEU B 427 -12.11 6.94 -6.72
CA LEU B 427 -11.62 5.78 -7.45
C LEU B 427 -10.11 5.75 -7.39
N GLU B 428 -9.50 6.91 -7.60
CA GLU B 428 -8.06 7.04 -7.54
C GLU B 428 -7.60 6.88 -6.11
N ALA B 429 -8.36 7.49 -5.20
CA ALA B 429 -8.05 7.38 -3.78
C ALA B 429 -7.86 5.91 -3.34
N HIS B 430 -8.77 5.03 -3.78
CA HIS B 430 -8.70 3.60 -3.43
C HIS B 430 -8.36 2.74 -4.64
N LYS B 431 -7.35 3.15 -5.39
CA LYS B 431 -6.99 2.45 -6.62
C LYS B 431 -6.50 1.06 -6.31
N GLU B 432 -6.17 0.80 -5.06
CA GLU B 432 -5.58 -0.47 -4.69
C GLU B 432 -6.62 -1.52 -4.44
N HIS B 433 -7.64 -1.16 -3.66
CA HIS B 433 -8.63 -2.12 -3.24
C HIS B 433 -9.73 -2.29 -4.27
N LEU B 434 -9.52 -1.74 -5.46
CA LEU B 434 -10.56 -1.75 -6.50
C LEU B 434 -10.04 -2.33 -7.80
N PRO B 435 -9.66 -3.62 -7.82
CA PRO B 435 -9.02 -4.20 -9.00
C PRO B 435 -9.94 -4.21 -10.21
N GLN B 436 -11.25 -4.17 -9.96
CA GLN B 436 -12.21 -4.28 -11.04
C GLN B 436 -12.40 -2.95 -11.77
N PHE B 437 -11.69 -1.92 -11.34
CA PHE B 437 -11.73 -0.65 -12.03
C PHE B 437 -10.40 -0.38 -12.71
N PHE B 438 -9.40 -1.17 -12.36
CA PHE B 438 -8.07 -1.01 -12.92
C PHE B 438 -7.46 -2.37 -13.27
N ARG C 4 58.12 7.39 -36.86
CA ARG C 4 57.15 6.38 -37.29
C ARG C 4 56.98 5.27 -36.26
N LEU C 5 55.75 5.14 -35.77
CA LEU C 5 55.38 4.20 -34.72
C LEU C 5 55.56 2.72 -35.07
N LYS C 6 56.22 1.98 -34.19
CA LYS C 6 56.24 0.51 -34.29
C LYS C 6 55.50 -0.15 -33.13
N MET C 7 54.47 -0.92 -33.44
CA MET C 7 53.65 -1.55 -32.43
C MET C 7 53.77 -3.06 -32.46
N ALA C 8 53.89 -3.70 -31.30
CA ALA C 8 53.98 -5.15 -31.22
C ALA C 8 52.86 -5.72 -30.36
N THR C 9 52.19 -6.75 -30.83
CA THR C 9 51.15 -7.39 -30.04
C THR C 9 51.42 -8.87 -29.81
N ILE C 10 51.33 -9.31 -28.56
CA ILE C 10 51.49 -10.72 -28.26
C ILE C 10 50.12 -11.33 -28.00
N GLY C 11 49.87 -12.45 -28.66
CA GLY C 11 48.54 -12.98 -28.79
C GLY C 11 48.02 -12.53 -30.13
N GLY C 12 48.87 -12.62 -31.13
CA GLY C 12 48.56 -12.10 -32.44
C GLY C 12 47.42 -12.82 -33.11
N GLY C 13 47.34 -14.13 -32.90
CA GLY C 13 46.33 -14.95 -33.53
C GLY C 13 45.01 -14.98 -32.78
N SER C 14 44.70 -13.92 -32.05
CA SER C 14 43.52 -13.90 -31.21
C SER C 14 42.23 -13.66 -32.00
N SER C 15 41.11 -13.94 -31.36
CA SER C 15 39.80 -13.76 -31.95
C SER C 15 39.50 -12.29 -32.12
N TYR C 16 40.13 -11.48 -31.28
CA TYR C 16 39.80 -10.06 -31.21
C TYR C 16 40.74 -9.25 -32.08
N THR C 17 41.82 -9.87 -32.55
CA THR C 17 42.79 -9.20 -33.41
C THR C 17 42.21 -8.30 -34.51
N PRO C 18 41.14 -8.72 -35.18
CA PRO C 18 40.66 -7.74 -36.15
C PRO C 18 40.04 -6.50 -35.52
N GLU C 19 39.39 -6.61 -34.36
CA GLU C 19 38.81 -5.43 -33.74
C GLU C 19 39.90 -4.39 -33.48
N LEU C 20 41.09 -4.84 -33.16
CA LEU C 20 42.20 -3.93 -32.91
C LEU C 20 42.64 -3.23 -34.20
N VAL C 21 42.87 -4.01 -35.26
CA VAL C 21 43.39 -3.43 -36.51
C VAL C 21 42.37 -2.51 -37.15
N GLU C 22 41.10 -2.77 -36.90
CA GLU C 22 40.06 -1.85 -37.30
C GLU C 22 40.22 -0.55 -36.52
N GLY C 23 40.45 -0.66 -35.23
CA GLY C 23 40.50 0.48 -34.35
C GLY C 23 41.56 1.48 -34.78
N LEU C 24 42.68 0.97 -35.27
CA LEU C 24 43.78 1.83 -35.67
C LEU C 24 43.48 2.46 -37.00
N ILE C 25 42.77 1.70 -37.84
CA ILE C 25 42.32 2.20 -39.12
C ILE C 25 41.40 3.41 -38.95
N LYS C 26 40.45 3.33 -38.03
CA LYS C 26 39.50 4.41 -37.76
C LYS C 26 40.19 5.60 -37.08
N ARG C 27 41.40 5.39 -36.59
CA ARG C 27 42.08 6.39 -35.80
C ARG C 27 43.50 6.46 -36.26
N TYR C 28 43.69 6.45 -37.56
CA TYR C 28 45.03 6.47 -38.13
C TYR C 28 45.55 7.88 -38.31
N HIS C 29 44.65 8.81 -38.54
CA HIS C 29 45.01 10.21 -38.81
C HIS C 29 45.92 10.75 -37.72
N GLU C 30 45.64 10.37 -36.48
CA GLU C 30 46.40 10.84 -35.34
C GLU C 30 47.35 9.76 -34.81
N LEU C 31 47.18 8.53 -35.27
CA LEU C 31 48.04 7.44 -34.83
C LEU C 31 48.89 6.88 -35.95
N PRO C 32 49.94 7.60 -36.33
CA PRO C 32 50.78 7.15 -37.44
C PRO C 32 51.50 5.83 -37.17
N VAL C 33 50.77 4.73 -37.22
CA VAL C 33 51.37 3.41 -37.00
C VAL C 33 52.10 2.87 -38.22
N GLY C 34 53.41 2.82 -38.14
CA GLY C 34 54.20 2.31 -39.24
C GLY C 34 54.06 0.81 -39.40
N GLU C 35 54.91 0.07 -38.70
CA GLU C 35 54.83 -1.38 -38.67
C GLU C 35 53.83 -1.80 -37.61
N LEU C 36 53.19 -2.95 -37.81
CA LEU C 36 52.45 -3.60 -36.74
C LEU C 36 52.79 -5.08 -36.70
N TRP C 37 53.31 -5.55 -35.58
CA TRP C 37 53.73 -6.93 -35.49
C TRP C 37 52.75 -7.76 -34.67
N LEU C 38 52.41 -8.93 -35.19
CA LEU C 38 51.57 -9.86 -34.48
C LEU C 38 52.37 -11.09 -34.09
N VAL C 39 52.48 -11.32 -32.79
CA VAL C 39 53.26 -12.42 -32.27
C VAL C 39 52.33 -13.50 -31.75
N ASP C 40 52.66 -14.76 -32.02
CA ASP C 40 52.02 -15.85 -31.33
C ASP C 40 53.02 -16.96 -31.14
N ILE C 41 52.57 -18.03 -30.51
CA ILE C 41 53.43 -19.15 -30.16
C ILE C 41 53.10 -20.34 -31.05
N PRO C 42 54.09 -21.21 -31.32
CA PRO C 42 53.97 -22.39 -32.18
C PRO C 42 52.62 -23.09 -32.17
N GLU C 43 52.03 -23.30 -31.00
CA GLU C 43 50.74 -23.96 -30.92
C GLU C 43 49.60 -22.99 -31.18
N GLY C 44 49.85 -22.01 -32.03
CA GLY C 44 48.84 -21.05 -32.42
C GLY C 44 49.21 -20.41 -33.74
N LYS C 45 50.29 -20.89 -34.33
CA LYS C 45 50.76 -20.44 -35.63
C LYS C 45 49.67 -20.44 -36.70
N GLU C 46 48.74 -21.39 -36.60
CA GLU C 46 47.71 -21.53 -37.62
C GLU C 46 46.74 -20.37 -37.56
N LYS C 47 46.28 -20.03 -36.36
CA LYS C 47 45.30 -18.97 -36.17
C LYS C 47 45.89 -17.60 -36.46
N LEU C 48 47.18 -17.44 -36.18
CA LEU C 48 47.88 -16.22 -36.52
C LEU C 48 47.87 -16.02 -38.01
N GLU C 49 48.48 -16.94 -38.74
CA GLU C 49 48.62 -16.81 -40.19
C GLU C 49 47.29 -16.65 -40.92
N ILE C 50 46.19 -16.91 -40.22
CA ILE C 50 44.86 -16.74 -40.80
C ILE C 50 44.39 -15.29 -40.67
N VAL C 51 44.35 -14.75 -39.45
CA VAL C 51 43.89 -13.39 -39.24
C VAL C 51 44.91 -12.35 -39.65
N GLY C 52 46.16 -12.76 -39.87
CA GLY C 52 47.18 -11.84 -40.29
C GLY C 52 46.89 -11.36 -41.69
N ALA C 53 46.34 -12.26 -42.50
CA ALA C 53 45.95 -11.94 -43.86
C ALA C 53 44.69 -11.09 -43.86
N LEU C 54 43.74 -11.41 -42.99
CA LEU C 54 42.53 -10.60 -42.86
C LEU C 54 42.88 -9.20 -42.41
N ALA C 55 43.90 -9.09 -41.57
CA ALA C 55 44.38 -7.79 -41.17
C ALA C 55 44.98 -7.12 -42.37
N LYS C 56 45.81 -7.87 -43.08
CA LYS C 56 46.51 -7.34 -44.23
C LYS C 56 45.51 -6.95 -45.31
N ARG C 57 44.29 -7.49 -45.21
CA ARG C 57 43.23 -7.19 -46.15
C ARG C 57 42.42 -5.99 -45.73
N MET C 58 42.16 -5.88 -44.43
CA MET C 58 41.44 -4.74 -43.89
C MET C 58 42.22 -3.46 -44.15
N VAL C 59 43.54 -3.57 -44.09
CA VAL C 59 44.42 -2.44 -44.28
C VAL C 59 44.36 -1.93 -45.71
N GLU C 60 44.61 -2.81 -46.67
CA GLU C 60 44.60 -2.41 -48.08
C GLU C 60 43.28 -1.81 -48.52
N LYS C 61 42.17 -2.39 -48.07
CA LYS C 61 40.85 -1.86 -48.36
C LYS C 61 40.57 -0.48 -47.74
N ALA C 62 41.53 0.08 -47.00
CA ALA C 62 41.29 1.36 -46.32
C ALA C 62 42.30 2.42 -46.73
N GLY C 63 43.36 1.98 -47.39
CA GLY C 63 44.31 2.90 -47.96
C GLY C 63 45.30 3.38 -46.94
N VAL C 64 45.17 2.88 -45.71
CA VAL C 64 46.13 3.14 -44.64
C VAL C 64 47.39 2.30 -44.85
N PRO C 65 48.56 2.95 -44.89
CA PRO C 65 49.83 2.23 -45.14
C PRO C 65 50.40 1.46 -43.95
N ILE C 66 49.58 0.65 -43.29
CA ILE C 66 50.08 -0.14 -42.16
C ILE C 66 50.60 -1.52 -42.58
N GLU C 67 51.90 -1.71 -42.45
CA GLU C 67 52.56 -2.97 -42.74
C GLU C 67 52.24 -4.00 -41.70
N ILE C 68 51.66 -5.14 -42.10
CA ILE C 68 51.40 -6.18 -41.13
C ILE C 68 52.55 -7.16 -41.06
N HIS C 69 53.12 -7.33 -39.88
CA HIS C 69 54.22 -8.28 -39.69
C HIS C 69 53.82 -9.42 -38.78
N LEU C 70 53.87 -10.63 -39.31
CA LEU C 70 53.55 -11.82 -38.56
C LEU C 70 54.81 -12.56 -38.24
N THR C 71 54.89 -13.08 -37.02
CA THR C 71 56.10 -13.69 -36.53
C THR C 71 55.84 -14.64 -35.36
N LEU C 72 56.89 -15.35 -35.00
CA LEU C 72 56.93 -16.22 -33.83
C LEU C 72 58.14 -15.82 -32.98
N ASP C 73 59.14 -15.28 -33.65
CA ASP C 73 60.31 -14.73 -32.98
C ASP C 73 59.92 -13.45 -32.29
N ARG C 74 59.25 -13.57 -31.14
CA ARG C 74 58.81 -12.41 -30.37
C ARG C 74 59.90 -11.37 -30.19
N ARG C 75 61.13 -11.81 -29.95
CA ARG C 75 62.21 -10.90 -29.61
C ARG C 75 62.53 -9.91 -30.71
N ARG C 76 62.18 -10.24 -31.95
CA ARG C 76 62.39 -9.32 -33.05
C ARG C 76 61.28 -8.30 -33.10
N ALA C 77 60.08 -8.71 -32.74
CA ALA C 77 58.94 -7.83 -32.78
C ALA C 77 59.03 -6.74 -31.72
N LEU C 78 59.95 -6.91 -30.78
CA LEU C 78 60.11 -5.93 -29.72
C LEU C 78 61.31 -5.02 -30.02
N GLU C 79 62.12 -5.43 -30.99
CA GLU C 79 63.31 -4.69 -31.41
C GLU C 79 62.94 -3.23 -31.63
N GLY C 80 63.06 -2.44 -30.57
CA GLY C 80 62.73 -1.04 -30.64
C GLY C 80 61.27 -0.79 -30.90
N ALA C 81 60.40 -1.48 -30.19
CA ALA C 81 58.98 -1.23 -30.30
C ALA C 81 58.66 0.07 -29.59
N ASP C 82 57.56 0.70 -29.96
CA ASP C 82 57.12 1.93 -29.32
C ASP C 82 56.02 1.65 -28.34
N PHE C 83 55.07 0.83 -28.77
CA PHE C 83 54.01 0.38 -27.90
C PHE C 83 53.90 -1.13 -27.97
N VAL C 84 53.49 -1.75 -26.87
CA VAL C 84 53.33 -3.20 -26.85
C VAL C 84 51.99 -3.57 -26.25
N THR C 85 51.20 -4.34 -26.98
CA THR C 85 49.92 -4.77 -26.45
C THR C 85 49.95 -6.26 -26.18
N THR C 86 49.18 -6.71 -25.19
CA THR C 86 49.16 -8.11 -24.85
C THR C 86 47.75 -8.59 -24.67
N GLN C 87 47.34 -9.49 -25.57
CA GLN C 87 45.99 -9.98 -25.59
C GLN C 87 45.94 -11.50 -25.65
N PHE C 88 47.10 -12.13 -25.55
CA PHE C 88 47.19 -13.59 -25.50
C PHE C 88 46.52 -14.18 -24.27
N ARG C 89 46.34 -15.49 -24.30
CA ARG C 89 45.78 -16.20 -23.16
C ARG C 89 46.59 -17.46 -22.95
N VAL C 90 47.36 -17.52 -21.87
CA VAL C 90 48.25 -18.65 -21.63
C VAL C 90 47.45 -19.91 -21.38
N GLY C 91 47.84 -20.99 -22.04
CA GLY C 91 47.16 -22.26 -21.89
C GLY C 91 45.97 -22.41 -22.81
N GLY C 92 45.73 -21.39 -23.62
CA GLY C 92 44.65 -21.42 -24.57
C GLY C 92 43.29 -21.53 -23.91
N LEU C 93 42.26 -21.57 -24.74
CA LEU C 93 40.88 -21.66 -24.27
C LEU C 93 40.63 -22.97 -23.53
N GLU C 94 41.42 -23.97 -23.88
CA GLU C 94 41.34 -25.26 -23.24
C GLU C 94 41.66 -25.12 -21.75
N ALA C 95 42.50 -24.15 -21.42
CA ALA C 95 42.86 -23.91 -20.02
C ALA C 95 41.72 -23.25 -19.26
N ARG C 96 41.00 -22.34 -19.94
CA ARG C 96 39.85 -21.68 -19.33
C ARG C 96 38.73 -22.68 -19.04
N ALA C 97 38.71 -23.76 -19.81
CA ALA C 97 37.72 -24.80 -19.63
C ALA C 97 37.93 -25.49 -18.29
N LYS C 98 39.19 -25.80 -18.00
CA LYS C 98 39.54 -26.40 -16.73
C LYS C 98 39.19 -25.47 -15.58
N ASP C 99 39.54 -24.19 -15.71
CA ASP C 99 39.33 -23.24 -14.63
C ASP C 99 37.88 -23.13 -14.26
N GLU C 100 36.99 -23.41 -15.21
CA GLU C 100 35.57 -23.17 -15.04
C GLU C 100 34.78 -24.42 -14.67
N ARG C 101 35.40 -25.60 -14.78
CA ARG C 101 34.73 -26.85 -14.43
C ARG C 101 35.24 -27.50 -13.16
N ILE C 102 36.52 -27.35 -12.85
CA ILE C 102 37.04 -27.97 -11.63
C ILE C 102 36.40 -27.38 -10.37
N PRO C 103 36.20 -26.05 -10.32
CA PRO C 103 35.39 -25.57 -9.20
C PRO C 103 33.99 -26.15 -9.12
N LEU C 104 33.42 -26.56 -10.25
CA LEU C 104 32.03 -26.97 -10.30
C LEU C 104 31.73 -28.18 -9.40
N LYS C 105 32.67 -29.12 -9.36
CA LYS C 105 32.61 -30.27 -8.45
C LYS C 105 32.36 -29.87 -6.99
N TYR C 106 32.81 -28.67 -6.62
CA TYR C 106 32.89 -28.29 -5.22
C TYR C 106 31.86 -27.27 -4.79
N GLY C 107 30.98 -26.91 -5.70
CA GLY C 107 29.96 -25.92 -5.39
C GLY C 107 30.47 -24.50 -5.52
N VAL C 108 31.72 -24.37 -5.92
CA VAL C 108 32.40 -23.08 -5.97
C VAL C 108 32.41 -22.51 -7.38
N ILE C 109 32.24 -21.20 -7.49
CA ILE C 109 32.34 -20.46 -8.74
C ILE C 109 33.51 -20.92 -9.59
N GLY C 110 33.27 -21.11 -10.86
CA GLY C 110 34.32 -21.49 -11.78
C GLY C 110 34.25 -20.51 -12.92
N GLN C 111 34.71 -19.31 -12.64
CA GLN C 111 34.68 -18.21 -13.59
C GLN C 111 36.09 -18.08 -14.11
N GLU C 112 36.34 -17.12 -14.99
CA GLU C 112 37.65 -17.07 -15.64
C GLU C 112 38.62 -16.14 -14.95
N THR C 113 38.11 -15.16 -14.21
CA THR C 113 38.96 -14.17 -13.56
C THR C 113 38.57 -13.86 -12.13
N ASN C 114 37.61 -14.59 -11.58
CA ASN C 114 37.34 -14.49 -10.16
C ASN C 114 37.50 -15.84 -9.52
N GLY C 115 37.45 -15.89 -8.20
CA GLY C 115 37.68 -17.11 -7.46
C GLY C 115 38.85 -17.93 -7.98
N PRO C 116 38.76 -19.25 -7.80
CA PRO C 116 39.79 -20.25 -8.08
C PRO C 116 40.38 -20.14 -9.46
N GLY C 117 39.55 -19.98 -10.48
CA GLY C 117 40.03 -19.85 -11.84
C GLY C 117 40.94 -18.65 -12.02
N GLY C 118 40.52 -17.52 -11.49
CA GLY C 118 41.32 -16.30 -11.56
C GLY C 118 42.71 -16.52 -11.01
N LEU C 119 42.79 -17.21 -9.87
CA LEU C 119 44.08 -17.50 -9.26
C LEU C 119 45.01 -18.20 -10.24
N PHE C 120 44.53 -19.27 -10.84
CA PHE C 120 45.40 -20.08 -11.68
C PHE C 120 45.57 -19.43 -13.02
N LYS C 121 44.69 -18.49 -13.34
CA LYS C 121 44.85 -17.74 -14.57
C LYS C 121 46.07 -16.84 -14.38
N GLY C 122 46.27 -16.40 -13.15
CA GLY C 122 47.41 -15.57 -12.84
C GLY C 122 48.66 -16.37 -12.73
N LEU C 123 48.59 -17.47 -12.01
CA LEU C 123 49.75 -18.31 -11.83
C LEU C 123 50.29 -18.76 -13.18
N ARG C 124 49.41 -19.05 -14.13
CA ARG C 124 49.87 -19.44 -15.46
C ARG C 124 50.51 -18.26 -16.15
N THR C 125 49.82 -17.13 -16.08
CA THR C 125 50.07 -15.96 -16.93
C THR C 125 51.22 -15.03 -16.51
N ILE C 126 51.14 -14.46 -15.31
CA ILE C 126 52.03 -13.38 -14.95
C ILE C 126 53.50 -13.76 -14.88
N PRO C 127 53.85 -15.06 -14.90
CA PRO C 127 55.27 -15.28 -15.21
C PRO C 127 55.61 -14.82 -16.61
N VAL C 128 54.73 -15.10 -17.55
CA VAL C 128 54.97 -14.75 -18.94
C VAL C 128 55.03 -13.24 -19.10
N ILE C 129 54.14 -12.53 -18.43
CA ILE C 129 54.20 -11.07 -18.45
C ILE C 129 55.56 -10.57 -18.01
N LEU C 130 56.00 -10.99 -16.83
CA LEU C 130 57.33 -10.60 -16.35
C LEU C 130 58.40 -11.10 -17.29
N ASP C 131 58.09 -12.17 -17.99
CA ASP C 131 59.02 -12.80 -18.90
C ASP C 131 59.19 -11.92 -20.12
N ILE C 132 58.10 -11.24 -20.47
CA ILE C 132 58.07 -10.36 -21.63
C ILE C 132 58.77 -9.04 -21.34
N ILE C 133 58.52 -8.53 -20.14
CA ILE C 133 59.18 -7.33 -19.68
C ILE C 133 60.69 -7.51 -19.59
N ARG C 134 61.13 -8.68 -19.16
CA ARG C 134 62.57 -8.96 -19.10
C ARG C 134 63.20 -8.88 -20.47
N ASP C 135 62.36 -8.81 -21.50
CA ASP C 135 62.82 -8.66 -22.88
C ASP C 135 62.75 -7.20 -23.27
N MET C 136 61.67 -6.53 -22.91
CA MET C 136 61.53 -5.12 -23.23
C MET C 136 62.65 -4.30 -22.60
N GLU C 137 63.17 -4.73 -21.48
CA GLU C 137 64.27 -4.02 -20.82
C GLU C 137 65.54 -4.11 -21.64
N GLU C 138 65.49 -4.84 -22.76
CA GLU C 138 66.63 -4.99 -23.63
C GLU C 138 66.31 -4.54 -25.03
N LEU C 139 65.05 -4.68 -25.42
CA LEU C 139 64.64 -4.43 -26.79
C LEU C 139 63.92 -3.11 -26.98
N CYS C 140 63.21 -2.66 -25.96
CA CYS C 140 62.54 -1.38 -26.01
C CYS C 140 62.19 -0.87 -24.62
N PRO C 141 63.16 -0.25 -23.95
CA PRO C 141 63.02 0.23 -22.58
C PRO C 141 62.26 1.52 -22.49
N ASP C 142 61.95 2.12 -23.62
CA ASP C 142 61.16 3.34 -23.63
C ASP C 142 59.76 3.03 -24.10
N ALA C 143 59.53 1.78 -24.44
CA ALA C 143 58.22 1.35 -24.95
C ALA C 143 57.21 1.27 -23.85
N TRP C 144 55.95 1.43 -24.21
CA TRP C 144 54.84 1.28 -23.29
C TRP C 144 54.28 -0.13 -23.30
N LEU C 145 53.78 -0.58 -22.16
CA LEU C 145 53.09 -1.85 -22.09
C LEU C 145 51.62 -1.60 -21.84
N ILE C 146 50.78 -1.83 -22.85
CA ILE C 146 49.34 -1.74 -22.65
C ILE C 146 48.83 -3.16 -22.58
N ASN C 147 48.06 -3.47 -21.54
CA ASN C 147 47.74 -4.85 -21.21
C ASN C 147 46.26 -5.20 -21.11
N PHE C 148 45.83 -6.24 -21.82
CA PHE C 148 44.44 -6.69 -21.75
C PHE C 148 44.33 -8.11 -21.28
N THR C 149 45.42 -8.86 -21.41
CA THR C 149 45.47 -10.22 -20.89
C THR C 149 45.01 -10.19 -19.46
N ASN C 150 43.90 -10.85 -19.20
CA ASN C 150 43.36 -10.92 -17.85
C ASN C 150 44.19 -11.84 -16.97
N PRO C 151 44.04 -11.73 -15.64
CA PRO C 151 43.30 -10.67 -14.94
C PRO C 151 44.11 -9.40 -14.94
N ALA C 152 43.57 -8.36 -15.55
CA ALA C 152 44.36 -7.17 -15.80
C ALA C 152 44.75 -6.53 -14.49
N GLY C 153 43.83 -6.59 -13.52
CA GLY C 153 44.03 -5.96 -12.23
C GLY C 153 45.05 -6.64 -11.36
N MET C 154 45.28 -7.92 -11.62
CA MET C 154 46.29 -8.69 -10.90
C MET C 154 47.57 -8.67 -11.70
N VAL C 155 47.47 -8.82 -13.00
CA VAL C 155 48.66 -8.72 -13.84
C VAL C 155 49.31 -7.36 -13.66
N THR C 156 48.52 -6.29 -13.60
CA THR C 156 49.07 -4.96 -13.36
C THR C 156 49.85 -4.92 -12.06
N GLU C 157 49.26 -5.44 -10.99
CA GLU C 157 49.92 -5.47 -9.68
C GLU C 157 51.24 -6.22 -9.68
N ALA C 158 51.36 -7.25 -10.51
CA ALA C 158 52.62 -7.96 -10.63
C ALA C 158 53.72 -7.05 -11.12
N VAL C 159 53.46 -6.35 -12.21
CA VAL C 159 54.45 -5.50 -12.83
C VAL C 159 54.93 -4.41 -11.89
N LEU C 160 54.03 -3.86 -11.08
CA LEU C 160 54.41 -2.80 -10.16
C LEU C 160 55.27 -3.33 -9.03
N ARG C 161 54.82 -4.42 -8.42
CA ARG C 161 55.54 -5.07 -7.32
C ARG C 161 56.85 -5.77 -7.74
N TYR C 162 56.88 -6.38 -8.91
CA TYR C 162 58.01 -7.25 -9.25
C TYR C 162 58.87 -6.79 -10.42
N THR C 163 58.67 -5.54 -10.85
CA THR C 163 59.38 -5.02 -12.02
C THR C 163 59.66 -3.52 -11.92
N LYS C 164 60.70 -3.08 -12.62
CA LYS C 164 61.04 -1.66 -12.68
C LYS C 164 60.16 -0.92 -13.67
N GLN C 165 59.56 -1.66 -14.59
CA GLN C 165 58.66 -1.08 -15.58
C GLN C 165 57.67 -0.11 -15.00
N GLU C 166 57.94 1.17 -15.16
CA GLU C 166 57.01 2.17 -14.69
C GLU C 166 55.94 2.46 -15.72
N LYS C 167 56.22 2.14 -16.98
CA LYS C 167 55.31 2.39 -18.10
C LYS C 167 54.36 1.23 -18.41
N VAL C 168 53.28 1.12 -17.65
CA VAL C 168 52.36 0.00 -17.76
C VAL C 168 50.95 0.52 -17.57
N VAL C 169 50.02 0.00 -18.36
CA VAL C 169 48.61 0.34 -18.24
C VAL C 169 47.78 -0.91 -18.53
N GLY C 170 46.66 -1.06 -17.84
CA GLY C 170 45.76 -2.18 -18.11
C GLY C 170 44.37 -1.73 -18.52
N LEU C 171 43.70 -2.51 -19.36
CA LEU C 171 42.38 -2.12 -19.85
C LEU C 171 41.27 -3.11 -19.53
N CYS C 172 40.03 -2.62 -19.43
CA CYS C 172 38.87 -3.49 -19.43
C CYS C 172 37.73 -2.86 -20.24
N ASN C 173 36.68 -3.62 -20.47
CA ASN C 173 35.53 -3.06 -21.16
C ASN C 173 34.38 -2.90 -20.20
N VAL C 174 34.64 -3.19 -18.94
CA VAL C 174 33.63 -2.99 -17.93
C VAL C 174 33.33 -1.51 -17.81
N PRO C 175 34.37 -0.65 -17.82
CA PRO C 175 34.03 0.76 -17.71
C PRO C 175 33.21 1.28 -18.88
N ILE C 176 33.74 1.19 -20.10
CA ILE C 176 33.01 1.66 -21.27
C ILE C 176 31.66 0.95 -21.36
N GLY C 177 31.59 -0.25 -20.84
CA GLY C 177 30.34 -0.97 -20.79
C GLY C 177 29.33 -0.27 -19.92
N MET C 178 29.71 0.10 -18.71
CA MET C 178 28.75 0.69 -17.78
C MET C 178 28.33 2.06 -18.24
N ARG C 179 29.19 2.72 -19.01
CA ARG C 179 28.83 4.02 -19.52
C ARG C 179 27.78 3.85 -20.59
N MET C 180 27.98 2.84 -21.41
CA MET C 180 27.25 2.75 -22.65
C MET C 180 25.71 2.64 -22.68
N GLY C 181 24.99 2.08 -21.71
CA GLY C 181 25.40 1.67 -20.38
C GLY C 181 24.38 2.32 -19.46
N VAL C 182 24.74 3.48 -18.90
CA VAL C 182 23.74 4.31 -18.25
C VAL C 182 23.24 5.29 -19.28
N ALA C 183 23.89 5.31 -20.44
CA ALA C 183 23.42 6.14 -21.53
C ALA C 183 22.08 5.60 -21.97
N LYS C 184 22.09 4.34 -22.38
CA LYS C 184 20.88 3.69 -22.87
C LYS C 184 19.81 3.67 -21.79
N LEU C 185 20.23 3.80 -20.54
CA LEU C 185 19.28 3.88 -19.43
C LEU C 185 18.60 5.24 -19.41
N LEU C 186 19.33 6.29 -19.77
CA LEU C 186 18.74 7.61 -19.79
C LEU C 186 18.31 7.89 -21.21
N GLY C 187 18.65 6.97 -22.10
CA GLY C 187 18.34 7.13 -23.50
C GLY C 187 18.89 8.46 -23.96
N VAL C 188 20.21 8.51 -24.10
CA VAL C 188 20.91 9.75 -24.40
C VAL C 188 22.26 9.46 -25.03
N ASP C 189 22.66 10.33 -25.96
CA ASP C 189 23.99 10.33 -26.54
C ASP C 189 25.07 10.08 -25.47
N ALA C 190 25.84 9.01 -25.64
CA ALA C 190 26.74 8.52 -24.60
C ALA C 190 27.73 9.55 -24.08
N ASP C 191 28.28 10.40 -24.94
CA ASP C 191 29.28 11.34 -24.46
C ASP C 191 28.64 12.56 -23.82
N ARG C 192 27.39 12.43 -23.41
CA ARG C 192 26.76 13.38 -22.52
C ARG C 192 26.77 12.82 -21.13
N VAL C 193 27.38 11.66 -21.00
CA VAL C 193 27.45 10.97 -19.73
C VAL C 193 28.89 10.67 -19.37
N HIS C 194 29.24 11.02 -18.15
CA HIS C 194 30.56 10.65 -17.67
C HIS C 194 30.39 10.13 -16.22
N ILE C 195 31.14 9.09 -15.87
CA ILE C 195 31.01 8.43 -14.60
C ILE C 195 32.31 8.52 -13.81
N ASP C 196 32.20 8.71 -12.50
CA ASP C 196 33.34 8.64 -11.61
C ASP C 196 33.67 7.20 -11.27
N PHE C 197 34.67 6.64 -11.93
CA PHE C 197 35.09 5.29 -11.61
C PHE C 197 36.13 5.31 -10.53
N ALA C 198 36.12 4.27 -9.72
CA ALA C 198 37.09 4.01 -8.67
C ALA C 198 36.94 2.55 -8.29
N GLY C 199 38.05 1.88 -8.02
CA GLY C 199 38.00 0.50 -7.61
C GLY C 199 39.14 -0.25 -8.23
N LEU C 200 39.07 -1.57 -8.24
CA LEU C 200 40.06 -2.38 -8.95
C LEU C 200 39.42 -3.03 -10.15
N ASN C 201 40.24 -3.55 -11.04
CA ASN C 201 39.75 -4.22 -12.25
C ASN C 201 38.84 -5.36 -11.93
N HIS C 202 37.69 -5.42 -12.61
CA HIS C 202 36.66 -6.42 -12.36
C HIS C 202 36.18 -6.31 -10.93
N MET C 203 36.03 -5.08 -10.47
CA MET C 203 35.72 -4.75 -9.08
C MET C 203 35.60 -3.23 -9.00
N VAL C 204 35.22 -2.62 -10.11
CA VAL C 204 35.20 -1.17 -10.22
C VAL C 204 33.80 -0.64 -9.97
N PHE C 205 33.68 0.53 -9.36
CA PHE C 205 32.38 1.09 -9.06
C PHE C 205 32.13 2.39 -9.79
N GLY C 206 30.86 2.67 -10.05
CA GLY C 206 30.50 3.96 -10.61
C GLY C 206 30.14 4.86 -9.47
N LEU C 207 31.11 5.61 -8.96
CA LEU C 207 30.88 6.40 -7.78
C LEU C 207 29.88 7.51 -8.01
N HIS C 208 29.97 8.17 -9.16
CA HIS C 208 29.06 9.27 -9.49
C HIS C 208 28.79 9.34 -10.94
N VAL C 209 27.57 9.74 -11.28
CA VAL C 209 27.13 9.79 -12.66
C VAL C 209 26.68 11.17 -13.04
N TYR C 210 27.22 11.69 -14.13
CA TYR C 210 26.87 13.03 -14.56
C TYR C 210 26.28 13.03 -15.96
N LEU C 211 25.21 13.78 -16.12
CA LEU C 211 24.61 14.05 -17.44
C LEU C 211 24.79 15.53 -17.76
N ASP C 212 25.73 15.82 -18.66
CA ASP C 212 26.12 17.18 -18.97
C ASP C 212 26.64 17.87 -17.73
N GLY C 213 27.44 17.16 -16.94
CA GLY C 213 28.07 17.76 -15.78
C GLY C 213 27.25 17.81 -14.50
N VAL C 214 25.93 17.67 -14.60
CA VAL C 214 25.08 17.62 -13.42
C VAL C 214 24.99 16.19 -12.90
N GLU C 215 25.18 16.00 -11.60
CA GLU C 215 25.09 14.66 -11.03
C GLU C 215 23.66 14.16 -11.14
N VAL C 216 23.52 12.98 -11.71
CA VAL C 216 22.22 12.33 -11.82
C VAL C 216 22.33 10.90 -11.32
N THR C 217 23.29 10.67 -10.43
CA THR C 217 23.59 9.33 -9.92
C THR C 217 22.37 8.70 -9.27
N GLU C 218 21.66 9.47 -8.47
CA GLU C 218 20.49 8.96 -7.81
C GLU C 218 19.43 8.52 -8.80
N LYS C 219 19.08 9.38 -9.74
CA LYS C 219 18.01 9.09 -10.70
C LYS C 219 18.38 7.93 -11.61
N VAL C 220 19.66 7.76 -11.90
CA VAL C 220 20.11 6.64 -12.71
C VAL C 220 19.96 5.33 -11.95
N ILE C 221 20.31 5.35 -10.67
CA ILE C 221 20.24 4.16 -9.85
C ILE C 221 18.80 3.67 -9.75
N ASP C 222 17.86 4.59 -9.56
CA ASP C 222 16.46 4.21 -9.47
C ASP C 222 15.98 3.53 -10.75
N LEU C 223 16.63 3.82 -11.86
CA LEU C 223 16.22 3.27 -13.14
C LEU C 223 16.85 1.92 -13.41
N VAL C 224 17.60 1.38 -12.46
CA VAL C 224 18.22 0.09 -12.71
C VAL C 224 17.14 -0.96 -12.48
N ALA C 225 16.09 -0.53 -11.78
CA ALA C 225 14.89 -1.35 -11.59
C ALA C 225 13.66 -0.66 -12.20
N LEU C 240 19.91 -9.32 -15.65
CA LEU C 240 20.71 -8.59 -14.65
C LEU C 240 19.86 -7.67 -13.78
N GLY C 241 19.52 -8.11 -12.57
CA GLY C 241 18.62 -7.36 -11.72
C GLY C 241 19.15 -7.24 -10.30
N TRP C 242 19.23 -6.00 -9.81
CA TRP C 242 19.67 -5.74 -8.45
C TRP C 242 18.50 -5.31 -7.59
N GLU C 243 18.48 -5.78 -6.34
CA GLU C 243 17.49 -5.34 -5.38
C GLU C 243 17.48 -3.83 -5.30
N PRO C 244 16.29 -3.23 -5.43
CA PRO C 244 16.13 -1.79 -5.29
C PRO C 244 16.80 -1.25 -4.02
N ASP C 245 16.33 -1.69 -2.87
CA ASP C 245 16.77 -1.13 -1.61
C ASP C 245 18.28 -1.30 -1.39
N PHE C 246 18.85 -2.39 -1.89
CA PHE C 246 20.28 -2.58 -1.78
C PHE C 246 21.04 -1.57 -2.59
N LEU C 247 20.64 -1.45 -3.84
CA LEU C 247 21.33 -0.61 -4.81
C LEU C 247 21.11 0.84 -4.49
N LYS C 248 19.87 1.21 -4.17
CA LYS C 248 19.60 2.58 -3.75
C LYS C 248 20.42 2.89 -2.51
N GLY C 249 20.42 1.96 -1.56
CA GLY C 249 21.11 2.19 -0.30
C GLY C 249 22.60 2.25 -0.45
N LEU C 250 23.14 1.65 -1.50
CA LEU C 250 24.59 1.64 -1.71
C LEU C 250 25.06 2.98 -2.27
N LYS C 251 24.16 3.71 -2.91
CA LYS C 251 24.46 5.04 -3.44
C LYS C 251 25.58 5.07 -4.49
N VAL C 252 26.10 3.90 -4.84
CA VAL C 252 27.04 3.76 -5.96
C VAL C 252 26.55 2.75 -6.99
N LEU C 253 27.25 2.67 -8.11
CA LEU C 253 26.83 1.84 -9.21
C LEU C 253 27.79 0.69 -9.38
N PRO C 254 27.26 -0.53 -9.30
CA PRO C 254 28.05 -1.75 -9.31
C PRO C 254 28.44 -2.22 -10.69
N CYS C 255 29.59 -2.84 -10.73
CA CYS C 255 30.12 -3.52 -11.87
C CYS C 255 29.39 -4.83 -12.13
N PRO C 256 29.37 -5.29 -13.38
CA PRO C 256 28.86 -6.62 -13.72
C PRO C 256 29.50 -7.74 -12.93
N TYR C 257 30.74 -7.62 -12.50
CA TYR C 257 31.36 -8.71 -11.76
C TYR C 257 30.98 -8.70 -10.29
N HIS C 258 30.07 -7.83 -9.90
CA HIS C 258 29.71 -7.73 -8.50
C HIS C 258 28.59 -8.64 -8.14
N ARG C 259 28.03 -9.28 -9.15
CA ARG C 259 26.99 -10.25 -8.88
C ARG C 259 27.66 -11.48 -8.32
N TYR C 260 28.93 -11.65 -8.66
CA TYR C 260 29.71 -12.73 -8.11
C TYR C 260 29.97 -12.57 -6.62
N TYR C 261 29.67 -11.40 -6.06
CA TYR C 261 29.96 -11.16 -4.66
C TYR C 261 28.74 -10.67 -3.90
N TYR C 262 27.81 -10.02 -4.57
CA TYR C 262 26.57 -9.62 -3.90
C TYR C 262 25.40 -10.51 -4.30
N GLN C 263 25.57 -11.30 -5.34
CA GLN C 263 24.50 -12.15 -5.83
C GLN C 263 25.03 -13.55 -6.09
N THR C 264 25.74 -14.10 -5.10
CA THR C 264 26.61 -15.25 -5.32
C THR C 264 25.89 -16.53 -5.71
N ASP C 265 24.87 -16.91 -4.94
CA ASP C 265 24.18 -18.17 -5.14
C ASP C 265 23.57 -18.24 -6.51
N LYS C 266 23.11 -17.09 -6.98
CA LYS C 266 22.47 -16.96 -8.27
C LYS C 266 23.44 -17.21 -9.45
N MET C 267 24.65 -17.70 -9.19
CA MET C 267 25.69 -17.43 -10.17
C MET C 267 26.75 -18.40 -10.74
N LEU C 268 27.16 -19.58 -10.22
CA LEU C 268 26.61 -20.53 -9.24
C LEU C 268 25.39 -21.24 -9.81
N ALA C 269 24.23 -20.61 -9.81
CA ALA C 269 23.12 -21.17 -10.56
C ALA C 269 23.53 -21.33 -12.02
N GLU C 270 23.83 -20.20 -12.65
CA GLU C 270 24.18 -20.15 -14.07
C GLU C 270 25.32 -21.06 -14.46
N GLU C 271 26.33 -21.13 -13.61
CA GLU C 271 27.51 -21.91 -13.95
C GLU C 271 27.18 -23.38 -13.90
N LEU C 272 26.20 -23.74 -13.07
CA LEU C 272 25.77 -25.12 -12.95
C LEU C 272 25.03 -25.52 -14.21
N GLU C 273 23.97 -24.77 -14.50
CA GLU C 273 23.03 -25.14 -15.55
C GLU C 273 23.65 -25.12 -16.93
N ALA C 274 24.50 -24.14 -17.21
CA ALA C 274 25.08 -24.05 -18.55
C ALA C 274 26.01 -25.21 -18.81
N ALA C 275 26.50 -25.84 -17.75
CA ALA C 275 27.39 -26.98 -17.87
C ALA C 275 26.68 -28.18 -18.48
N LYS C 276 25.45 -28.40 -18.01
CA LYS C 276 24.59 -29.44 -18.56
C LYS C 276 24.23 -29.18 -20.00
N THR C 277 24.04 -27.90 -20.32
CA THR C 277 23.42 -27.48 -21.57
C THR C 277 24.45 -27.02 -22.61
N LYS C 278 24.61 -25.70 -22.73
CA LYS C 278 25.38 -25.11 -23.81
C LYS C 278 26.83 -25.51 -23.67
N GLY C 279 27.17 -25.94 -22.47
CA GLY C 279 28.56 -26.17 -22.11
C GLY C 279 29.01 -25.02 -21.25
N THR C 280 30.28 -25.01 -20.89
CA THR C 280 30.77 -23.91 -20.08
C THR C 280 30.92 -22.69 -20.99
N ARG C 281 31.02 -21.51 -20.40
CA ARG C 281 31.31 -20.30 -21.15
C ARG C 281 32.48 -20.49 -22.09
N ALA C 282 33.59 -21.01 -21.58
CA ALA C 282 34.74 -21.24 -22.44
C ALA C 282 34.38 -22.20 -23.54
N GLU C 283 33.63 -23.24 -23.20
CA GLU C 283 33.19 -24.23 -24.17
C GLU C 283 32.33 -23.57 -25.24
N VAL C 284 31.30 -22.85 -24.78
CA VAL C 284 30.48 -22.03 -25.66
C VAL C 284 31.33 -21.08 -26.49
N VAL C 285 32.29 -20.45 -25.84
CA VAL C 285 33.22 -19.57 -26.53
C VAL C 285 33.93 -20.33 -27.64
N GLN C 286 34.49 -21.49 -27.33
CA GLN C 286 35.30 -22.23 -28.30
C GLN C 286 34.62 -22.47 -29.64
N GLN C 287 33.36 -22.88 -29.62
CA GLN C 287 32.60 -23.10 -30.84
C GLN C 287 32.46 -21.80 -31.59
N LEU C 288 31.79 -20.82 -30.98
CA LEU C 288 31.67 -19.50 -31.56
C LEU C 288 32.98 -19.00 -32.12
N GLU C 289 34.07 -19.40 -31.50
CA GLU C 289 35.39 -18.99 -31.95
C GLU C 289 35.92 -19.91 -33.02
N LYS C 290 35.43 -21.15 -33.01
CA LYS C 290 35.85 -22.15 -33.99
C LYS C 290 35.32 -21.78 -35.36
N GLU C 291 34.08 -21.30 -35.38
CA GLU C 291 33.40 -21.00 -36.62
C GLU C 291 33.64 -19.57 -37.07
N LEU C 292 34.26 -18.79 -36.19
CA LEU C 292 34.55 -17.40 -36.50
C LEU C 292 35.83 -17.30 -37.28
N PHE C 293 36.76 -18.22 -37.02
CA PHE C 293 37.98 -18.26 -37.78
C PHE C 293 37.67 -18.67 -39.20
N GLU C 294 36.61 -19.44 -39.36
CA GLU C 294 36.23 -19.91 -40.68
C GLU C 294 35.83 -18.73 -41.56
N LEU C 295 35.13 -17.76 -40.99
CA LEU C 295 34.83 -16.54 -41.71
C LEU C 295 36.12 -15.85 -42.10
N TYR C 296 37.06 -15.84 -41.16
CA TYR C 296 38.31 -15.16 -41.36
C TYR C 296 39.13 -15.81 -42.47
N LYS C 297 38.76 -17.02 -42.86
CA LYS C 297 39.57 -17.80 -43.79
C LYS C 297 39.59 -17.21 -45.20
N ASP C 298 38.56 -16.41 -45.53
CA ASP C 298 38.53 -15.59 -46.76
C ASP C 298 37.24 -14.80 -46.82
N PRO C 299 37.11 -13.90 -47.80
CA PRO C 299 35.78 -13.40 -48.11
C PRO C 299 34.74 -14.48 -48.38
N ARG C 311 31.37 -10.68 -32.75
CA ARG C 311 30.40 -9.67 -32.37
C ARG C 311 30.00 -9.80 -30.90
N GLY C 312 30.84 -10.49 -30.12
CA GLY C 312 30.58 -10.70 -28.70
C GLY C 312 31.81 -11.14 -27.93
N GLY C 313 31.93 -10.64 -26.70
CA GLY C 313 33.06 -10.95 -25.84
C GLY C 313 33.74 -9.72 -25.23
N ALA C 314 33.93 -8.68 -26.03
CA ALA C 314 34.69 -7.51 -25.60
C ALA C 314 34.64 -6.29 -26.52
N TYR C 315 34.92 -5.12 -25.94
CA TYR C 315 35.30 -3.91 -26.67
C TYR C 315 36.74 -3.57 -26.34
N TYR C 316 37.40 -4.50 -25.65
CA TYR C 316 38.67 -4.29 -24.99
C TYR C 316 39.67 -3.45 -25.79
N SER C 317 39.49 -3.35 -27.10
CA SER C 317 40.42 -2.55 -27.90
C SER C 317 39.77 -1.42 -28.69
N ASP C 318 38.58 -1.02 -28.29
CA ASP C 318 38.08 0.26 -28.71
C ASP C 318 38.47 1.22 -27.63
N ALA C 319 38.79 0.63 -26.48
CA ALA C 319 39.24 1.37 -25.33
C ALA C 319 40.74 1.29 -25.25
N ALA C 320 41.33 0.50 -26.15
CA ALA C 320 42.78 0.38 -26.17
C ALA C 320 43.36 1.38 -27.11
N CYS C 321 42.67 1.60 -28.21
CA CYS C 321 43.13 2.57 -29.18
C CYS C 321 42.92 3.98 -28.65
N SER C 322 41.82 4.22 -27.95
CA SER C 322 41.58 5.54 -27.37
C SER C 322 42.77 5.92 -26.50
N LEU C 323 43.30 4.95 -25.80
CA LEU C 323 44.38 5.16 -24.85
C LEU C 323 45.70 5.31 -25.55
N ILE C 324 46.05 4.38 -26.43
CA ILE C 324 47.31 4.50 -27.16
C ILE C 324 47.38 5.84 -27.90
N SER C 325 46.24 6.29 -28.40
CA SER C 325 46.16 7.56 -29.09
C SER C 325 46.49 8.69 -28.12
N SER C 326 45.62 8.92 -27.14
CA SER C 326 45.80 9.98 -26.15
C SER C 326 47.18 10.06 -25.56
N ILE C 327 47.75 8.92 -25.23
CA ILE C 327 49.11 8.94 -24.74
C ILE C 327 49.98 9.55 -25.80
N TYR C 328 50.02 8.94 -26.97
CA TYR C 328 50.86 9.43 -28.06
C TYR C 328 50.62 10.90 -28.37
N ASN C 329 49.37 11.31 -28.34
CA ASN C 329 49.00 12.66 -28.74
C ASN C 329 48.99 13.68 -27.61
N ASP C 330 49.08 13.21 -26.37
CA ASP C 330 49.05 14.04 -25.18
C ASP C 330 47.69 14.71 -25.03
N LYS C 331 46.65 14.03 -25.47
CA LYS C 331 45.32 14.61 -25.58
C LYS C 331 44.76 15.08 -24.24
N ARG C 332 45.24 14.49 -23.15
CA ARG C 332 44.87 14.88 -21.79
C ARG C 332 43.39 14.78 -21.54
N ASP C 333 42.74 13.80 -22.16
CA ASP C 333 41.34 13.48 -21.89
C ASP C 333 41.21 12.56 -20.67
N ILE C 334 39.99 12.19 -20.30
CA ILE C 334 39.80 11.31 -19.15
C ILE C 334 39.33 9.89 -19.49
N GLN C 335 40.22 8.91 -19.28
CA GLN C 335 39.89 7.50 -19.49
C GLN C 335 40.16 6.68 -18.22
N PRO C 336 39.32 5.66 -17.93
CA PRO C 336 39.49 4.78 -16.76
C PRO C 336 40.41 3.60 -16.97
N VAL C 337 41.61 3.67 -16.44
CA VAL C 337 42.58 2.60 -16.63
C VAL C 337 43.16 2.08 -15.31
N ASN C 338 44.04 1.09 -15.44
CA ASN C 338 44.75 0.50 -14.32
C ASN C 338 46.17 1.05 -14.21
N THR C 339 46.43 1.82 -13.15
CA THR C 339 47.77 2.36 -12.86
C THR C 339 48.09 2.52 -11.39
N ARG C 340 49.37 2.70 -11.08
CA ARG C 340 49.83 2.96 -9.73
C ARG C 340 48.91 3.92 -8.99
N ASN C 341 48.46 3.53 -7.81
CA ASN C 341 47.45 4.26 -7.09
C ASN C 341 47.90 5.65 -6.67
N ASN C 342 49.12 5.73 -6.17
CA ASN C 342 49.68 6.94 -5.61
C ASN C 342 48.72 7.72 -4.75
N GLY C 343 47.89 7.00 -4.01
CA GLY C 343 47.06 7.63 -3.01
C GLY C 343 45.76 8.14 -3.55
N ALA C 344 45.47 7.83 -4.80
CA ALA C 344 44.20 8.23 -5.38
C ALA C 344 43.07 7.71 -4.54
N ILE C 345 43.20 6.46 -4.11
CA ILE C 345 42.31 5.85 -3.14
C ILE C 345 43.04 5.58 -1.82
N ALA C 346 42.56 6.16 -0.72
CA ALA C 346 43.27 6.10 0.57
C ALA C 346 43.55 4.70 1.09
N SER C 347 42.55 3.84 1.04
CA SER C 347 42.66 2.53 1.64
C SER C 347 43.52 1.56 0.86
N ILE C 348 43.70 1.79 -0.43
CA ILE C 348 44.56 0.94 -1.25
C ILE C 348 45.96 1.50 -1.21
N PRO C 349 46.98 0.64 -1.14
CA PRO C 349 48.34 1.17 -1.08
C PRO C 349 48.69 2.13 -2.19
N PRO C 350 49.57 3.08 -1.92
CA PRO C 350 50.06 3.87 -3.04
C PRO C 350 50.85 3.07 -4.05
N GLU C 351 51.47 1.98 -3.65
CA GLU C 351 52.36 1.29 -4.58
C GLU C 351 51.61 0.26 -5.38
N SER C 352 50.33 0.08 -5.07
CA SER C 352 49.50 -0.93 -5.70
C SER C 352 48.77 -0.42 -6.93
N ALA C 353 47.97 -1.29 -7.55
CA ALA C 353 47.30 -1.00 -8.81
C ALA C 353 45.82 -0.82 -8.66
N VAL C 354 45.28 0.31 -9.07
CA VAL C 354 43.84 0.48 -9.01
C VAL C 354 43.28 0.67 -10.40
N GLU C 355 41.94 0.67 -10.51
CA GLU C 355 41.28 0.99 -11.77
C GLU C 355 40.42 2.22 -11.59
N VAL C 356 40.98 3.38 -11.95
CA VAL C 356 40.31 4.67 -11.76
C VAL C 356 40.38 5.54 -13.00
N ASN C 357 39.64 6.65 -12.96
CA ASN C 357 39.73 7.65 -14.01
C ASN C 357 41.11 8.28 -14.02
N CYS C 358 41.68 8.46 -15.18
CA CYS C 358 42.99 9.05 -15.26
C CYS C 358 43.02 10.13 -16.32
N VAL C 359 43.74 11.19 -16.07
CA VAL C 359 44.05 12.12 -17.13
C VAL C 359 45.14 11.43 -17.92
N ILE C 360 45.05 11.48 -19.24
CA ILE C 360 45.95 10.68 -20.05
C ILE C 360 46.97 11.51 -20.79
N THR C 361 48.23 11.35 -20.41
CA THR C 361 49.28 12.23 -20.89
C THR C 361 50.41 11.43 -21.48
N LYS C 362 51.38 12.13 -22.04
CA LYS C 362 52.40 11.47 -22.83
C LYS C 362 53.39 10.78 -21.92
N ASP C 363 53.39 11.20 -20.66
CA ASP C 363 54.26 10.62 -19.63
C ASP C 363 53.53 9.46 -19.00
N GLY C 364 52.21 9.43 -19.18
CA GLY C 364 51.40 8.31 -18.73
C GLY C 364 50.00 8.65 -18.31
N PRO C 365 49.27 7.67 -17.76
CA PRO C 365 48.01 8.07 -17.15
C PRO C 365 48.27 8.75 -15.83
N LYS C 366 47.34 9.62 -15.43
CA LYS C 366 47.49 10.41 -14.23
C LYS C 366 46.21 10.38 -13.44
N PRO C 367 46.18 9.59 -12.36
CA PRO C 367 45.02 9.42 -11.49
C PRO C 367 44.44 10.70 -10.96
N ILE C 368 43.18 10.96 -11.21
CA ILE C 368 42.44 11.96 -10.46
C ILE C 368 42.21 11.40 -9.09
N ALA C 369 42.10 12.23 -8.07
CA ALA C 369 41.96 11.74 -6.71
C ALA C 369 40.57 11.14 -6.51
N VAL C 370 40.43 10.22 -5.56
CA VAL C 370 39.11 9.73 -5.19
C VAL C 370 38.87 10.08 -3.73
N GLY C 371 39.90 9.91 -2.92
CA GLY C 371 39.76 10.08 -1.49
C GLY C 371 39.86 8.70 -0.93
N ASP C 372 38.72 8.09 -0.64
CA ASP C 372 38.70 6.67 -0.41
C ASP C 372 37.46 6.07 -1.05
N LEU C 373 37.39 4.74 -1.09
CA LEU C 373 36.21 4.03 -1.52
C LEU C 373 35.17 4.11 -0.45
N PRO C 374 33.89 4.24 -0.82
CA PRO C 374 32.80 4.39 0.15
C PRO C 374 32.80 3.27 1.16
N VAL C 375 32.37 3.55 2.38
CA VAL C 375 32.59 2.61 3.47
C VAL C 375 32.06 1.24 3.10
N ALA C 376 30.76 1.14 2.91
CA ALA C 376 30.06 -0.09 2.51
C ALA C 376 30.88 -0.99 1.60
N VAL C 377 31.54 -0.42 0.62
CA VAL C 377 32.20 -1.23 -0.38
C VAL C 377 33.71 -1.21 -0.21
N ARG C 378 34.20 -0.51 0.81
CA ARG C 378 35.63 -0.33 1.00
C ARG C 378 36.31 -1.65 1.32
N GLY C 379 35.65 -2.47 2.13
CA GLY C 379 36.24 -3.70 2.60
C GLY C 379 36.33 -4.78 1.54
N LEU C 380 35.28 -4.91 0.74
CA LEU C 380 35.27 -5.92 -0.30
C LEU C 380 36.36 -5.68 -1.34
N VAL C 381 36.69 -4.41 -1.58
CA VAL C 381 37.73 -4.07 -2.53
C VAL C 381 39.07 -4.33 -1.89
N GLN C 382 39.12 -4.13 -0.57
CA GLN C 382 40.31 -4.44 0.20
C GLN C 382 40.54 -5.93 0.17
N GLN C 383 39.43 -6.67 0.21
CA GLN C 383 39.47 -8.13 0.13
C GLN C 383 40.02 -8.63 -1.18
N ILE C 384 39.75 -7.92 -2.26
CA ILE C 384 40.27 -8.33 -3.56
C ILE C 384 41.74 -7.95 -3.74
N LYS C 385 42.17 -6.79 -3.22
CA LYS C 385 43.59 -6.45 -3.35
C LYS C 385 44.48 -7.48 -2.68
N SER C 386 44.09 -7.91 -1.50
CA SER C 386 44.84 -8.88 -0.75
C SER C 386 45.00 -10.15 -1.55
N PHE C 387 43.91 -10.59 -2.17
CA PHE C 387 43.92 -11.76 -3.02
C PHE C 387 44.83 -11.62 -4.23
N GLU C 388 44.83 -10.45 -4.86
CA GLU C 388 45.67 -10.25 -6.02
C GLU C 388 47.10 -10.27 -5.57
N ARG C 389 47.37 -9.64 -4.44
CA ARG C 389 48.73 -9.56 -3.94
C ARG C 389 49.31 -10.93 -3.57
N VAL C 390 48.58 -11.71 -2.78
CA VAL C 390 49.11 -13.01 -2.42
C VAL C 390 49.20 -13.91 -3.66
N ALA C 391 48.24 -13.78 -4.56
CA ALA C 391 48.25 -14.60 -5.77
C ALA C 391 49.44 -14.23 -6.62
N ALA C 392 49.72 -12.94 -6.69
CA ALA C 392 50.81 -12.47 -7.52
C ALA C 392 52.14 -13.00 -6.99
N GLU C 393 52.26 -13.07 -5.67
CA GLU C 393 53.50 -13.50 -5.08
C GLU C 393 53.77 -14.97 -5.40
N ALA C 394 52.78 -15.81 -5.13
CA ALA C 394 52.92 -17.23 -5.33
C ALA C 394 53.25 -17.57 -6.78
N ALA C 395 52.68 -16.81 -7.70
CA ALA C 395 52.90 -17.02 -9.12
C ALA C 395 54.35 -16.84 -9.54
N VAL C 396 55.12 -16.26 -8.64
CA VAL C 396 56.48 -15.83 -8.93
C VAL C 396 57.50 -16.54 -8.05
N THR C 397 57.16 -16.73 -6.79
CA THR C 397 57.96 -17.58 -5.89
C THR C 397 57.72 -19.07 -6.14
N GLY C 398 56.51 -19.41 -6.56
CA GLY C 398 56.16 -20.78 -6.85
C GLY C 398 55.84 -21.57 -5.60
N ASP C 399 55.66 -20.85 -4.51
CA ASP C 399 55.51 -21.45 -3.20
C ASP C 399 54.11 -21.98 -3.02
N TYR C 400 53.99 -23.30 -2.84
CA TYR C 400 52.71 -23.94 -2.58
C TYR C 400 51.99 -23.25 -1.45
N GLN C 401 52.72 -22.95 -0.41
CA GLN C 401 52.11 -22.49 0.81
C GLN C 401 51.43 -21.16 0.60
N THR C 402 52.00 -20.35 -0.28
CA THR C 402 51.47 -19.01 -0.54
C THR C 402 50.20 -19.14 -1.35
N ALA C 403 50.26 -19.98 -2.37
CA ALA C 403 49.12 -20.21 -3.22
C ALA C 403 47.91 -20.72 -2.43
N LEU C 404 48.17 -21.53 -1.41
CA LEU C 404 47.06 -22.04 -0.62
C LEU C 404 46.43 -20.94 0.18
N VAL C 405 47.24 -20.01 0.67
CA VAL C 405 46.72 -18.88 1.42
C VAL C 405 45.89 -18.03 0.49
N ALA C 406 46.32 -17.98 -0.76
CA ALA C 406 45.64 -17.18 -1.77
C ALA C 406 44.19 -17.61 -1.93
N MET C 407 43.96 -18.87 -2.20
CA MET C 407 42.59 -19.30 -2.37
C MET C 407 41.76 -19.15 -1.11
N THR C 408 42.28 -19.63 0.01
CA THR C 408 41.50 -19.70 1.24
C THR C 408 40.93 -18.37 1.69
N ILE C 409 41.66 -17.29 1.42
CA ILE C 409 41.23 -15.96 1.84
C ILE C 409 40.31 -15.31 0.82
N ASN C 410 40.38 -15.80 -0.41
CA ASN C 410 39.48 -15.34 -1.47
C ASN C 410 38.06 -15.49 -0.99
N PRO C 411 37.18 -14.55 -1.37
CA PRO C 411 35.82 -14.56 -0.84
C PRO C 411 34.86 -15.55 -1.49
N LEU C 412 35.31 -16.30 -2.49
CA LEU C 412 34.44 -17.26 -3.14
C LEU C 412 34.91 -18.68 -2.84
N VAL C 413 35.57 -18.85 -1.70
CA VAL C 413 36.06 -20.15 -1.25
C VAL C 413 35.62 -20.32 0.19
N PRO C 414 35.00 -21.46 0.52
CA PRO C 414 34.30 -21.58 1.80
C PRO C 414 35.17 -22.04 2.95
N SER C 415 36.23 -22.78 2.66
CA SER C 415 36.98 -23.43 3.70
C SER C 415 38.39 -23.69 3.25
N ASP C 416 39.31 -23.76 4.20
CA ASP C 416 40.68 -24.10 3.87
C ASP C 416 40.77 -25.45 3.19
N THR C 417 39.84 -26.34 3.53
CA THR C 417 39.83 -27.72 3.06
C THR C 417 39.55 -27.83 1.59
N ILE C 418 38.40 -27.29 1.20
CA ILE C 418 37.97 -27.25 -0.18
C ILE C 418 39.02 -26.56 -1.01
N ALA C 419 39.47 -25.41 -0.49
CA ALA C 419 40.60 -24.69 -1.03
C ALA C 419 41.74 -25.62 -1.39
N LYS C 420 42.20 -26.40 -0.42
CA LYS C 420 43.32 -27.31 -0.64
C LYS C 420 43.05 -28.32 -1.75
N GLN C 421 41.82 -28.77 -1.85
CA GLN C 421 41.49 -29.77 -2.86
C GLN C 421 41.61 -29.20 -4.25
N MET C 422 40.90 -28.09 -4.50
CA MET C 422 40.92 -27.48 -5.82
C MET C 422 42.33 -27.06 -6.17
N LEU C 423 43.06 -26.60 -5.16
CA LEU C 423 44.43 -26.18 -5.36
C LEU C 423 45.31 -27.36 -5.79
N ASP C 424 45.30 -28.41 -4.99
CA ASP C 424 46.07 -29.62 -5.28
C ASP C 424 45.67 -30.21 -6.63
N GLU C 425 44.39 -30.07 -6.97
CA GLU C 425 43.90 -30.61 -8.23
C GLU C 425 44.24 -29.76 -9.46
N MET C 426 43.99 -28.46 -9.37
CA MET C 426 44.26 -27.55 -10.48
C MET C 426 45.74 -27.32 -10.67
N LEU C 427 46.51 -27.56 -9.61
CA LEU C 427 47.96 -27.54 -9.75
C LEU C 427 48.29 -28.56 -10.80
N GLU C 428 47.81 -29.78 -10.57
CA GLU C 428 48.04 -30.91 -11.45
C GLU C 428 47.47 -30.63 -12.83
N ALA C 429 46.27 -30.06 -12.85
CA ALA C 429 45.63 -29.72 -14.10
C ALA C 429 46.56 -28.94 -15.03
N HIS C 430 47.21 -27.89 -14.51
CA HIS C 430 48.05 -27.05 -15.38
C HIS C 430 49.54 -27.20 -15.02
N LYS C 431 49.99 -28.42 -14.74
CA LYS C 431 51.39 -28.62 -14.43
C LYS C 431 52.29 -27.99 -15.50
N GLU C 432 51.90 -28.15 -16.75
CA GLU C 432 52.68 -27.72 -17.90
C GLU C 432 52.96 -26.24 -17.88
N HIS C 433 52.02 -25.49 -17.34
CA HIS C 433 52.12 -24.03 -17.35
C HIS C 433 52.60 -23.51 -16.01
N LEU C 434 52.70 -24.39 -15.04
CA LEU C 434 53.06 -23.94 -13.71
C LEU C 434 54.39 -24.49 -13.23
N PRO C 435 55.46 -24.32 -14.02
CA PRO C 435 56.71 -24.99 -13.64
C PRO C 435 57.19 -24.58 -12.26
N GLN C 436 56.98 -23.32 -11.92
CA GLN C 436 57.52 -22.74 -10.69
C GLN C 436 57.08 -23.51 -9.45
N PHE C 437 56.08 -24.36 -9.58
CA PHE C 437 55.60 -25.11 -8.43
C PHE C 437 56.30 -26.44 -8.29
N PHE C 438 57.01 -26.86 -9.32
CA PHE C 438 57.71 -28.13 -9.28
C PHE C 438 59.22 -27.93 -9.31
N LEU D 5 -72.66 18.75 -27.82
CA LEU D 5 -71.43 18.69 -27.04
C LEU D 5 -71.15 19.96 -26.25
N LYS D 6 -71.61 20.02 -25.00
CA LYS D 6 -71.32 21.15 -24.13
C LYS D 6 -69.98 20.97 -23.46
N MET D 7 -69.22 22.04 -23.37
CA MET D 7 -67.92 22.02 -22.72
C MET D 7 -67.81 23.21 -21.79
N ALA D 8 -67.24 23.02 -20.62
CA ALA D 8 -67.21 24.08 -19.62
C ALA D 8 -65.83 24.19 -19.01
N THR D 9 -65.15 25.31 -19.20
CA THR D 9 -63.81 25.46 -18.67
C THR D 9 -63.72 26.43 -17.49
N ILE D 10 -63.06 25.97 -16.44
CA ILE D 10 -62.82 26.79 -15.27
C ILE D 10 -61.38 27.28 -15.31
N GLY D 11 -61.23 28.59 -15.28
CA GLY D 11 -59.95 29.21 -15.53
C GLY D 11 -60.01 29.83 -16.89
N GLY D 12 -61.13 30.46 -17.18
CA GLY D 12 -61.37 31.00 -18.50
C GLY D 12 -60.49 32.17 -18.85
N GLY D 13 -60.16 33.00 -17.87
CA GLY D 13 -59.40 34.20 -18.12
C GLY D 13 -57.93 33.93 -18.33
N SER D 14 -57.57 32.68 -18.51
CA SER D 14 -56.18 32.28 -18.62
C SER D 14 -55.43 32.90 -19.80
N SER D 15 -54.12 32.99 -19.69
CA SER D 15 -53.27 33.40 -20.80
C SER D 15 -53.38 32.37 -21.90
N TYR D 16 -53.70 31.14 -21.53
CA TYR D 16 -53.66 30.03 -22.45
C TYR D 16 -54.99 29.81 -23.16
N THR D 17 -56.05 30.47 -22.70
CA THR D 17 -57.39 30.26 -23.26
C THR D 17 -57.47 30.31 -24.78
N PRO D 18 -56.81 31.27 -25.44
CA PRO D 18 -56.91 31.22 -26.89
C PRO D 18 -56.25 30.00 -27.50
N GLU D 19 -55.25 29.43 -26.84
CA GLU D 19 -54.62 28.22 -27.35
C GLU D 19 -55.61 27.05 -27.30
N LEU D 20 -56.59 27.13 -26.41
CA LEU D 20 -57.58 26.07 -26.33
C LEU D 20 -58.65 26.26 -27.40
N VAL D 21 -59.26 27.43 -27.46
CA VAL D 21 -60.33 27.68 -28.43
C VAL D 21 -59.81 27.65 -29.86
N GLU D 22 -58.49 27.63 -29.99
CA GLU D 22 -57.88 27.35 -31.28
C GLU D 22 -58.16 25.90 -31.69
N GLY D 23 -57.59 24.95 -30.97
CA GLY D 23 -57.70 23.54 -31.30
C GLY D 23 -59.12 23.03 -31.52
N LEU D 24 -60.10 23.64 -30.89
CA LEU D 24 -61.45 23.19 -31.07
C LEU D 24 -61.89 23.57 -32.46
N ILE D 25 -61.35 24.69 -32.95
CA ILE D 25 -61.57 25.08 -34.33
C ILE D 25 -60.93 24.05 -35.25
N LYS D 26 -59.67 23.73 -35.00
CA LYS D 26 -58.95 22.77 -35.82
C LYS D 26 -59.55 21.36 -35.83
N ARG D 27 -60.35 21.05 -34.82
CA ARG D 27 -60.90 19.72 -34.73
C ARG D 27 -62.40 19.77 -34.71
N TYR D 28 -62.97 20.83 -35.30
CA TYR D 28 -64.41 20.97 -35.21
C TYR D 28 -65.14 19.98 -36.10
N HIS D 29 -64.50 19.50 -37.15
CA HIS D 29 -65.14 18.55 -38.05
C HIS D 29 -65.46 17.24 -37.35
N GLU D 30 -64.52 16.81 -36.51
CA GLU D 30 -64.66 15.57 -35.75
C GLU D 30 -65.13 15.83 -34.33
N LEU D 31 -64.79 16.98 -33.77
CA LEU D 31 -65.13 17.28 -32.38
C LEU D 31 -66.16 18.39 -32.28
N PRO D 32 -67.43 18.03 -32.38
CA PRO D 32 -68.55 18.96 -32.52
C PRO D 32 -68.89 19.72 -31.27
N VAL D 33 -68.00 20.59 -30.82
CA VAL D 33 -68.26 21.36 -29.62
C VAL D 33 -69.45 22.29 -29.76
N GLY D 34 -70.54 21.93 -29.10
CA GLY D 34 -71.73 22.75 -29.14
C GLY D 34 -71.43 24.11 -28.55
N GLU D 35 -71.42 24.18 -27.23
CA GLU D 35 -71.13 25.42 -26.54
C GLU D 35 -69.79 25.30 -25.83
N LEU D 36 -69.03 26.39 -25.78
CA LEU D 36 -67.79 26.43 -25.02
C LEU D 36 -67.88 27.49 -23.95
N TRP D 37 -68.20 27.06 -22.73
CA TRP D 37 -68.32 28.00 -21.62
C TRP D 37 -66.95 28.30 -21.05
N LEU D 38 -66.71 29.58 -20.80
CA LEU D 38 -65.51 30.01 -20.10
C LEU D 38 -65.93 30.60 -18.77
N VAL D 39 -65.37 30.07 -17.70
CA VAL D 39 -65.75 30.44 -16.35
C VAL D 39 -64.55 30.91 -15.59
N ASP D 40 -64.69 32.05 -14.91
CA ASP D 40 -63.64 32.51 -14.01
C ASP D 40 -64.25 33.10 -12.75
N ILE D 41 -63.39 33.58 -11.86
CA ILE D 41 -63.81 34.13 -10.58
C ILE D 41 -63.61 35.64 -10.57
N PRO D 42 -64.60 36.39 -10.05
CA PRO D 42 -64.70 37.84 -10.12
C PRO D 42 -63.38 38.60 -10.25
N GLU D 43 -62.37 38.23 -9.47
CA GLU D 43 -61.10 38.93 -9.53
C GLU D 43 -60.30 38.64 -10.79
N GLY D 44 -60.94 37.99 -11.76
CA GLY D 44 -60.32 37.74 -13.04
C GLY D 44 -61.35 37.97 -14.13
N LYS D 45 -62.39 38.71 -13.78
CA LYS D 45 -63.49 38.95 -14.71
C LYS D 45 -63.03 39.67 -15.95
N GLU D 46 -62.17 40.67 -15.80
CA GLU D 46 -61.77 41.43 -16.97
C GLU D 46 -60.80 40.61 -17.80
N LYS D 47 -59.97 39.80 -17.15
CA LYS D 47 -59.10 38.88 -17.88
C LYS D 47 -59.95 38.01 -18.78
N LEU D 48 -61.06 37.53 -18.23
CA LEU D 48 -62.02 36.75 -18.99
C LEU D 48 -62.58 37.56 -20.13
N GLU D 49 -63.34 38.59 -19.81
CA GLU D 49 -64.04 39.39 -20.82
C GLU D 49 -63.13 39.85 -21.95
N ILE D 50 -61.84 40.00 -21.65
CA ILE D 50 -60.85 40.29 -22.69
C ILE D 50 -60.66 39.10 -23.62
N VAL D 51 -60.26 37.94 -23.08
CA VAL D 51 -60.02 36.77 -23.91
C VAL D 51 -61.31 36.14 -24.41
N GLY D 52 -62.39 36.35 -23.68
CA GLY D 52 -63.67 35.79 -24.04
C GLY D 52 -64.17 36.37 -25.34
N ALA D 53 -64.01 37.67 -25.52
CA ALA D 53 -64.44 38.33 -26.75
C ALA D 53 -63.40 38.18 -27.85
N LEU D 54 -62.25 37.64 -27.50
CA LEU D 54 -61.23 37.31 -28.49
C LEU D 54 -61.46 35.91 -29.00
N ALA D 55 -62.06 35.07 -28.15
CA ALA D 55 -62.45 33.73 -28.55
C ALA D 55 -63.48 33.80 -29.65
N LYS D 56 -64.48 34.65 -29.46
CA LYS D 56 -65.50 34.84 -30.48
C LYS D 56 -64.93 35.37 -31.78
N ARG D 57 -63.91 36.23 -31.70
CA ARG D 57 -63.28 36.76 -32.91
C ARG D 57 -62.42 35.70 -33.60
N MET D 58 -62.66 34.45 -33.27
CA MET D 58 -61.88 33.36 -33.79
C MET D 58 -62.82 32.28 -34.33
N VAL D 59 -63.86 31.98 -33.58
CA VAL D 59 -64.83 31.04 -34.06
C VAL D 59 -65.56 31.67 -35.23
N GLU D 60 -65.82 32.97 -35.17
CA GLU D 60 -66.53 33.60 -36.26
C GLU D 60 -65.63 33.70 -37.49
N LYS D 61 -64.39 34.10 -37.30
CA LYS D 61 -63.45 34.17 -38.40
C LYS D 61 -63.29 32.85 -39.13
N ALA D 62 -63.19 31.76 -38.39
CA ALA D 62 -63.05 30.45 -39.01
C ALA D 62 -64.41 29.86 -39.22
N GLY D 63 -65.44 30.64 -38.88
CA GLY D 63 -66.81 30.31 -39.21
C GLY D 63 -67.22 28.92 -38.82
N VAL D 64 -66.78 28.51 -37.64
CA VAL D 64 -67.22 27.28 -37.02
C VAL D 64 -68.19 27.68 -35.93
N PRO D 65 -69.38 27.07 -35.92
CA PRO D 65 -70.48 27.55 -35.08
C PRO D 65 -70.30 27.29 -33.60
N ILE D 66 -69.10 27.51 -33.06
CA ILE D 66 -68.86 27.30 -31.65
C ILE D 66 -69.27 28.52 -30.82
N GLU D 67 -70.44 28.41 -30.20
CA GLU D 67 -70.95 29.48 -29.35
C GLU D 67 -69.98 29.71 -28.21
N ILE D 68 -69.58 30.94 -28.00
CA ILE D 68 -68.80 31.23 -26.81
C ILE D 68 -69.69 31.87 -25.76
N HIS D 69 -69.69 31.28 -24.57
CA HIS D 69 -70.50 31.77 -23.48
C HIS D 69 -69.62 32.10 -22.29
N LEU D 70 -69.72 33.33 -21.80
CA LEU D 70 -68.89 33.76 -20.69
C LEU D 70 -69.71 33.95 -19.42
N THR D 71 -69.16 33.45 -18.31
CA THR D 71 -69.86 33.51 -17.03
C THR D 71 -68.93 33.43 -15.83
N LEU D 72 -69.49 33.73 -14.66
CA LEU D 72 -68.82 33.56 -13.37
C LEU D 72 -69.60 32.60 -12.48
N ASP D 73 -70.73 32.15 -12.99
CA ASP D 73 -71.67 31.30 -12.25
C ASP D 73 -71.49 29.87 -12.73
N ARG D 74 -70.53 29.17 -12.15
CA ARG D 74 -70.12 27.89 -12.75
C ARG D 74 -71.22 26.84 -12.76
N ARG D 75 -72.13 26.87 -11.78
CA ARG D 75 -73.21 25.88 -11.71
C ARG D 75 -73.98 25.85 -13.01
N ARG D 76 -74.13 27.03 -13.60
CA ARG D 76 -74.77 27.15 -14.91
C ARG D 76 -73.92 26.53 -16.01
N ALA D 77 -72.63 26.78 -15.96
CA ALA D 77 -71.74 26.32 -17.00
C ALA D 77 -71.62 24.80 -17.02
N LEU D 78 -71.88 24.17 -15.89
CA LEU D 78 -71.67 22.73 -15.79
C LEU D 78 -72.90 21.95 -16.23
N GLU D 79 -74.07 22.56 -16.02
CA GLU D 79 -75.35 22.09 -16.54
C GLU D 79 -75.23 21.17 -17.74
N GLY D 80 -75.27 19.88 -17.49
CA GLY D 80 -75.23 18.90 -18.54
C GLY D 80 -74.01 19.03 -19.42
N ALA D 81 -72.92 19.55 -18.87
CA ALA D 81 -71.66 19.59 -19.58
C ALA D 81 -71.23 18.17 -19.84
N ASP D 82 -70.54 17.95 -20.95
CA ASP D 82 -70.12 16.61 -21.29
C ASP D 82 -68.66 16.46 -20.95
N PHE D 83 -67.88 17.49 -21.24
CA PHE D 83 -66.48 17.49 -20.89
C PHE D 83 -66.20 18.75 -20.10
N VAL D 84 -65.24 18.71 -19.18
CA VAL D 84 -64.95 19.85 -18.33
C VAL D 84 -63.45 20.03 -18.06
N THR D 85 -62.91 21.18 -18.43
CA THR D 85 -61.49 21.43 -18.25
C THR D 85 -61.20 22.36 -17.10
N THR D 86 -60.02 22.21 -16.53
CA THR D 86 -59.60 23.07 -15.45
C THR D 86 -58.21 23.61 -15.74
N GLN D 87 -58.09 24.93 -15.84
CA GLN D 87 -56.82 25.56 -16.11
C GLN D 87 -56.55 26.75 -15.24
N PHE D 88 -57.31 26.86 -14.16
CA PHE D 88 -57.21 27.99 -13.24
C PHE D 88 -56.03 27.86 -12.27
N ARG D 89 -55.39 28.98 -11.95
CA ARG D 89 -54.54 29.10 -10.78
C ARG D 89 -55.39 29.62 -9.65
N VAL D 90 -55.07 29.21 -8.44
CA VAL D 90 -55.79 29.68 -7.26
C VAL D 90 -54.93 30.69 -6.57
N GLY D 91 -55.47 31.89 -6.35
CA GLY D 91 -54.70 32.97 -5.77
C GLY D 91 -53.83 33.69 -6.78
N GLY D 92 -53.92 33.27 -8.04
CA GLY D 92 -53.25 33.95 -9.13
C GLY D 92 -51.74 33.95 -9.06
N LEU D 93 -51.12 34.56 -10.07
CA LEU D 93 -49.67 34.59 -10.21
C LEU D 93 -49.04 35.25 -9.01
N GLU D 94 -49.81 36.10 -8.35
CA GLU D 94 -49.42 36.69 -7.09
C GLU D 94 -48.89 35.60 -6.18
N ALA D 95 -49.71 34.58 -5.96
CA ALA D 95 -49.33 33.48 -5.07
C ALA D 95 -48.12 32.70 -5.56
N ARG D 96 -48.01 32.46 -6.87
CA ARG D 96 -46.88 31.68 -7.39
C ARG D 96 -45.54 32.37 -7.13
N ALA D 97 -45.56 33.68 -6.95
CA ALA D 97 -44.36 34.43 -6.63
C ALA D 97 -43.99 34.22 -5.17
N LYS D 98 -45.02 34.14 -4.34
CA LYS D 98 -44.83 33.86 -2.92
C LYS D 98 -44.24 32.48 -2.70
N ASP D 99 -44.52 31.54 -3.58
CA ASP D 99 -44.00 30.18 -3.45
C ASP D 99 -42.56 30.10 -3.92
N GLU D 100 -42.13 31.10 -4.68
CA GLU D 100 -40.83 31.04 -5.34
C GLU D 100 -39.82 31.92 -4.63
N ARG D 101 -40.32 32.90 -3.89
CA ARG D 101 -39.44 33.74 -3.09
C ARG D 101 -39.17 33.11 -1.73
N ILE D 102 -40.19 32.64 -1.05
CA ILE D 102 -40.05 32.14 0.32
C ILE D 102 -39.04 30.99 0.49
N PRO D 103 -39.12 29.94 -0.33
CA PRO D 103 -38.05 28.95 -0.24
C PRO D 103 -36.70 29.51 -0.59
N LEU D 104 -36.68 30.55 -1.40
CA LEU D 104 -35.43 31.14 -1.85
C LEU D 104 -34.67 31.75 -0.66
N LYS D 105 -35.40 32.28 0.31
CA LYS D 105 -34.84 32.77 1.57
C LYS D 105 -34.06 31.67 2.26
N TYR D 106 -34.58 30.45 2.23
CA TYR D 106 -34.00 29.34 2.97
C TYR D 106 -33.06 28.51 2.12
N GLY D 107 -32.87 28.93 0.88
CA GLY D 107 -31.94 28.25 -0.01
C GLY D 107 -32.51 26.98 -0.59
N VAL D 108 -33.83 26.94 -0.72
CA VAL D 108 -34.52 25.76 -1.20
C VAL D 108 -35.19 26.07 -2.53
N ILE D 109 -35.26 25.07 -3.41
CA ILE D 109 -35.91 25.20 -4.71
C ILE D 109 -37.34 25.76 -4.62
N GLY D 110 -37.46 27.04 -4.92
CA GLY D 110 -38.76 27.67 -5.03
C GLY D 110 -39.17 27.57 -6.47
N GLN D 111 -40.11 26.67 -6.77
CA GLN D 111 -40.48 26.33 -8.11
C GLN D 111 -41.97 26.11 -8.04
N GLU D 112 -42.65 26.16 -9.18
CA GLU D 112 -44.12 26.17 -9.22
C GLU D 112 -44.78 24.91 -8.69
N THR D 113 -44.20 23.75 -9.00
CA THR D 113 -44.82 22.46 -8.69
C THR D 113 -43.84 21.44 -8.15
N ASN D 114 -42.69 21.89 -7.67
CA ASN D 114 -41.80 20.99 -6.96
C ASN D 114 -41.44 21.53 -5.60
N GLY D 115 -40.95 20.67 -4.73
CA GLY D 115 -40.68 21.03 -3.36
C GLY D 115 -41.79 21.86 -2.73
N PRO D 116 -41.42 22.81 -1.87
CA PRO D 116 -42.27 23.68 -1.07
C PRO D 116 -43.40 24.31 -1.86
N GLY D 117 -43.06 24.91 -3.00
CA GLY D 117 -44.06 25.49 -3.88
C GLY D 117 -45.09 24.47 -4.36
N GLY D 118 -44.60 23.32 -4.79
CA GLY D 118 -45.47 22.24 -5.19
C GLY D 118 -46.48 21.98 -4.11
N LEU D 119 -45.99 21.69 -2.92
CA LEU D 119 -46.85 21.40 -1.79
C LEU D 119 -47.95 22.43 -1.64
N PHE D 120 -47.57 23.67 -1.44
CA PHE D 120 -48.56 24.69 -1.14
C PHE D 120 -49.46 25.01 -2.30
N LYS D 121 -49.05 24.63 -3.51
CA LYS D 121 -49.95 24.75 -4.64
C LYS D 121 -51.03 23.70 -4.49
N GLY D 122 -50.65 22.57 -3.89
CA GLY D 122 -51.57 21.48 -3.67
C GLY D 122 -52.60 21.86 -2.65
N LEU D 123 -52.14 22.40 -1.53
CA LEU D 123 -53.05 22.75 -0.46
C LEU D 123 -54.03 23.85 -0.88
N ARG D 124 -53.62 24.70 -1.82
CA ARG D 124 -54.46 25.81 -2.25
C ARG D 124 -55.57 25.37 -3.20
N THR D 125 -55.24 24.37 -4.02
CA THR D 125 -56.07 23.92 -5.15
C THR D 125 -57.08 22.79 -4.89
N ILE D 126 -56.58 21.65 -4.42
CA ILE D 126 -57.40 20.47 -4.37
C ILE D 126 -58.48 20.53 -3.32
N PRO D 127 -58.45 21.53 -2.42
CA PRO D 127 -59.76 21.72 -1.81
C PRO D 127 -60.80 22.15 -2.82
N VAL D 128 -60.39 22.96 -3.80
CA VAL D 128 -61.36 23.60 -4.69
C VAL D 128 -61.82 22.63 -5.74
N ILE D 129 -60.87 21.91 -6.33
CA ILE D 129 -61.18 20.81 -7.24
C ILE D 129 -62.29 19.94 -6.69
N LEU D 130 -62.13 19.48 -5.47
CA LEU D 130 -63.12 18.65 -4.85
C LEU D 130 -64.44 19.38 -4.71
N ASP D 131 -64.38 20.70 -4.58
CA ASP D 131 -65.60 21.49 -4.43
C ASP D 131 -66.31 21.50 -5.75
N ILE D 132 -65.52 21.36 -6.80
CA ILE D 132 -66.05 21.35 -8.15
C ILE D 132 -66.71 20.02 -8.41
N ILE D 133 -66.00 18.96 -8.09
CA ILE D 133 -66.52 17.61 -8.24
C ILE D 133 -67.82 17.41 -7.49
N ARG D 134 -67.91 17.95 -6.29
CA ARG D 134 -69.16 17.95 -5.55
C ARG D 134 -70.28 18.55 -6.37
N ASP D 135 -69.93 19.51 -7.24
CA ASP D 135 -70.90 20.17 -8.09
C ASP D 135 -71.17 19.34 -9.33
N MET D 136 -70.16 18.65 -9.83
CA MET D 136 -70.34 17.80 -10.99
C MET D 136 -71.21 16.59 -10.65
N GLU D 137 -71.04 16.04 -9.46
CA GLU D 137 -71.80 14.87 -9.06
C GLU D 137 -73.26 15.25 -8.79
N GLU D 138 -73.65 16.46 -9.19
CA GLU D 138 -75.03 16.87 -9.08
C GLU D 138 -75.51 17.42 -10.41
N LEU D 139 -74.60 17.98 -11.19
CA LEU D 139 -74.98 18.75 -12.36
C LEU D 139 -74.46 18.14 -13.67
N CYS D 140 -73.63 17.11 -13.58
CA CYS D 140 -73.16 16.43 -14.78
C CYS D 140 -72.93 14.92 -14.74
N PRO D 141 -73.13 14.24 -13.61
CA PRO D 141 -72.40 13.01 -13.28
C PRO D 141 -71.88 12.10 -14.40
N ASP D 142 -72.18 12.39 -15.66
CA ASP D 142 -71.59 11.67 -16.79
C ASP D 142 -70.41 12.43 -17.36
N ALA D 143 -70.21 13.66 -16.89
CA ALA D 143 -69.18 14.52 -17.45
C ALA D 143 -67.81 13.98 -17.21
N TRP D 144 -66.99 14.03 -18.24
CA TRP D 144 -65.57 13.79 -18.09
C TRP D 144 -64.91 14.97 -17.40
N LEU D 145 -63.83 14.73 -16.68
CA LEU D 145 -63.03 15.80 -16.13
C LEU D 145 -61.62 15.73 -16.66
N ILE D 146 -61.26 16.66 -17.53
CA ILE D 146 -59.92 16.71 -18.09
C ILE D 146 -59.19 17.87 -17.45
N ASN D 147 -58.05 17.60 -16.84
CA ASN D 147 -57.45 18.56 -15.92
C ASN D 147 -56.01 18.95 -16.18
N PHE D 148 -55.75 20.27 -16.21
CA PHE D 148 -54.40 20.80 -16.36
C PHE D 148 -53.86 21.37 -15.08
N THR D 149 -54.69 22.15 -14.41
CA THR D 149 -54.33 22.82 -13.16
C THR D 149 -53.34 22.00 -12.39
N ASN D 150 -52.16 22.59 -12.15
CA ASN D 150 -51.05 21.89 -11.54
C ASN D 150 -51.15 21.86 -10.01
N PRO D 151 -50.37 20.98 -9.34
CA PRO D 151 -49.59 19.89 -9.93
C PRO D 151 -50.58 18.84 -10.40
N ALA D 152 -50.43 18.42 -11.65
CA ALA D 152 -51.45 17.58 -12.27
C ALA D 152 -51.40 16.22 -11.63
N GLY D 153 -50.19 15.80 -11.26
CA GLY D 153 -49.99 14.49 -10.67
C GLY D 153 -50.53 14.32 -9.26
N MET D 154 -50.41 15.38 -8.46
CA MET D 154 -50.95 15.41 -7.12
C MET D 154 -52.45 15.58 -7.16
N VAL D 155 -52.93 16.36 -8.11
CA VAL D 155 -54.35 16.59 -8.23
C VAL D 155 -55.03 15.33 -8.71
N THR D 156 -54.41 14.64 -9.66
CA THR D 156 -55.01 13.38 -10.13
C THR D 156 -55.08 12.39 -8.99
N GLU D 157 -54.08 12.37 -8.13
CA GLU D 157 -54.10 11.51 -6.95
C GLU D 157 -55.30 11.79 -6.08
N ALA D 158 -55.42 13.03 -5.60
CA ALA D 158 -56.48 13.41 -4.69
C ALA D 158 -57.85 12.96 -5.14
N VAL D 159 -58.12 13.09 -6.43
CA VAL D 159 -59.41 12.74 -7.00
C VAL D 159 -59.67 11.24 -6.91
N LEU D 160 -58.61 10.45 -7.05
CA LEU D 160 -58.75 9.01 -6.98
C LEU D 160 -58.94 8.51 -5.56
N ARG D 161 -58.50 9.27 -4.58
CA ARG D 161 -58.48 8.78 -3.21
C ARG D 161 -59.51 9.43 -2.31
N TYR D 162 -60.06 10.57 -2.72
CA TYR D 162 -61.02 11.26 -1.87
C TYR D 162 -62.28 11.58 -2.63
N THR D 163 -62.55 10.81 -3.68
CA THR D 163 -63.65 11.09 -4.59
C THR D 163 -64.08 9.86 -5.39
N LYS D 164 -65.37 9.73 -5.65
CA LYS D 164 -65.90 8.62 -6.42
C LYS D 164 -65.94 8.91 -7.93
N GLN D 165 -65.10 9.84 -8.38
CA GLN D 165 -65.00 10.18 -9.79
C GLN D 165 -64.16 9.22 -10.59
N GLU D 166 -64.76 8.21 -11.18
CA GLU D 166 -64.03 7.33 -12.06
C GLU D 166 -63.50 8.09 -13.27
N LYS D 167 -64.31 9.01 -13.80
CA LYS D 167 -63.97 9.80 -15.00
C LYS D 167 -63.05 11.00 -14.73
N VAL D 168 -61.75 10.83 -14.97
CA VAL D 168 -60.78 11.89 -14.75
C VAL D 168 -59.49 11.58 -15.49
N VAL D 169 -58.89 12.61 -16.08
CA VAL D 169 -57.59 12.47 -16.73
C VAL D 169 -56.75 13.66 -16.30
N GLY D 170 -55.43 13.54 -16.37
CA GLY D 170 -54.56 14.66 -16.02
C GLY D 170 -53.47 14.84 -17.05
N LEU D 171 -53.31 16.04 -17.58
CA LEU D 171 -52.48 16.25 -18.77
C LEU D 171 -51.31 17.19 -18.61
N CYS D 172 -50.26 16.99 -19.40
CA CYS D 172 -49.06 17.83 -19.27
C CYS D 172 -48.29 17.94 -20.58
N ASN D 173 -47.56 19.04 -20.71
CA ASN D 173 -46.82 19.36 -21.91
C ASN D 173 -45.42 18.80 -21.90
N VAL D 174 -45.05 18.10 -20.83
CA VAL D 174 -43.72 17.53 -20.74
C VAL D 174 -43.53 16.42 -21.77
N PRO D 175 -44.40 15.39 -21.75
CA PRO D 175 -44.09 14.24 -22.61
C PRO D 175 -43.99 14.62 -24.09
N ILE D 176 -45.06 15.22 -24.59
CA ILE D 176 -45.09 15.75 -25.92
C ILE D 176 -43.86 16.59 -26.20
N GLY D 177 -43.43 17.35 -25.21
CA GLY D 177 -42.22 18.13 -25.35
C GLY D 177 -40.99 17.28 -25.62
N MET D 178 -40.97 16.06 -25.11
CA MET D 178 -39.77 15.22 -25.18
C MET D 178 -39.73 14.46 -26.48
N ARG D 179 -40.86 14.32 -27.12
CA ARG D 179 -40.84 13.73 -28.44
C ARG D 179 -40.34 14.76 -29.40
N MET D 180 -40.68 16.01 -29.15
CA MET D 180 -40.54 17.02 -30.18
C MET D 180 -39.17 17.29 -30.81
N GLY D 181 -38.04 17.31 -30.09
CA GLY D 181 -37.82 16.84 -28.76
C GLY D 181 -36.67 15.90 -29.00
N VAL D 182 -36.96 14.61 -29.01
CA VAL D 182 -35.98 13.64 -29.47
C VAL D 182 -36.21 13.43 -30.94
N ALA D 183 -37.21 14.11 -31.50
CA ALA D 183 -37.41 14.10 -32.96
C ALA D 183 -36.41 15.04 -33.56
N LYS D 184 -36.46 16.28 -33.10
CA LYS D 184 -35.48 17.29 -33.45
C LYS D 184 -34.08 16.72 -33.33
N LEU D 185 -33.78 16.14 -32.18
CA LEU D 185 -32.48 15.51 -31.96
C LEU D 185 -32.13 14.45 -33.01
N LEU D 186 -33.13 13.95 -33.73
CA LEU D 186 -32.88 12.93 -34.74
C LEU D 186 -33.07 13.53 -36.12
N GLY D 187 -33.53 14.78 -36.13
CA GLY D 187 -33.82 15.45 -37.37
C GLY D 187 -34.78 14.63 -38.20
N VAL D 188 -36.02 14.54 -37.73
CA VAL D 188 -37.04 13.66 -38.28
C VAL D 188 -38.40 14.22 -37.84
N ASP D 189 -39.43 14.06 -38.66
CA ASP D 189 -40.77 14.47 -38.25
C ASP D 189 -41.16 13.78 -36.95
N ALA D 190 -41.92 14.46 -36.12
CA ALA D 190 -42.28 13.91 -34.83
C ALA D 190 -43.08 12.60 -34.96
N ASP D 191 -43.95 12.50 -35.95
CA ASP D 191 -44.83 11.34 -36.03
C ASP D 191 -44.10 10.06 -36.44
N ARG D 192 -42.79 10.15 -36.66
CA ARG D 192 -41.96 8.96 -36.87
C ARG D 192 -41.35 8.47 -35.57
N VAL D 193 -41.71 9.11 -34.47
CA VAL D 193 -41.06 8.85 -33.20
C VAL D 193 -42.07 8.49 -32.13
N HIS D 194 -41.87 7.32 -31.51
CA HIS D 194 -42.75 6.91 -30.42
C HIS D 194 -41.95 6.59 -29.18
N ILE D 195 -42.46 6.98 -28.01
CA ILE D 195 -41.73 6.81 -26.77
C ILE D 195 -42.58 6.10 -25.72
N ASP D 196 -41.94 5.23 -24.94
CA ASP D 196 -42.62 4.55 -23.85
C ASP D 196 -42.55 5.36 -22.57
N PHE D 197 -43.62 6.09 -22.26
CA PHE D 197 -43.62 6.91 -21.07
C PHE D 197 -44.13 6.14 -19.90
N ALA D 198 -43.44 6.29 -18.79
CA ALA D 198 -43.90 5.79 -17.50
C ALA D 198 -43.35 6.69 -16.40
N GLY D 199 -44.13 6.84 -15.34
CA GLY D 199 -43.68 7.58 -14.18
C GLY D 199 -44.81 8.36 -13.56
N LEU D 200 -44.49 9.49 -12.97
CA LEU D 200 -45.52 10.35 -12.43
C LEU D 200 -45.40 11.68 -13.06
N ASN D 201 -46.46 12.44 -13.02
CA ASN D 201 -46.43 13.79 -13.56
C ASN D 201 -45.32 14.64 -13.04
N HIS D 202 -44.60 15.29 -13.96
CA HIS D 202 -43.38 16.05 -13.66
C HIS D 202 -42.39 15.16 -13.02
N MET D 203 -42.37 13.92 -13.47
CA MET D 203 -41.49 12.88 -12.95
C MET D 203 -41.65 11.68 -13.85
N VAL D 204 -41.27 11.82 -15.11
CA VAL D 204 -41.68 10.87 -16.09
C VAL D 204 -40.54 10.54 -17.03
N PHE D 205 -40.20 9.26 -17.15
CA PHE D 205 -39.04 8.87 -17.92
C PHE D 205 -39.44 8.36 -19.27
N GLY D 206 -38.59 8.60 -20.25
CA GLY D 206 -38.81 8.03 -21.56
C GLY D 206 -38.11 6.69 -21.54
N LEU D 207 -38.88 5.64 -21.32
CA LEU D 207 -38.31 4.33 -21.12
C LEU D 207 -37.67 3.77 -22.36
N HIS D 208 -38.35 3.86 -23.49
CA HIS D 208 -37.78 3.44 -24.77
C HIS D 208 -38.16 4.38 -25.86
N VAL D 209 -37.26 4.53 -26.83
CA VAL D 209 -37.52 5.40 -27.95
C VAL D 209 -37.58 4.63 -29.24
N TYR D 210 -38.62 4.87 -30.03
CA TYR D 210 -38.78 4.17 -31.27
C TYR D 210 -38.86 5.15 -32.40
N LEU D 211 -37.93 5.03 -33.34
CA LEU D 211 -38.00 5.71 -34.64
C LEU D 211 -38.51 4.73 -35.69
N ASP D 212 -39.78 4.87 -36.07
CA ASP D 212 -40.45 3.92 -36.95
C ASP D 212 -40.43 2.54 -36.35
N GLY D 213 -41.14 2.35 -35.25
CA GLY D 213 -41.25 1.05 -34.60
C GLY D 213 -39.96 0.37 -34.17
N VAL D 214 -38.81 0.96 -34.45
CA VAL D 214 -37.54 0.38 -34.05
C VAL D 214 -36.90 1.16 -32.90
N GLU D 215 -36.38 0.45 -31.91
CA GLU D 215 -35.80 1.09 -30.75
C GLU D 215 -34.47 1.70 -31.10
N VAL D 216 -34.31 2.96 -30.72
CA VAL D 216 -33.10 3.71 -31.00
C VAL D 216 -32.67 4.40 -29.72
N THR D 217 -33.21 3.92 -28.60
CA THR D 217 -33.16 4.62 -27.32
C THR D 217 -31.74 4.99 -26.92
N GLU D 218 -30.81 4.07 -27.07
CA GLU D 218 -29.44 4.36 -26.73
C GLU D 218 -28.93 5.51 -27.54
N LYS D 219 -29.12 5.42 -28.84
CA LYS D 219 -28.63 6.40 -29.80
C LYS D 219 -29.25 7.78 -29.58
N VAL D 220 -30.54 7.84 -29.29
CA VAL D 220 -31.15 9.10 -28.89
C VAL D 220 -30.45 9.63 -27.67
N ILE D 221 -30.28 8.74 -26.70
CA ILE D 221 -29.63 9.12 -25.47
C ILE D 221 -28.20 9.53 -25.78
N ASP D 222 -27.56 8.86 -26.72
CA ASP D 222 -26.18 9.18 -27.06
C ASP D 222 -25.99 10.58 -27.68
N LEU D 223 -27.06 11.25 -28.04
CA LEU D 223 -26.92 12.56 -28.63
C LEU D 223 -27.41 13.63 -27.68
N VAL D 224 -27.70 13.27 -26.44
CA VAL D 224 -28.17 14.27 -25.50
C VAL D 224 -26.97 15.03 -24.99
N ALA D 225 -25.89 14.28 -24.71
CA ALA D 225 -24.68 14.85 -24.18
N LEU D 240 -30.27 23.00 -21.06
CA LEU D 240 -29.97 21.76 -20.36
C LEU D 240 -28.69 21.12 -20.85
N GLY D 241 -28.45 19.91 -20.36
CA GLY D 241 -27.24 19.17 -20.62
C GLY D 241 -27.02 18.23 -19.47
N TRP D 242 -27.11 16.92 -19.72
CA TRP D 242 -26.93 15.95 -18.67
C TRP D 242 -25.54 15.36 -18.79
N GLU D 243 -24.98 14.93 -17.68
CA GLU D 243 -23.74 14.16 -17.72
C GLU D 243 -23.94 12.94 -18.58
N PRO D 244 -23.03 12.70 -19.52
CA PRO D 244 -23.11 11.56 -20.42
C PRO D 244 -23.28 10.23 -19.69
N ASP D 245 -22.28 9.83 -18.92
CA ASP D 245 -22.27 8.50 -18.32
C ASP D 245 -23.44 8.26 -17.40
N PHE D 246 -23.85 9.29 -16.68
CA PHE D 246 -25.03 9.17 -15.85
C PHE D 246 -26.23 8.86 -16.70
N LEU D 247 -26.28 9.41 -17.89
CA LEU D 247 -27.37 9.14 -18.80
C LEU D 247 -27.15 7.80 -19.49
N LYS D 248 -26.03 7.68 -20.18
CA LYS D 248 -25.71 6.44 -20.90
C LYS D 248 -25.80 5.19 -20.02
N GLY D 249 -25.83 5.38 -18.71
CA GLY D 249 -25.86 4.26 -17.79
C GLY D 249 -27.22 4.12 -17.18
N LEU D 250 -28.00 5.19 -17.19
CA LEU D 250 -29.35 5.15 -16.68
C LEU D 250 -30.31 4.56 -17.71
N LYS D 251 -29.87 4.57 -18.98
CA LYS D 251 -30.53 3.88 -20.10
C LYS D 251 -31.95 4.33 -20.40
N VAL D 252 -32.52 5.17 -19.55
CA VAL D 252 -33.74 5.85 -19.91
C VAL D 252 -33.53 7.36 -19.97
N LEU D 253 -34.51 8.06 -20.50
CA LEU D 253 -34.36 9.45 -20.80
C LEU D 253 -35.19 10.27 -19.83
N PRO D 254 -34.54 11.19 -19.11
CA PRO D 254 -35.23 11.91 -18.05
C PRO D 254 -36.08 13.06 -18.54
N CYS D 255 -37.24 13.23 -17.92
CA CYS D 255 -37.99 14.47 -17.98
C CYS D 255 -37.14 15.69 -17.61
N PRO D 256 -37.50 16.90 -18.08
CA PRO D 256 -36.70 18.07 -17.70
C PRO D 256 -36.87 18.47 -16.24
N TYR D 257 -38.00 18.15 -15.61
CA TYR D 257 -38.15 18.44 -14.21
C TYR D 257 -37.21 17.59 -13.37
N HIS D 258 -36.46 16.72 -14.01
CA HIS D 258 -35.52 15.90 -13.28
C HIS D 258 -34.28 16.67 -12.94
N ARG D 259 -34.09 17.80 -13.61
CA ARG D 259 -33.02 18.74 -13.27
C ARG D 259 -33.06 19.06 -11.78
N TYR D 260 -34.26 19.33 -11.28
CA TYR D 260 -34.43 19.68 -9.88
C TYR D 260 -34.11 18.52 -8.94
N TYR D 261 -33.64 17.41 -9.47
CA TYR D 261 -33.42 16.24 -8.65
C TYR D 261 -32.05 15.65 -8.90
N TYR D 262 -31.64 15.56 -10.16
CA TYR D 262 -30.30 15.09 -10.45
C TYR D 262 -29.32 16.25 -10.62
N GLN D 263 -29.86 17.46 -10.67
CA GLN D 263 -29.02 18.63 -10.88
C GLN D 263 -29.53 19.76 -10.00
N THR D 264 -29.82 19.42 -8.76
CA THR D 264 -30.30 20.38 -7.78
C THR D 264 -29.47 21.66 -7.67
N ASP D 265 -28.17 21.50 -7.40
CA ASP D 265 -27.30 22.63 -7.12
C ASP D 265 -27.36 23.69 -8.19
N LYS D 266 -27.24 23.27 -9.45
CA LYS D 266 -27.26 24.19 -10.57
C LYS D 266 -28.63 24.80 -10.71
N MET D 267 -29.67 24.06 -10.40
CA MET D 267 -31.04 24.56 -10.54
C MET D 267 -31.31 25.61 -9.49
N LEU D 268 -30.44 25.63 -8.50
CA LEU D 268 -30.63 26.53 -7.39
C LEU D 268 -29.93 27.85 -7.68
N ALA D 269 -28.77 27.74 -8.33
CA ALA D 269 -28.04 28.90 -8.77
C ALA D 269 -28.91 29.74 -9.70
N GLU D 270 -29.66 29.04 -10.56
CA GLU D 270 -30.53 29.68 -11.55
C GLU D 270 -31.60 30.55 -10.95
N GLU D 271 -32.48 29.93 -10.16
CA GLU D 271 -33.57 30.65 -9.51
C GLU D 271 -33.05 31.85 -8.73
N LEU D 272 -31.80 31.77 -8.27
CA LEU D 272 -31.22 32.85 -7.50
C LEU D 272 -30.84 34.03 -8.38
N GLU D 273 -29.82 33.83 -9.21
CA GLU D 273 -29.39 34.84 -10.16
C GLU D 273 -30.61 35.46 -10.82
N ALA D 274 -31.52 34.61 -11.26
CA ALA D 274 -32.71 35.08 -11.92
C ALA D 274 -33.50 36.03 -11.04
N ALA D 275 -33.49 35.82 -9.74
CA ALA D 275 -34.30 36.64 -8.85
C ALA D 275 -33.61 37.94 -8.55
N LYS D 276 -32.29 37.91 -8.61
CA LYS D 276 -31.49 39.12 -8.46
C LYS D 276 -31.72 40.07 -9.61
N THR D 277 -32.04 39.51 -10.77
CA THR D 277 -32.17 40.30 -11.99
C THR D 277 -33.59 40.32 -12.56
N LYS D 278 -33.92 39.35 -13.42
CA LYS D 278 -35.22 39.34 -14.08
C LYS D 278 -36.37 39.23 -13.10
N GLY D 279 -36.12 38.55 -12.00
CA GLY D 279 -37.17 38.24 -11.06
C GLY D 279 -37.32 36.74 -11.01
N THR D 280 -38.19 36.24 -10.15
CA THR D 280 -38.45 34.80 -10.15
C THR D 280 -39.13 34.45 -11.45
N ARG D 281 -39.49 33.19 -11.61
CA ARG D 281 -40.19 32.82 -12.82
C ARG D 281 -41.56 33.47 -12.84
N ALA D 282 -42.28 33.44 -11.74
CA ALA D 282 -43.61 34.02 -11.71
C ALA D 282 -43.59 35.50 -12.00
N GLU D 283 -42.60 36.20 -11.46
CA GLU D 283 -42.46 37.63 -11.67
C GLU D 283 -42.30 37.87 -13.16
N VAL D 284 -41.31 37.22 -13.74
CA VAL D 284 -41.08 37.26 -15.18
C VAL D 284 -42.34 36.94 -15.98
N VAL D 285 -43.06 35.91 -15.56
CA VAL D 285 -44.30 35.55 -16.22
C VAL D 285 -45.34 36.62 -16.00
N GLN D 286 -45.43 37.14 -14.79
CA GLN D 286 -46.44 38.12 -14.46
C GLN D 286 -46.31 39.39 -15.29
N GLN D 287 -45.09 39.72 -15.69
CA GLN D 287 -44.84 40.90 -16.51
C GLN D 287 -45.13 40.55 -17.95
N LEU D 288 -44.99 39.28 -18.29
CA LEU D 288 -45.25 38.82 -19.65
C LEU D 288 -46.72 38.62 -19.92
N GLU D 289 -47.43 38.05 -18.95
CA GLU D 289 -48.87 37.96 -19.04
C GLU D 289 -49.50 39.34 -19.05
N LYS D 290 -48.92 40.26 -18.29
CA LYS D 290 -49.35 41.66 -18.24
C LYS D 290 -49.46 42.25 -19.64
N GLU D 291 -48.39 42.08 -20.42
CA GLU D 291 -48.33 42.71 -21.71
C GLU D 291 -49.03 41.89 -22.78
N LEU D 292 -49.45 40.68 -22.43
CA LEU D 292 -50.07 39.80 -23.43
C LEU D 292 -51.57 39.98 -23.51
N PHE D 293 -52.21 40.39 -22.43
CA PHE D 293 -53.61 40.74 -22.52
C PHE D 293 -53.76 41.99 -23.35
N GLU D 294 -52.71 42.80 -23.35
CA GLU D 294 -52.71 44.04 -24.10
C GLU D 294 -52.96 43.74 -25.56
N LEU D 295 -52.28 42.72 -26.07
CA LEU D 295 -52.43 42.34 -27.47
C LEU D 295 -53.83 41.88 -27.78
N TYR D 296 -54.48 41.28 -26.79
CA TYR D 296 -55.74 40.60 -27.03
C TYR D 296 -56.90 41.55 -27.30
N LYS D 297 -56.64 42.86 -27.30
CA LYS D 297 -57.73 43.80 -27.27
C LYS D 297 -58.26 44.25 -28.64
N ASP D 298 -57.66 43.75 -29.73
CA ASP D 298 -58.26 43.92 -31.06
C ASP D 298 -57.56 43.09 -32.13
N PRO D 299 -58.35 42.38 -32.96
CA PRO D 299 -58.04 41.23 -33.82
C PRO D 299 -56.64 40.65 -33.65
N ARG D 311 -46.38 31.62 -26.33
CA ARG D 311 -44.94 31.80 -26.38
C ARG D 311 -44.17 30.85 -25.47
N GLY D 312 -44.34 31.02 -24.17
CA GLY D 312 -43.58 30.24 -23.21
C GLY D 312 -44.38 29.75 -22.02
N GLY D 313 -43.92 28.66 -21.44
CA GLY D 313 -44.52 28.12 -20.24
C GLY D 313 -45.30 26.84 -20.52
N ALA D 314 -46.00 26.82 -21.64
CA ALA D 314 -46.86 25.68 -21.89
C ALA D 314 -47.25 25.46 -23.34
N TYR D 315 -48.08 24.44 -23.51
CA TYR D 315 -48.55 23.95 -24.79
C TYR D 315 -49.56 22.88 -24.36
N TYR D 316 -49.72 22.87 -23.03
CA TYR D 316 -50.54 21.96 -22.26
C TYR D 316 -51.88 21.61 -22.92
N SER D 317 -52.44 22.53 -23.70
CA SER D 317 -53.85 22.43 -24.01
C SER D 317 -54.12 21.94 -25.44
N ASP D 318 -53.07 21.70 -26.20
CA ASP D 318 -53.21 21.06 -27.49
C ASP D 318 -53.26 19.55 -27.32
N ALA D 319 -52.46 19.05 -26.39
CA ALA D 319 -52.50 17.65 -25.97
C ALA D 319 -53.78 17.30 -25.22
N ALA D 320 -54.60 18.30 -24.96
CA ALA D 320 -55.88 18.07 -24.33
C ALA D 320 -56.95 17.88 -25.36
N CYS D 321 -56.75 18.52 -26.50
CA CYS D 321 -57.69 18.38 -27.58
C CYS D 321 -57.55 17.00 -28.16
N SER D 322 -56.31 16.56 -28.33
CA SER D 322 -56.08 15.21 -28.83
C SER D 322 -56.71 14.20 -27.90
N LEU D 323 -56.77 14.50 -26.62
CA LEU D 323 -57.38 13.58 -25.69
C LEU D 323 -58.88 13.67 -25.82
N ILE D 324 -59.44 14.87 -25.71
CA ILE D 324 -60.88 15.01 -25.76
C ILE D 324 -61.43 14.52 -27.09
N SER D 325 -60.64 14.62 -28.15
CA SER D 325 -61.03 14.07 -29.44
C SER D 325 -61.15 12.55 -29.29
N SER D 326 -60.02 11.89 -29.08
CA SER D 326 -59.93 10.44 -28.94
C SER D 326 -61.00 9.85 -28.04
N ILE D 327 -61.23 10.45 -26.89
CA ILE D 327 -62.25 9.94 -26.00
C ILE D 327 -63.59 9.99 -26.69
N TYR D 328 -64.00 11.18 -27.11
CA TYR D 328 -65.27 11.35 -27.80
C TYR D 328 -65.40 10.39 -28.98
N ASN D 329 -64.33 10.29 -29.76
CA ASN D 329 -64.32 9.53 -31.00
C ASN D 329 -64.02 8.02 -30.90
N ASP D 330 -63.51 7.58 -29.76
CA ASP D 330 -63.09 6.18 -29.56
C ASP D 330 -61.96 5.85 -30.51
N LYS D 331 -61.11 6.81 -30.80
CA LYS D 331 -60.03 6.59 -31.75
C LYS D 331 -59.04 5.53 -31.29
N ARG D 332 -59.06 5.22 -30.00
CA ARG D 332 -58.26 4.12 -29.43
C ARG D 332 -56.79 4.18 -29.75
N ASP D 333 -56.23 5.38 -29.73
CA ASP D 333 -54.79 5.57 -29.97
C ASP D 333 -54.04 5.77 -28.66
N ILE D 334 -52.74 6.00 -28.76
CA ILE D 334 -51.87 6.00 -27.59
C ILE D 334 -51.28 7.37 -27.23
N GLN D 335 -51.87 8.01 -26.24
CA GLN D 335 -51.38 9.26 -25.65
C GLN D 335 -50.99 9.09 -24.19
N PRO D 336 -49.94 9.79 -23.71
CA PRO D 336 -49.48 9.66 -22.33
C PRO D 336 -50.23 10.55 -21.37
N VAL D 337 -51.08 9.98 -20.53
CA VAL D 337 -51.87 10.79 -19.61
C VAL D 337 -51.80 10.31 -18.16
N ASN D 338 -52.47 11.04 -17.28
CA ASN D 338 -52.48 10.74 -15.86
C ASN D 338 -53.72 9.99 -15.44
N THR D 339 -53.58 8.69 -15.21
CA THR D 339 -54.70 7.82 -14.85
C THR D 339 -54.43 6.85 -13.70
N ARG D 340 -55.50 6.21 -13.21
CA ARG D 340 -55.41 5.19 -12.18
C ARG D 340 -54.44 4.11 -12.61
N ASN D 341 -53.53 3.73 -11.74
CA ASN D 341 -52.40 2.89 -12.15
C ASN D 341 -52.80 1.50 -12.58
N ASN D 342 -53.55 0.83 -11.71
CA ASN D 342 -54.04 -0.51 -11.96
C ASN D 342 -52.96 -1.50 -12.35
N GLY D 343 -51.74 -1.24 -11.92
CA GLY D 343 -50.69 -2.21 -11.98
C GLY D 343 -49.85 -2.02 -13.20
N ALA D 344 -50.10 -0.93 -13.89
CA ALA D 344 -49.30 -0.58 -15.03
C ALA D 344 -47.88 -0.45 -14.58
N ILE D 345 -47.69 0.30 -13.50
CA ILE D 345 -46.43 0.35 -12.80
C ILE D 345 -46.52 -0.38 -11.46
N ALA D 346 -45.74 -1.45 -11.31
CA ALA D 346 -45.83 -2.35 -10.16
C ALA D 346 -45.65 -1.67 -8.80
N SER D 347 -44.70 -0.74 -8.74
CA SER D 347 -44.34 -0.11 -7.49
C SER D 347 -45.32 0.95 -7.01
N ILE D 348 -45.98 1.65 -7.92
CA ILE D 348 -47.05 2.56 -7.52
C ILE D 348 -48.21 1.69 -7.12
N PRO D 349 -49.00 2.09 -6.13
CA PRO D 349 -50.20 1.31 -5.84
C PRO D 349 -51.10 1.19 -7.05
N PRO D 350 -51.95 0.17 -7.07
CA PRO D 350 -52.87 0.14 -8.19
C PRO D 350 -53.94 1.22 -8.07
N GLU D 351 -54.07 1.84 -6.91
CA GLU D 351 -55.17 2.77 -6.69
C GLU D 351 -54.72 4.19 -6.89
N SER D 352 -53.44 4.37 -7.15
CA SER D 352 -52.83 5.70 -7.25
C SER D 352 -52.77 6.20 -8.68
N ALA D 353 -52.30 7.42 -8.88
CA ALA D 353 -52.27 8.04 -10.21
C ALA D 353 -50.89 7.99 -10.79
N VAL D 354 -50.75 7.49 -12.00
CA VAL D 354 -49.48 7.54 -12.69
C VAL D 354 -49.60 8.31 -14.00
N GLU D 355 -48.46 8.57 -14.65
CA GLU D 355 -48.44 9.19 -15.97
C GLU D 355 -47.77 8.25 -16.94
N VAL D 356 -48.58 7.47 -17.65
CA VAL D 356 -48.09 6.45 -18.55
C VAL D 356 -48.80 6.53 -19.89
N ASN D 357 -48.28 5.84 -20.90
CA ASN D 357 -49.00 5.67 -22.16
C ASN D 357 -50.33 4.96 -21.94
N CYS D 358 -51.36 5.44 -22.62
CA CYS D 358 -52.67 4.84 -22.51
C CYS D 358 -53.34 4.73 -23.86
N VAL D 359 -53.98 3.61 -24.12
CA VAL D 359 -54.92 3.54 -25.22
C VAL D 359 -56.12 4.37 -24.84
N ILE D 360 -56.60 5.23 -25.73
CA ILE D 360 -57.67 6.14 -25.36
C ILE D 360 -59.04 5.77 -25.95
N THR D 361 -59.97 5.43 -25.07
CA THR D 361 -61.27 4.91 -25.46
C THR D 361 -62.36 5.78 -24.89
N LYS D 362 -63.60 5.36 -25.06
CA LYS D 362 -64.74 6.18 -24.67
C LYS D 362 -65.18 5.82 -23.26
N ASP D 363 -64.60 4.76 -22.72
CA ASP D 363 -64.75 4.43 -21.31
C ASP D 363 -63.61 5.12 -20.57
N GLY D 364 -62.55 5.45 -21.30
CA GLY D 364 -61.47 6.25 -20.76
C GLY D 364 -60.11 5.83 -21.26
N PRO D 365 -59.04 6.38 -20.66
CA PRO D 365 -57.71 5.85 -20.92
C PRO D 365 -57.49 4.46 -20.32
N LYS D 366 -56.70 3.66 -21.03
CA LYS D 366 -56.42 2.31 -20.63
C LYS D 366 -54.92 2.15 -20.59
N PRO D 367 -54.34 2.13 -19.40
CA PRO D 367 -52.89 2.06 -19.28
C PRO D 367 -52.32 0.84 -19.96
N ILE D 368 -51.23 1.01 -20.68
CA ILE D 368 -50.49 -0.11 -21.22
C ILE D 368 -49.53 -0.55 -20.15
N ALA D 369 -49.50 -1.83 -19.84
CA ALA D 369 -48.67 -2.31 -18.74
C ALA D 369 -47.23 -1.90 -18.96
N VAL D 370 -46.60 -1.40 -17.91
CA VAL D 370 -45.21 -0.98 -17.98
C VAL D 370 -44.32 -2.06 -17.44
N GLY D 371 -44.73 -2.67 -16.33
CA GLY D 371 -43.87 -3.60 -15.63
C GLY D 371 -43.54 -2.96 -14.31
N ASP D 372 -42.35 -2.42 -14.21
CA ASP D 372 -42.03 -1.50 -13.13
C ASP D 372 -41.08 -0.46 -13.71
N LEU D 373 -40.80 0.59 -12.96
CA LEU D 373 -39.78 1.53 -13.34
C LEU D 373 -38.46 0.82 -13.23
N PRO D 374 -37.46 1.20 -14.02
CA PRO D 374 -36.18 0.54 -13.85
C PRO D 374 -35.60 0.92 -12.50
N VAL D 375 -34.66 0.16 -11.98
CA VAL D 375 -34.35 0.26 -10.55
C VAL D 375 -33.98 1.68 -10.15
N ALA D 376 -32.79 2.13 -10.57
CA ALA D 376 -32.26 3.47 -10.35
C ALA D 376 -33.31 4.57 -10.22
N VAL D 377 -34.33 4.44 -11.04
CA VAL D 377 -35.42 5.39 -11.10
C VAL D 377 -36.46 5.11 -10.02
N ARG D 378 -36.58 3.84 -9.63
CA ARG D 378 -37.73 3.36 -8.86
C ARG D 378 -37.93 4.08 -7.55
N GLY D 379 -36.85 4.33 -6.82
CA GLY D 379 -36.95 4.99 -5.53
C GLY D 379 -37.25 6.48 -5.64
N LEU D 380 -36.59 7.15 -6.56
CA LEU D 380 -36.85 8.54 -6.78
C LEU D 380 -38.31 8.82 -7.21
N VAL D 381 -38.89 7.95 -8.03
CA VAL D 381 -40.30 8.12 -8.37
C VAL D 381 -41.18 7.77 -7.19
N GLN D 382 -40.80 6.73 -6.45
CA GLN D 382 -41.56 6.30 -5.29
C GLN D 382 -41.59 7.41 -4.26
N GLN D 383 -40.45 8.04 -4.06
CA GLN D 383 -40.33 9.18 -3.16
C GLN D 383 -41.28 10.32 -3.48
N ILE D 384 -41.66 10.46 -4.74
CA ILE D 384 -42.61 11.50 -5.12
C ILE D 384 -44.04 11.07 -4.84
N LYS D 385 -44.33 9.79 -5.04
CA LYS D 385 -45.68 9.32 -4.78
C LYS D 385 -46.02 9.54 -3.32
N SER D 386 -45.06 9.27 -2.44
CA SER D 386 -45.29 9.49 -1.03
C SER D 386 -45.60 10.95 -0.80
N PHE D 387 -44.77 11.83 -1.35
CA PHE D 387 -44.97 13.26 -1.20
C PHE D 387 -46.35 13.66 -1.67
N GLU D 388 -46.75 13.13 -2.83
CA GLU D 388 -48.06 13.41 -3.38
C GLU D 388 -49.14 12.94 -2.42
N ARG D 389 -48.95 11.74 -1.87
CA ARG D 389 -49.96 11.14 -1.02
C ARG D 389 -50.11 11.91 0.28
N VAL D 390 -49.01 12.17 0.95
CA VAL D 390 -49.06 12.90 2.20
C VAL D 390 -49.53 14.36 1.97
N ALA D 391 -49.18 14.93 0.83
CA ALA D 391 -49.57 16.30 0.56
C ALA D 391 -51.04 16.38 0.27
N ALA D 392 -51.57 15.37 -0.41
CA ALA D 392 -52.99 15.38 -0.71
C ALA D 392 -53.78 15.25 0.58
N GLU D 393 -53.40 14.29 1.41
CA GLU D 393 -54.06 14.04 2.68
C GLU D 393 -54.12 15.29 3.54
N ALA D 394 -53.00 16.00 3.56
CA ALA D 394 -52.89 17.23 4.33
C ALA D 394 -53.87 18.31 3.87
N ALA D 395 -54.05 18.42 2.56
CA ALA D 395 -54.89 19.45 1.98
C ALA D 395 -56.36 19.28 2.32
N VAL D 396 -56.68 18.12 2.87
CA VAL D 396 -58.05 17.73 3.09
C VAL D 396 -58.38 17.72 4.58
N THR D 397 -57.44 17.22 5.36
CA THR D 397 -57.56 17.22 6.80
C THR D 397 -57.20 18.58 7.37
N GLY D 398 -56.28 19.27 6.71
CA GLY D 398 -55.78 20.53 7.21
C GLY D 398 -54.99 20.32 8.48
N ASP D 399 -54.51 19.09 8.63
CA ASP D 399 -53.74 18.72 9.80
C ASP D 399 -52.39 19.40 9.70
N TYR D 400 -51.98 20.13 10.73
CA TYR D 400 -50.68 20.75 10.69
C TYR D 400 -49.61 19.68 10.60
N GLN D 401 -49.67 18.70 11.48
CA GLN D 401 -48.62 17.69 11.56
C GLN D 401 -48.43 17.00 10.22
N THR D 402 -49.54 16.72 9.54
CA THR D 402 -49.49 15.96 8.30
C THR D 402 -48.76 16.77 7.25
N ALA D 403 -49.16 18.03 7.10
CA ALA D 403 -48.49 18.93 6.20
C ALA D 403 -47.00 18.95 6.47
N LEU D 404 -46.62 19.04 7.74
CA LEU D 404 -45.21 19.12 8.09
C LEU D 404 -44.44 17.85 7.73
N VAL D 405 -45.12 16.71 7.70
CA VAL D 405 -44.47 15.48 7.30
C VAL D 405 -44.25 15.50 5.81
N ALA D 406 -45.22 16.09 5.10
CA ALA D 406 -45.17 16.24 3.66
C ALA D 406 -44.02 17.13 3.24
N MET D 407 -43.86 18.22 3.98
CA MET D 407 -42.79 19.15 3.72
C MET D 407 -41.42 18.51 3.99
N THR D 408 -41.29 17.72 5.04
CA THR D 408 -39.99 17.15 5.40
C THR D 408 -39.54 15.99 4.53
N ILE D 409 -40.46 15.08 4.21
CA ILE D 409 -40.09 13.85 3.51
C ILE D 409 -39.68 14.13 2.09
N ASN D 410 -40.13 15.26 1.55
CA ASN D 410 -39.76 15.73 0.23
C ASN D 410 -38.26 15.74 0.05
N PRO D 411 -37.78 15.29 -1.11
CA PRO D 411 -36.34 15.21 -1.34
C PRO D 411 -35.64 16.56 -1.46
N LEU D 412 -36.38 17.62 -1.74
CA LEU D 412 -35.78 18.95 -1.90
C LEU D 412 -35.83 19.74 -0.62
N VAL D 413 -35.84 19.05 0.51
CA VAL D 413 -35.87 19.70 1.82
C VAL D 413 -34.84 19.03 2.72
N PRO D 414 -34.05 19.83 3.43
CA PRO D 414 -32.90 19.32 4.17
C PRO D 414 -33.20 18.87 5.59
N SER D 415 -33.74 19.76 6.42
CA SER D 415 -33.97 19.46 7.81
C SER D 415 -35.44 19.48 8.15
N ASP D 416 -35.79 18.88 9.29
CA ASP D 416 -37.15 19.02 9.77
C ASP D 416 -37.38 20.45 10.20
N THR D 417 -36.30 21.09 10.64
CA THR D 417 -36.37 22.41 11.25
C THR D 417 -36.66 23.50 10.25
N ILE D 418 -35.92 23.47 9.15
CA ILE D 418 -36.15 24.38 8.06
C ILE D 418 -37.56 24.18 7.53
N ALA D 419 -37.88 22.92 7.29
CA ALA D 419 -39.21 22.48 6.90
C ALA D 419 -40.30 23.15 7.70
N LYS D 420 -40.09 23.26 9.01
CA LYS D 420 -41.08 23.91 9.86
C LYS D 420 -41.22 25.39 9.59
N GLN D 421 -40.10 26.04 9.27
CA GLN D 421 -40.10 27.49 9.11
C GLN D 421 -40.86 27.95 7.89
N MET D 422 -40.56 27.33 6.75
CA MET D 422 -41.23 27.67 5.51
C MET D 422 -42.69 27.33 5.57
N LEU D 423 -43.00 26.23 6.25
CA LEU D 423 -44.38 25.82 6.39
C LEU D 423 -45.15 26.81 7.23
N ASP D 424 -44.59 27.18 8.36
CA ASP D 424 -45.22 28.15 9.24
C ASP D 424 -45.44 29.47 8.52
N GLU D 425 -44.53 29.76 7.59
CA GLU D 425 -44.53 31.04 6.88
C GLU D 425 -45.51 31.09 5.70
N MET D 426 -45.40 30.12 4.81
CA MET D 426 -46.24 30.09 3.62
C MET D 426 -47.69 29.86 4.03
N LEU D 427 -47.89 29.17 5.13
CA LEU D 427 -49.22 29.01 5.71
C LEU D 427 -49.78 30.40 5.93
N GLU D 428 -48.98 31.24 6.59
CA GLU D 428 -49.39 32.59 6.91
C GLU D 428 -49.45 33.43 5.63
N ALA D 429 -48.58 33.14 4.69
CA ALA D 429 -48.65 33.80 3.39
C ALA D 429 -50.03 33.60 2.80
N HIS D 430 -50.39 32.35 2.52
CA HIS D 430 -51.65 32.08 1.87
C HIS D 430 -52.77 31.81 2.85
N LYS D 431 -52.77 32.53 3.97
CA LYS D 431 -53.72 32.28 5.04
C LYS D 431 -55.15 32.21 4.53
N GLU D 432 -55.54 33.20 3.73
CA GLU D 432 -56.92 33.30 3.30
C GLU D 432 -57.30 32.16 2.37
N HIS D 433 -56.32 31.59 1.70
CA HIS D 433 -56.61 30.53 0.75
C HIS D 433 -56.70 29.17 1.40
N LEU D 434 -56.33 29.08 2.66
CA LEU D 434 -56.18 27.78 3.28
C LEU D 434 -57.10 27.60 4.48
N PRO D 435 -58.42 27.79 4.30
CA PRO D 435 -59.33 27.85 5.45
C PRO D 435 -59.26 26.61 6.31
N GLN D 436 -58.92 25.47 5.71
CA GLN D 436 -58.83 24.22 6.45
C GLN D 436 -57.62 24.22 7.40
N PHE D 437 -56.99 25.38 7.55
CA PHE D 437 -55.97 25.54 8.57
C PHE D 437 -56.43 26.57 9.58
N PHE D 438 -57.50 27.29 9.24
CA PHE D 438 -57.99 28.36 10.09
C PHE D 438 -59.49 28.21 10.35
#